data_5I6G
#
_entry.id   5I6G
#
_cell.length_a   100.170
_cell.length_b   153.450
_cell.length_c   249.240
_cell.angle_alpha   90.00
_cell.angle_beta   90.00
_cell.angle_gamma   90.00
#
_symmetry.space_group_name_H-M   'P 21 21 21'
#
_entity_poly.entity_id   1
_entity_poly.type   'polypeptide(L)'
_entity_poly.pdbx_seq_one_letter_code
;GNLREVRYHDEERPYFIDWDFALRKSGANQTESSMHMQSVVPSSPATPVENDFKRIHSISDMTYLARRTRDEPIRKGVIV
PCKDLLDAEEALSRALEVLPLAHKETKDKDRKQQPGIAADLAQRRRPGTPLRLEGIGELSAVVNVAVRDAEGKNDEEILA
LIKPWVQNSKADLLARRVRRLTFICGRNDGSYPSYYTFRGPDYAEDDSIRHIEPSLAFQLELGRLSKFKLTPVFTQNKNI
HVYEAVGRGVETDRRYFTRAVVRPGRLRDEISTAEYLISEADRVVNDIFDALEIIGTNKTDLNHMFINFSHTFQVTADEV
AESLQGFLDRFGPRGWRLRVHQVEIRINCMRSDNNDENDTMPLRVIITNTSGFVIQIELYEEKLSEKGEWVYYYVSGNAK
IGSMHLLPVSTPYPTKNWLQPKRYKAHILGTQYVYDFPELFRQAIQNSWTEAVKKIPSLAAKQPAIGECIDYNELVLGDQ
DNLAEVSREPGMNSTGMVGWLINARTPEYPDGRKFIVVANDITFKIGSFGPKEDTFFFKCTELARKMGIPRIYLSANSGA
RLGLAEELMPHFNVAWNDPAKPEAGFKYLYLSDEAKRRFENEVITEEIVEDGEKRHKIITIVGAEEGLGVECLRGSGLIA
GATSRAYNDIFTCTLVTCRSVGIGAYLVRLGQRAVQVEGQPIILTGAPALNSLLGREVYTSNLQLGGTQIMYRNGVSHLT
AKDDFDGVTKIVQWLSFIPDQRNNPLPILSPSPDPWDRDVVYTPPYKQTYDVRWMIAGKEDEDGFQPGLFDKDSFVETLG
GWARTVVVGRARLGGIPMGVIAVETRTIENITPADPANPDSIEQVTNEAGGVWYPNSAFKTAQAINDFNYGEQLPLMILA
NWRGFSGGQRDMYNEVLKYGSFIVDALTRFEKPIFIYIPPHGELRGGSWVVVDPTINPASMEMYADEEARGGVLEPEGII
PIKYKKDKQLETMARLDPVYRSLKKEMAKEGLSKEESDNIKKKMQQREELLLPIYHQICVQFADLHDRAGRMKAKGVIRQ
SLQWRQSRRFFYWRVRRRLIEDDILRRIEEAINPAGKRRHDPENTSLAASPETRSPHLVQLESWVGIPGFKTNDREVVEW
YEQNQDRINEKLEKLKKESIADQMRELLR(UNK)(UNK)(UNK)(UNK)(UNK)(UNK)(UNK)(UNK)(UNK)(UNK)
(UNK)(UNK)
;
_entity_poly.pdbx_strand_id   A,B
#
# COMPACT_ATOMS: atom_id res chain seq x y z
N ILE A 74 28.09 -60.89 -3.21
CA ILE A 74 29.28 -60.16 -2.75
C ILE A 74 30.44 -60.30 -3.78
N ARG A 75 31.33 -59.29 -3.85
CA ARG A 75 32.49 -59.28 -4.75
C ARG A 75 33.56 -60.25 -4.20
N LYS A 76 33.52 -61.51 -4.69
CA LYS A 76 34.43 -62.61 -4.33
C LYS A 76 35.85 -62.33 -4.82
N GLY A 77 36.82 -62.46 -3.91
CA GLY A 77 38.23 -62.20 -4.17
C GLY A 77 39.00 -63.45 -4.52
N VAL A 78 39.73 -63.39 -5.64
CA VAL A 78 40.54 -64.51 -6.13
C VAL A 78 42.01 -64.09 -6.13
N ILE A 79 42.90 -64.94 -5.61
CA ILE A 79 44.34 -64.74 -5.56
C ILE A 79 45.00 -66.09 -5.91
N VAL A 80 45.93 -66.12 -6.88
CA VAL A 80 46.61 -67.37 -7.28
C VAL A 80 48.08 -67.09 -7.63
N PRO A 81 49.07 -67.71 -6.91
CA PRO A 81 50.48 -67.44 -7.22
C PRO A 81 51.11 -68.47 -8.18
N CYS A 82 51.08 -68.17 -9.50
CA CYS A 82 51.64 -69.02 -10.55
C CYS A 82 53.16 -68.96 -10.56
N LYS A 83 53.79 -69.89 -11.26
CA LYS A 83 55.23 -69.98 -11.38
C LYS A 83 55.71 -69.42 -12.72
N ASP A 84 54.89 -69.57 -13.80
CA ASP A 84 55.26 -69.12 -15.14
C ASP A 84 54.11 -68.41 -15.87
N LEU A 85 54.44 -67.64 -16.94
CA LEU A 85 53.53 -66.88 -17.79
C LEU A 85 52.68 -67.78 -18.69
N LEU A 86 53.28 -68.85 -19.25
CA LEU A 86 52.63 -69.82 -20.13
C LEU A 86 51.68 -70.73 -19.31
N ASP A 87 52.16 -71.19 -18.14
CA ASP A 87 51.44 -72.06 -17.20
C ASP A 87 50.32 -71.30 -16.45
N ALA A 88 50.35 -69.95 -16.50
CA ALA A 88 49.36 -69.09 -15.89
C ALA A 88 47.97 -69.25 -16.53
N GLU A 89 47.93 -69.63 -17.83
CA GLU A 89 46.71 -69.88 -18.60
C GLU A 89 45.88 -71.03 -18.00
N GLU A 90 46.54 -72.10 -17.50
CA GLU A 90 45.89 -73.28 -16.93
C GLU A 90 45.27 -72.96 -15.55
N ALA A 91 45.73 -71.87 -14.89
CA ALA A 91 45.21 -71.36 -13.62
C ALA A 91 44.21 -70.21 -13.87
N LEU A 92 43.63 -70.18 -15.09
CA LEU A 92 42.63 -69.22 -15.59
C LEU A 92 41.36 -70.00 -15.93
N SER A 93 41.42 -70.82 -17.01
CA SER A 93 40.31 -71.63 -17.54
C SER A 93 39.79 -72.65 -16.51
N ARG A 94 40.68 -73.17 -15.63
CA ARG A 94 40.34 -74.14 -14.61
C ARG A 94 40.02 -73.46 -13.25
N ALA A 95 40.65 -72.30 -12.94
CA ALA A 95 40.40 -71.56 -11.69
C ALA A 95 39.05 -70.82 -11.73
N LEU A 96 38.54 -70.51 -12.94
CA LEU A 96 37.24 -69.85 -13.15
C LEU A 96 36.04 -70.77 -12.82
N GLU A 97 36.28 -72.11 -12.79
CA GLU A 97 35.28 -73.15 -12.49
C GLU A 97 34.76 -73.06 -11.03
N VAL A 98 35.42 -72.26 -10.16
CA VAL A 98 35.03 -72.05 -8.76
C VAL A 98 34.26 -70.70 -8.65
N LEU A 99 33.34 -70.43 -9.61
CA LEU A 99 32.55 -69.20 -9.67
C LEU A 99 31.11 -69.47 -10.15
N PRO A 100 30.11 -69.40 -9.26
CA PRO A 100 28.72 -69.66 -9.71
C PRO A 100 28.10 -68.42 -10.35
N ALA A 141 32.32 -59.53 -8.72
CA ALA A 141 33.45 -60.39 -8.40
C ALA A 141 34.79 -59.81 -8.90
N VAL A 142 35.95 -60.27 -8.32
CA VAL A 142 37.32 -59.80 -8.66
C VAL A 142 38.33 -60.99 -8.67
N VAL A 143 39.27 -60.99 -9.64
CA VAL A 143 40.29 -62.04 -9.77
C VAL A 143 41.73 -61.47 -9.94
N ASN A 144 42.67 -61.96 -9.13
CA ASN A 144 44.08 -61.57 -9.14
C ASN A 144 44.95 -62.79 -9.46
N VAL A 145 46.00 -62.61 -10.30
CA VAL A 145 46.94 -63.67 -10.72
C VAL A 145 48.43 -63.19 -10.55
N ALA A 146 49.18 -63.84 -9.61
CA ALA A 146 50.60 -63.54 -9.31
C ALA A 146 51.54 -64.46 -10.06
N VAL A 147 52.80 -64.04 -10.27
CA VAL A 147 53.77 -64.86 -10.98
C VAL A 147 55.11 -64.93 -10.21
N ARG A 148 56.01 -65.82 -10.65
CA ARG A 148 57.35 -66.07 -10.11
C ARG A 148 58.45 -65.98 -11.20
N ASP A 149 58.35 -65.02 -12.15
CA ASP A 149 59.38 -64.89 -13.20
C ASP A 149 59.86 -63.42 -13.35
N ALA A 150 60.65 -63.00 -12.35
CA ALA A 150 61.31 -61.71 -12.28
C ALA A 150 62.61 -61.75 -13.07
N GLU A 151 62.54 -62.28 -14.30
CA GLU A 151 63.66 -62.53 -15.21
C GLU A 151 63.91 -61.34 -16.13
N GLY A 152 62.84 -60.83 -16.72
CA GLY A 152 62.87 -59.67 -17.58
C GLY A 152 61.79 -58.70 -17.19
N LYS A 153 62.05 -57.39 -17.43
CA LYS A 153 61.12 -56.28 -17.20
C LYS A 153 60.30 -56.07 -18.49
N ASN A 154 59.55 -57.11 -18.91
CA ASN A 154 58.80 -57.13 -20.15
C ASN A 154 57.67 -56.08 -20.19
N ASP A 155 57.62 -55.38 -21.31
CA ASP A 155 56.70 -54.30 -21.66
C ASP A 155 56.31 -54.47 -23.11
N GLU A 156 55.03 -54.28 -23.40
CA GLU A 156 54.40 -54.41 -24.74
C GLU A 156 54.36 -55.90 -25.16
N GLU A 157 55.47 -56.63 -25.02
CA GLU A 157 55.54 -58.05 -25.35
C GLU A 157 54.91 -58.88 -24.23
N ILE A 158 54.86 -58.33 -22.99
CA ILE A 158 54.19 -58.96 -21.85
C ILE A 158 52.72 -58.66 -22.01
N LEU A 159 52.39 -57.54 -22.70
CA LEU A 159 51.03 -57.10 -23.03
C LEU A 159 50.49 -57.91 -24.22
N ALA A 160 51.39 -58.55 -25.00
CA ALA A 160 51.08 -59.42 -26.12
C ALA A 160 51.16 -60.89 -25.68
N LEU A 161 51.45 -61.10 -24.37
CA LEU A 161 51.59 -62.40 -23.68
C LEU A 161 50.47 -62.61 -22.64
N ILE A 162 49.65 -61.57 -22.41
CA ILE A 162 48.52 -61.62 -21.49
C ILE A 162 47.22 -61.40 -22.26
N LYS A 163 47.29 -60.75 -23.45
CA LYS A 163 46.16 -60.52 -24.36
C LYS A 163 45.68 -61.81 -25.02
N PRO A 164 46.52 -62.81 -25.38
CA PRO A 164 45.97 -64.03 -26.00
C PRO A 164 45.14 -64.88 -25.02
N TRP A 165 45.42 -64.80 -23.69
CA TRP A 165 44.67 -65.55 -22.67
C TRP A 165 43.29 -64.94 -22.41
N VAL A 166 43.12 -63.61 -22.65
CA VAL A 166 41.89 -62.84 -22.39
C VAL A 166 40.96 -62.77 -23.64
N GLN A 167 41.53 -62.70 -24.87
CA GLN A 167 40.71 -62.64 -26.08
C GLN A 167 40.08 -64.01 -26.39
N ASN A 168 40.78 -65.10 -25.98
CA ASN A 168 40.34 -66.49 -26.15
C ASN A 168 39.25 -66.84 -25.12
N SER A 169 39.41 -66.39 -23.86
CA SER A 169 38.42 -66.62 -22.81
C SER A 169 37.56 -65.34 -22.60
N LYS A 170 37.09 -64.74 -23.72
CA LYS A 170 36.26 -63.53 -23.78
C LYS A 170 34.83 -63.80 -23.31
N ALA A 171 34.42 -65.08 -23.27
CA ALA A 171 33.09 -65.55 -22.84
C ALA A 171 33.14 -66.30 -21.50
N ASP A 172 34.35 -66.80 -21.12
CA ASP A 172 34.61 -67.54 -19.87
C ASP A 172 34.54 -66.59 -18.66
N LEU A 173 35.26 -65.46 -18.72
CA LEU A 173 35.30 -64.43 -17.68
C LEU A 173 34.00 -63.63 -17.65
N LEU A 174 33.34 -63.52 -18.81
CA LEU A 174 32.07 -62.82 -19.05
C LEU A 174 30.90 -63.52 -18.35
N ALA A 175 30.83 -64.86 -18.47
CA ALA A 175 29.76 -65.69 -17.90
C ALA A 175 29.69 -65.66 -16.36
N ARG A 176 30.86 -65.71 -15.68
CA ARG A 176 30.93 -65.72 -14.21
C ARG A 176 30.62 -64.35 -13.60
N ARG A 177 30.51 -63.30 -14.45
CA ARG A 177 30.21 -61.89 -14.13
C ARG A 177 31.27 -61.25 -13.21
N VAL A 178 32.55 -61.58 -13.45
CA VAL A 178 33.69 -61.02 -12.74
C VAL A 178 34.08 -59.70 -13.45
N ARG A 179 34.19 -58.57 -12.71
CA ARG A 179 34.48 -57.25 -13.31
C ARG A 179 35.99 -56.97 -13.53
N ARG A 180 36.84 -57.06 -12.50
CA ARG A 180 38.29 -56.77 -12.59
C ARG A 180 39.17 -58.03 -12.60
N LEU A 181 40.30 -57.98 -13.32
CA LEU A 181 41.30 -59.07 -13.41
C LEU A 181 42.70 -58.46 -13.34
N THR A 182 43.43 -58.74 -12.26
CA THR A 182 44.76 -58.18 -11.98
C THR A 182 45.88 -59.23 -12.19
N PHE A 183 47.08 -58.78 -12.65
CA PHE A 183 48.26 -59.61 -12.88
C PHE A 183 49.49 -59.04 -12.17
N ILE A 184 49.78 -59.54 -10.96
CA ILE A 184 50.92 -59.06 -10.17
C ILE A 184 52.20 -59.84 -10.58
N CYS A 185 53.35 -59.12 -10.70
CA CYS A 185 54.65 -59.64 -11.11
C CYS A 185 55.75 -59.25 -10.10
N GLY A 186 55.99 -60.13 -9.11
CA GLY A 186 57.00 -59.92 -8.07
C GLY A 186 58.45 -59.97 -8.52
N ARG A 187 59.21 -58.86 -8.33
CA ARG A 187 60.63 -58.76 -8.69
C ARG A 187 61.55 -58.98 -7.47
N ASN A 188 62.66 -59.71 -7.69
CA ASN A 188 63.63 -60.14 -6.68
C ASN A 188 64.68 -59.09 -6.23
N ASP A 189 64.60 -57.83 -6.70
CA ASP A 189 65.56 -56.77 -6.36
C ASP A 189 64.95 -55.68 -5.43
N GLY A 190 63.67 -55.83 -5.08
CA GLY A 190 62.92 -54.88 -4.26
C GLY A 190 61.98 -54.00 -5.06
N SER A 191 62.01 -54.15 -6.41
CA SER A 191 61.20 -53.42 -7.39
C SER A 191 59.71 -53.62 -7.14
N TYR A 192 58.95 -52.51 -7.16
CA TYR A 192 57.50 -52.49 -6.99
C TYR A 192 56.88 -53.35 -8.11
N PRO A 193 56.17 -54.44 -7.76
CA PRO A 193 55.61 -55.33 -8.79
C PRO A 193 54.69 -54.63 -9.80
N SER A 194 54.67 -55.12 -11.05
CA SER A 194 53.84 -54.55 -12.11
C SER A 194 52.45 -55.21 -12.14
N TYR A 195 51.37 -54.39 -12.17
CA TYR A 195 49.97 -54.82 -12.18
C TYR A 195 49.27 -54.43 -13.50
N TYR A 196 48.45 -55.34 -14.07
CA TYR A 196 47.71 -55.12 -15.33
C TYR A 196 46.26 -55.50 -15.13
N THR A 197 45.32 -54.57 -15.36
CA THR A 197 43.91 -54.87 -15.10
C THR A 197 43.03 -54.76 -16.35
N PHE A 198 42.17 -55.76 -16.52
CA PHE A 198 41.17 -55.90 -17.57
C PHE A 198 39.78 -55.76 -16.93
N ARG A 199 39.01 -54.75 -17.36
CA ARG A 199 37.70 -54.42 -16.77
C ARG A 199 36.62 -54.19 -17.85
N GLY A 200 35.35 -54.43 -17.47
CA GLY A 200 34.19 -54.20 -18.33
C GLY A 200 33.56 -55.43 -18.94
N PRO A 201 32.90 -55.31 -20.11
CA PRO A 201 32.25 -56.48 -20.72
C PRO A 201 33.24 -57.30 -21.56
N ASP A 202 33.99 -56.64 -22.45
CA ASP A 202 34.97 -57.27 -23.33
C ASP A 202 36.37 -57.32 -22.68
N TYR A 203 36.56 -56.55 -21.57
CA TYR A 203 37.81 -56.42 -20.79
C TYR A 203 38.93 -55.88 -21.68
N ALA A 204 38.78 -54.62 -22.10
CA ALA A 204 39.68 -53.91 -23.01
C ALA A 204 41.05 -53.51 -22.39
N GLU A 205 41.22 -53.67 -21.05
CA GLU A 205 42.42 -53.29 -20.28
C GLU A 205 42.57 -51.75 -20.21
N ASP A 206 42.21 -51.16 -19.04
CA ASP A 206 42.33 -49.72 -18.82
C ASP A 206 43.79 -49.40 -18.53
N ASP A 207 44.43 -48.68 -19.44
CA ASP A 207 45.83 -48.28 -19.38
C ASP A 207 46.10 -47.37 -18.16
N SER A 208 45.07 -46.68 -17.63
CA SER A 208 45.15 -45.78 -16.49
C SER A 208 45.68 -46.47 -15.24
N ILE A 209 45.18 -47.70 -14.92
CA ILE A 209 45.61 -48.47 -13.75
C ILE A 209 46.61 -49.50 -14.16
N ARG A 210 47.84 -49.19 -13.88
CA ARG A 210 48.98 -50.02 -14.17
C ARG A 210 49.98 -49.81 -13.10
N HIS A 211 50.81 -50.82 -12.87
CA HIS A 211 51.89 -50.83 -11.88
C HIS A 211 51.44 -50.32 -10.47
N ILE A 212 50.14 -50.49 -10.11
CA ILE A 212 49.53 -50.08 -8.82
C ILE A 212 48.20 -50.87 -8.65
N GLU A 213 47.93 -51.36 -7.43
CA GLU A 213 46.74 -52.13 -7.07
C GLU A 213 45.41 -51.37 -7.29
N PRO A 214 44.24 -52.01 -7.55
CA PRO A 214 43.00 -51.25 -7.71
C PRO A 214 42.62 -50.40 -6.53
N SER A 215 42.88 -50.85 -5.30
CA SER A 215 42.57 -50.08 -4.11
C SER A 215 43.32 -48.76 -4.13
N LEU A 216 44.50 -48.80 -4.71
CA LEU A 216 45.33 -47.62 -4.86
C LEU A 216 44.71 -46.62 -5.88
N ALA A 217 43.86 -47.08 -6.84
CA ALA A 217 43.22 -46.26 -7.89
C ALA A 217 42.47 -45.05 -7.34
N PHE A 218 41.66 -45.33 -6.34
CA PHE A 218 40.84 -44.39 -5.62
C PHE A 218 41.77 -43.36 -5.10
N GLN A 219 42.88 -43.81 -4.51
CA GLN A 219 43.95 -42.99 -3.96
C GLN A 219 44.66 -42.16 -5.07
N LEU A 220 44.75 -42.71 -6.26
CA LEU A 220 45.39 -42.05 -7.40
C LEU A 220 44.51 -40.94 -7.94
N GLU A 221 43.22 -41.05 -7.65
CA GLU A 221 42.27 -40.03 -8.06
C GLU A 221 41.86 -40.24 -9.52
N LEU A 222 42.42 -39.43 -10.43
CA LEU A 222 42.16 -39.42 -11.87
C LEU A 222 40.75 -38.93 -12.26
N GLY A 223 39.75 -39.16 -11.41
CA GLY A 223 38.36 -38.74 -11.62
C GLY A 223 38.18 -37.22 -11.63
N ARG A 224 39.33 -36.53 -11.55
CA ARG A 224 39.53 -35.08 -11.54
C ARG A 224 40.12 -34.63 -12.89
N LEU A 225 40.48 -35.59 -13.73
CA LEU A 225 41.02 -35.31 -15.05
C LEU A 225 40.04 -35.88 -16.07
N SER A 226 38.77 -35.66 -15.77
CA SER A 226 37.64 -36.13 -16.54
C SER A 226 37.53 -35.41 -17.87
N LYS A 227 37.75 -34.08 -17.87
CA LYS A 227 37.66 -33.23 -19.06
C LYS A 227 38.97 -33.30 -19.92
N PHE A 228 39.63 -34.48 -19.95
CA PHE A 228 40.86 -34.69 -20.72
C PHE A 228 40.97 -36.06 -21.36
N LYS A 229 41.63 -36.09 -22.53
CA LYS A 229 42.01 -37.29 -23.25
C LYS A 229 43.29 -37.69 -22.58
N LEU A 230 43.30 -38.84 -21.89
CA LEU A 230 44.50 -39.22 -21.17
C LEU A 230 45.24 -40.40 -21.82
N THR A 231 46.54 -40.21 -21.91
CA THR A 231 47.50 -41.15 -22.44
C THR A 231 48.72 -41.09 -21.53
N PRO A 232 49.01 -42.19 -20.82
CA PRO A 232 50.14 -42.18 -19.87
C PRO A 232 51.49 -42.39 -20.51
N VAL A 233 52.55 -42.14 -19.75
CA VAL A 233 53.91 -42.27 -20.25
C VAL A 233 54.80 -43.05 -19.23
N PHE A 234 55.92 -43.62 -19.74
CA PHE A 234 56.92 -44.40 -18.99
C PHE A 234 57.53 -43.62 -17.84
N THR A 235 57.57 -44.30 -16.70
CA THR A 235 58.16 -43.81 -15.48
C THR A 235 59.17 -44.85 -15.00
N GLN A 236 60.38 -44.38 -14.66
CA GLN A 236 61.48 -45.20 -14.15
C GLN A 236 61.12 -45.74 -12.75
N ASN A 237 60.41 -44.93 -11.94
CA ASN A 237 59.89 -45.24 -10.61
C ASN A 237 58.44 -45.73 -10.80
N LYS A 238 58.13 -46.95 -10.34
CA LYS A 238 56.83 -47.60 -10.48
C LYS A 238 55.74 -46.91 -9.65
N ASN A 239 56.13 -46.15 -8.60
CA ASN A 239 55.25 -45.41 -7.67
C ASN A 239 54.58 -44.22 -8.34
N ILE A 240 55.31 -43.50 -9.22
CA ILE A 240 54.89 -42.28 -9.92
C ILE A 240 54.31 -42.61 -11.32
N HIS A 241 53.32 -41.85 -11.74
CA HIS A 241 52.65 -42.02 -13.02
C HIS A 241 52.38 -40.71 -13.63
N VAL A 242 52.89 -40.51 -14.82
CA VAL A 242 52.67 -39.24 -15.49
C VAL A 242 51.71 -39.47 -16.63
N TYR A 243 50.90 -38.45 -16.94
CA TYR A 243 49.89 -38.52 -17.99
C TYR A 243 49.88 -37.31 -18.90
N GLU A 244 49.73 -37.54 -20.21
CA GLU A 244 49.61 -36.48 -21.20
C GLU A 244 48.15 -36.12 -21.26
N ALA A 245 47.84 -34.85 -21.09
CA ALA A 245 46.45 -34.41 -21.08
C ALA A 245 46.22 -33.24 -22.02
N VAL A 246 45.21 -33.37 -22.88
CA VAL A 246 44.81 -32.36 -23.86
C VAL A 246 43.30 -32.18 -23.74
N GLY A 247 42.88 -30.93 -23.57
CA GLY A 247 41.47 -30.52 -23.45
C GLY A 247 40.65 -31.19 -24.52
N ARG A 248 39.58 -31.86 -24.09
CA ARG A 248 38.69 -32.64 -24.97
C ARG A 248 38.16 -31.82 -26.17
N GLY A 249 37.74 -30.59 -25.91
CA GLY A 249 37.18 -29.68 -26.90
C GLY A 249 38.21 -28.93 -27.73
N VAL A 250 38.93 -27.97 -27.10
CA VAL A 250 39.96 -27.15 -27.75
C VAL A 250 41.35 -27.85 -27.53
N GLU A 251 42.15 -27.97 -28.64
CA GLU A 251 43.47 -28.63 -28.73
C GLU A 251 44.65 -27.75 -28.26
N THR A 252 44.44 -26.41 -28.08
CA THR A 252 45.46 -25.43 -27.62
C THR A 252 46.03 -25.83 -26.25
N ASP A 253 45.22 -26.53 -25.45
CA ASP A 253 45.59 -27.01 -24.12
C ASP A 253 46.35 -28.35 -24.20
N ARG A 254 47.53 -28.40 -23.60
CA ARG A 254 48.38 -29.58 -23.53
C ARG A 254 49.13 -29.52 -22.20
N ARG A 255 48.88 -30.48 -21.31
CA ARG A 255 49.46 -30.49 -19.97
C ARG A 255 49.91 -31.85 -19.53
N TYR A 256 50.91 -31.90 -18.64
CA TYR A 256 51.41 -33.13 -18.05
C TYR A 256 51.01 -33.21 -16.56
N PHE A 257 50.11 -34.15 -16.25
CA PHE A 257 49.66 -34.34 -14.88
C PHE A 257 50.37 -35.51 -14.27
N THR A 258 50.90 -35.29 -13.08
CA THR A 258 51.63 -36.30 -12.34
C THR A 258 50.79 -36.79 -11.18
N ARG A 259 50.81 -38.09 -10.96
CA ARG A 259 50.05 -38.71 -9.88
C ARG A 259 50.93 -39.75 -9.17
N ALA A 260 51.24 -39.48 -7.87
CA ALA A 260 52.09 -40.33 -7.02
C ALA A 260 51.41 -40.73 -5.68
N VAL A 261 51.57 -41.96 -5.22
CA VAL A 261 51.01 -42.35 -3.94
C VAL A 261 52.13 -42.90 -3.08
N VAL A 262 52.23 -42.46 -1.80
CA VAL A 262 53.30 -42.92 -0.91
C VAL A 262 52.77 -43.85 0.23
N ARG A 263 53.55 -44.89 0.50
CA ARG A 263 53.36 -45.91 1.50
C ARG A 263 54.74 -46.37 1.98
N PRO A 264 54.91 -46.47 3.32
CA PRO A 264 56.24 -46.77 3.90
C PRO A 264 56.82 -48.19 3.83
N GLY A 265 58.12 -48.30 4.11
CA GLY A 265 58.91 -49.52 4.17
C GLY A 265 59.83 -49.56 5.37
N ARG A 266 59.90 -48.44 6.11
CA ARG A 266 60.69 -48.25 7.33
C ARG A 266 59.81 -48.58 8.53
N LEU A 267 60.36 -49.32 9.52
CA LEU A 267 59.64 -49.70 10.73
C LEU A 267 59.57 -48.53 11.74
N ALA A 274 60.59 -39.50 12.79
CA ALA A 274 59.71 -38.35 12.96
C ALA A 274 59.77 -37.39 11.74
N GLU A 275 60.96 -36.78 11.49
CA GLU A 275 61.25 -35.89 10.35
C GLU A 275 61.56 -36.76 9.11
N TYR A 276 60.88 -37.90 9.11
CA TYR A 276 60.85 -38.97 8.13
C TYR A 276 60.10 -38.48 6.90
N LEU A 277 58.88 -37.94 7.11
CA LEU A 277 58.00 -37.46 6.05
C LEU A 277 58.59 -36.32 5.23
N ILE A 278 59.29 -35.37 5.88
CA ILE A 278 59.89 -34.22 5.18
C ILE A 278 61.05 -34.69 4.29
N SER A 279 61.81 -35.71 4.74
CA SER A 279 62.91 -36.31 3.99
C SER A 279 62.35 -37.20 2.89
N GLU A 280 61.20 -37.82 3.14
CA GLU A 280 60.48 -38.67 2.18
C GLU A 280 59.97 -37.80 1.05
N ALA A 281 59.49 -36.59 1.39
CA ALA A 281 58.94 -35.62 0.46
C ALA A 281 59.99 -35.20 -0.56
N ASP A 282 61.22 -34.98 -0.10
CA ASP A 282 62.36 -34.57 -0.93
C ASP A 282 62.67 -35.64 -1.98
N ARG A 283 62.63 -36.93 -1.57
CA ARG A 283 62.90 -38.09 -2.41
C ARG A 283 61.83 -38.23 -3.49
N VAL A 284 60.55 -38.10 -3.13
CA VAL A 284 59.43 -38.27 -4.05
C VAL A 284 59.30 -37.09 -5.01
N VAL A 285 59.48 -35.86 -4.54
CA VAL A 285 59.33 -34.72 -5.44
C VAL A 285 60.53 -34.64 -6.39
N ASN A 286 61.74 -35.05 -5.93
CA ASN A 286 62.93 -35.06 -6.77
C ASN A 286 62.78 -36.08 -7.88
N ASP A 287 62.18 -37.25 -7.54
CA ASP A 287 61.90 -38.33 -8.49
C ASP A 287 60.93 -37.86 -9.57
N ILE A 288 59.90 -37.05 -9.20
CA ILE A 288 58.90 -36.48 -10.11
C ILE A 288 59.59 -35.46 -11.03
N PHE A 289 60.44 -34.62 -10.45
CA PHE A 289 61.20 -33.57 -11.15
C PHE A 289 62.20 -34.17 -12.14
N ASP A 290 62.85 -35.27 -11.76
CA ASP A 290 63.82 -35.97 -12.60
C ASP A 290 63.11 -36.70 -13.74
N ALA A 291 61.85 -37.14 -13.53
CA ALA A 291 61.07 -37.84 -14.55
C ALA A 291 60.46 -36.84 -15.52
N LEU A 292 60.05 -35.67 -15.02
CA LEU A 292 59.50 -34.61 -15.85
C LEU A 292 60.59 -34.06 -16.74
N GLU A 293 61.85 -34.24 -16.31
CA GLU A 293 63.06 -33.82 -17.03
C GLU A 293 63.28 -34.67 -18.29
N ILE A 294 63.23 -36.01 -18.15
CA ILE A 294 63.44 -36.97 -19.25
C ILE A 294 62.28 -36.95 -20.24
N ILE A 295 61.05 -36.70 -19.76
CA ILE A 295 59.89 -36.60 -20.64
C ILE A 295 59.93 -35.22 -21.28
N GLY A 296 60.60 -34.29 -20.61
CA GLY A 296 60.82 -32.93 -21.08
C GLY A 296 59.67 -32.00 -20.77
N THR A 297 59.97 -30.69 -20.73
CA THR A 297 58.98 -29.63 -20.48
C THR A 297 58.08 -29.52 -21.73
N ASN A 298 58.65 -29.79 -22.94
CA ASN A 298 58.00 -29.75 -24.27
C ASN A 298 57.24 -28.44 -24.46
N LYS A 299 55.93 -28.55 -24.71
CA LYS A 299 55.03 -27.44 -24.86
C LYS A 299 53.83 -27.70 -23.93
N THR A 300 53.89 -27.14 -22.70
CA THR A 300 52.86 -27.30 -21.67
C THR A 300 52.46 -25.95 -21.06
N ASP A 301 51.13 -25.67 -21.00
CA ASP A 301 50.57 -24.44 -20.44
C ASP A 301 50.60 -24.48 -18.90
N LEU A 302 50.24 -25.63 -18.32
CA LEU A 302 50.23 -25.85 -16.89
C LEU A 302 50.68 -27.24 -16.59
N ASN A 303 51.16 -27.47 -15.37
CA ASN A 303 51.60 -28.79 -14.95
C ASN A 303 51.26 -28.96 -13.48
N HIS A 304 50.73 -30.12 -13.14
CA HIS A 304 50.30 -30.42 -11.78
C HIS A 304 50.82 -31.76 -11.35
N MET A 305 51.04 -31.90 -10.05
CA MET A 305 51.50 -33.14 -9.43
C MET A 305 50.77 -33.39 -8.11
N PHE A 306 50.25 -34.61 -7.93
CA PHE A 306 49.53 -34.97 -6.73
C PHE A 306 50.31 -36.01 -5.96
N ILE A 307 50.48 -35.79 -4.65
CA ILE A 307 51.20 -36.70 -3.78
C ILE A 307 50.29 -37.10 -2.62
N ASN A 308 49.76 -38.33 -2.69
CA ASN A 308 48.84 -38.91 -1.71
C ASN A 308 49.64 -39.64 -0.64
N PHE A 309 49.26 -39.44 0.63
CA PHE A 309 49.88 -40.07 1.77
C PHE A 309 48.90 -41.04 2.45
N SER A 310 49.29 -42.32 2.53
CA SER A 310 48.48 -43.41 3.13
C SER A 310 48.55 -43.34 4.68
N HIS A 311 49.53 -42.55 5.17
CA HIS A 311 49.90 -42.43 6.56
C HIS A 311 49.01 -41.57 7.41
N THR A 312 48.75 -42.12 8.58
CA THR A 312 47.99 -41.61 9.70
C THR A 312 49.00 -41.00 10.69
N PHE A 313 49.98 -40.18 10.18
CA PHE A 313 51.05 -39.67 11.03
C PHE A 313 50.56 -38.76 12.14
N GLN A 314 51.12 -38.97 13.39
CA GLN A 314 50.82 -38.18 14.59
C GLN A 314 51.78 -36.97 14.68
N VAL A 315 51.25 -35.85 14.15
CA VAL A 315 51.81 -34.51 14.00
C VAL A 315 50.63 -33.66 13.48
N THR A 316 50.82 -32.36 13.36
CA THR A 316 49.78 -31.47 12.87
C THR A 316 50.40 -30.59 11.78
N ALA A 317 49.56 -30.13 10.84
CA ALA A 317 49.94 -29.34 9.68
C ALA A 317 50.63 -28.01 9.99
N ASP A 318 50.36 -27.36 11.15
CA ASP A 318 50.96 -26.05 11.50
C ASP A 318 52.51 -26.04 11.49
N GLU A 319 53.15 -27.12 11.97
CA GLU A 319 54.61 -27.24 11.95
C GLU A 319 55.05 -27.69 10.56
N VAL A 320 54.22 -28.50 9.89
CA VAL A 320 54.46 -29.01 8.55
C VAL A 320 54.37 -27.84 7.53
N ALA A 321 53.64 -26.77 7.85
CA ALA A 321 53.54 -25.60 6.98
C ALA A 321 54.80 -24.80 7.06
N GLU A 322 55.45 -24.73 8.25
CA GLU A 322 56.74 -24.04 8.47
C GLU A 322 57.82 -24.76 7.65
N SER A 323 57.78 -26.10 7.68
CA SER A 323 58.71 -26.93 6.93
C SER A 323 58.31 -26.93 5.44
N LEU A 324 57.00 -26.70 5.08
CA LEU A 324 56.56 -26.63 3.68
C LEU A 324 57.34 -25.53 2.97
N GLN A 325 57.37 -24.33 3.58
CA GLN A 325 58.05 -23.11 3.14
C GLN A 325 59.53 -23.41 2.84
N GLY A 326 60.17 -24.21 3.69
CA GLY A 326 61.57 -24.60 3.59
C GLY A 326 62.01 -25.29 2.31
N PHE A 327 61.37 -26.42 1.94
CA PHE A 327 61.78 -27.19 0.76
C PHE A 327 61.21 -26.66 -0.57
N LEU A 328 60.09 -25.91 -0.55
CA LEU A 328 59.49 -25.41 -1.80
C LEU A 328 60.35 -24.32 -2.45
N ASP A 329 61.13 -23.55 -1.67
CA ASP A 329 61.96 -22.50 -2.22
C ASP A 329 63.21 -23.07 -2.92
N ARG A 330 63.58 -24.34 -2.61
CA ARG A 330 64.74 -25.03 -3.21
C ARG A 330 64.31 -25.70 -4.51
N PHE A 331 63.17 -26.42 -4.49
CA PHE A 331 62.64 -27.12 -5.64
C PHE A 331 61.93 -26.15 -6.61
N GLY A 332 61.32 -25.10 -6.09
CA GLY A 332 60.60 -24.06 -6.84
C GLY A 332 61.23 -23.62 -8.15
N PRO A 333 62.52 -23.18 -8.15
CA PRO A 333 63.15 -22.76 -9.41
C PRO A 333 63.08 -23.83 -10.50
N ARG A 334 63.39 -25.10 -10.15
CA ARG A 334 63.35 -26.24 -11.07
C ARG A 334 61.94 -26.47 -11.59
N GLY A 335 60.96 -26.40 -10.68
CA GLY A 335 59.55 -26.57 -10.97
C GLY A 335 59.02 -25.51 -11.90
N TRP A 336 59.58 -24.29 -11.81
CA TRP A 336 59.20 -23.17 -12.66
C TRP A 336 59.65 -23.40 -14.12
N ARG A 337 60.75 -24.11 -14.31
CA ARG A 337 61.33 -24.40 -15.62
C ARG A 337 60.54 -25.48 -16.36
N LEU A 338 60.11 -26.53 -15.63
CA LEU A 338 59.31 -27.63 -16.17
C LEU A 338 57.92 -27.14 -16.57
N ARG A 339 57.57 -25.90 -16.19
CA ARG A 339 56.31 -25.18 -16.43
C ARG A 339 55.21 -25.70 -15.44
N VAL A 340 55.62 -26.17 -14.23
CA VAL A 340 54.73 -26.68 -13.16
C VAL A 340 54.04 -25.51 -12.44
N HIS A 341 52.70 -25.49 -12.45
CA HIS A 341 51.94 -24.43 -11.81
C HIS A 341 51.47 -24.77 -10.39
N GLN A 342 51.08 -26.02 -10.11
CA GLN A 342 50.67 -26.34 -8.74
C GLN A 342 50.97 -27.77 -8.32
N VAL A 343 51.02 -27.97 -6.99
CA VAL A 343 51.32 -29.24 -6.31
C VAL A 343 50.33 -29.43 -5.16
N GLU A 344 49.72 -30.64 -5.07
CA GLU A 344 48.74 -31.01 -4.04
C GLU A 344 49.26 -32.16 -3.18
N ILE A 345 49.36 -31.91 -1.87
CA ILE A 345 49.82 -32.90 -0.90
C ILE A 345 48.61 -33.29 -0.08
N ARG A 346 48.35 -34.60 0.07
CA ARG A 346 47.19 -35.06 0.86
C ARG A 346 47.65 -35.91 2.05
N ILE A 347 47.89 -35.29 3.21
CA ILE A 347 48.34 -35.93 4.45
C ILE A 347 47.18 -36.08 5.44
N ASN A 348 47.40 -36.88 6.51
CA ASN A 348 46.48 -37.11 7.62
C ASN A 348 47.14 -36.69 8.94
N CYS A 349 46.33 -36.25 9.93
CA CYS A 349 46.80 -35.82 11.26
C CYS A 349 45.89 -36.35 12.33
N MET A 350 46.28 -37.52 12.88
CA MET A 350 45.55 -38.28 13.89
C MET A 350 45.37 -37.47 15.19
N ARG A 351 46.35 -36.62 15.59
CA ARG A 351 46.06 -35.84 16.79
C ARG A 351 45.31 -34.56 16.37
N SER A 352 44.07 -34.50 16.89
CA SER A 352 43.04 -33.48 16.69
C SER A 352 43.23 -32.32 17.67
N GLU A 357 41.24 -36.94 21.32
CA GLU A 357 40.40 -37.85 20.55
C GLU A 357 41.24 -38.88 19.79
N ASN A 358 42.34 -38.43 19.14
CA ASN A 358 43.26 -39.22 18.31
C ASN A 358 42.50 -39.80 17.10
N ASP A 359 41.70 -38.91 16.47
CA ASP A 359 40.93 -39.07 15.23
C ASP A 359 41.48 -38.12 14.17
N THR A 360 41.74 -38.65 12.95
CA THR A 360 42.37 -37.94 11.82
C THR A 360 41.71 -36.61 11.46
N MET A 361 42.57 -35.72 10.94
CA MET A 361 42.24 -34.41 10.40
C MET A 361 42.88 -34.40 9.02
N PRO A 362 42.26 -34.95 7.94
CA PRO A 362 42.97 -34.99 6.67
C PRO A 362 43.13 -33.60 6.09
N LEU A 363 44.39 -33.12 6.02
CA LEU A 363 44.73 -31.78 5.55
C LEU A 363 45.25 -31.83 4.15
N ARG A 364 44.45 -31.40 3.17
CA ARG A 364 44.85 -31.32 1.77
C ARG A 364 45.38 -29.90 1.50
N VAL A 365 46.61 -29.75 0.91
CA VAL A 365 47.24 -28.45 0.69
C VAL A 365 47.62 -28.26 -0.78
N ILE A 366 47.19 -27.12 -1.35
CA ILE A 366 47.44 -26.69 -2.72
C ILE A 366 48.42 -25.50 -2.69
N ILE A 367 49.50 -25.58 -3.49
CA ILE A 367 50.55 -24.58 -3.57
C ILE A 367 50.64 -24.17 -5.04
N THR A 368 50.31 -22.89 -5.35
CA THR A 368 50.30 -22.44 -6.74
C THR A 368 51.31 -21.32 -6.97
N ASN A 369 51.98 -21.36 -8.14
CA ASN A 369 52.99 -20.41 -8.58
C ASN A 369 52.34 -19.34 -9.46
N THR A 370 51.50 -18.54 -8.82
CA THR A 370 50.83 -17.46 -9.53
C THR A 370 51.64 -16.16 -9.29
N SER A 371 52.19 -15.59 -10.40
CA SER A 371 52.96 -14.34 -10.51
C SER A 371 54.51 -14.51 -10.33
N GLY A 372 55.06 -15.59 -10.86
CA GLY A 372 56.49 -15.84 -10.77
C GLY A 372 56.97 -16.25 -9.39
N PHE A 373 56.24 -15.81 -8.33
CA PHE A 373 56.46 -16.14 -6.92
C PHE A 373 55.24 -16.83 -6.37
N VAL A 374 55.44 -18.01 -5.75
CA VAL A 374 54.41 -18.90 -5.20
C VAL A 374 53.34 -18.08 -4.49
N ILE A 375 53.68 -17.51 -3.31
CA ILE A 375 52.87 -16.70 -2.38
C ILE A 375 51.38 -17.25 -2.28
N GLN A 376 51.18 -18.57 -2.58
CA GLN A 376 49.87 -19.22 -2.56
C GLN A 376 50.00 -20.58 -1.92
N ILE A 377 49.62 -20.62 -0.65
CA ILE A 377 49.61 -21.79 0.21
C ILE A 377 48.20 -21.83 0.82
N GLU A 378 47.33 -22.64 0.22
CA GLU A 378 45.96 -22.81 0.68
C GLU A 378 45.86 -24.11 1.46
N LEU A 379 45.69 -23.98 2.77
CA LEU A 379 45.58 -25.06 3.73
C LEU A 379 44.08 -25.33 4.02
N TYR A 380 43.57 -26.48 3.54
CA TYR A 380 42.18 -26.92 3.65
C TYR A 380 41.95 -27.93 4.75
N GLU A 381 40.79 -28.60 4.73
CA GLU A 381 40.40 -29.66 5.66
C GLU A 381 39.29 -30.47 5.01
N GLU A 382 39.47 -31.79 5.01
CA GLU A 382 38.54 -32.75 4.41
C GLU A 382 37.37 -32.97 5.34
N LYS A 383 36.21 -32.38 5.03
CA LYS A 383 35.02 -32.54 5.87
C LYS A 383 33.79 -32.68 5.00
N LEU A 384 32.80 -33.46 5.46
CA LEU A 384 31.51 -33.71 4.79
C LEU A 384 30.58 -32.49 4.92
N SER A 385 29.98 -32.07 3.81
CA SER A 385 29.11 -30.88 3.76
C SER A 385 27.73 -31.12 4.34
N GLU A 386 27.44 -32.33 4.85
CA GLU A 386 26.13 -32.75 5.36
C GLU A 386 25.28 -33.24 4.17
N LYS A 387 25.55 -32.71 2.96
CA LYS A 387 24.84 -32.99 1.70
C LYS A 387 25.27 -34.31 1.03
N GLY A 388 26.25 -35.01 1.63
CA GLY A 388 26.74 -36.29 1.13
C GLY A 388 28.02 -36.21 0.33
N GLU A 389 28.56 -35.00 0.17
CA GLU A 389 29.81 -34.78 -0.58
C GLU A 389 30.91 -34.38 0.36
N TRP A 390 32.17 -34.69 0.02
CA TRP A 390 33.33 -34.28 0.83
C TRP A 390 33.86 -32.99 0.26
N VAL A 391 33.89 -31.94 1.08
CA VAL A 391 34.27 -30.64 0.58
C VAL A 391 35.56 -30.09 1.17
N TYR A 392 36.04 -29.05 0.50
CA TYR A 392 37.25 -28.29 0.73
C TYR A 392 37.00 -27.12 1.67
N TYR A 393 37.06 -27.38 2.99
CA TYR A 393 36.88 -26.38 4.04
C TYR A 393 38.26 -25.83 4.47
N TYR A 394 38.65 -24.60 4.02
CA TYR A 394 40.01 -24.15 4.32
C TYR A 394 40.12 -23.18 5.49
N VAL A 395 41.18 -23.44 6.27
CA VAL A 395 41.71 -22.74 7.43
C VAL A 395 43.19 -22.40 7.04
N SER A 396 43.34 -21.71 5.89
CA SER A 396 44.60 -21.33 5.23
C SER A 396 45.28 -20.09 5.79
N GLY A 397 46.40 -19.70 5.15
CA GLY A 397 47.21 -18.52 5.46
C GLY A 397 47.39 -17.49 4.34
N ASN A 398 46.59 -17.59 3.25
CA ASN A 398 46.66 -16.64 2.13
C ASN A 398 45.57 -15.53 2.27
N ALA A 399 45.06 -15.35 3.51
CA ALA A 399 44.08 -14.37 4.02
C ALA A 399 42.60 -14.59 3.53
N LYS A 400 42.14 -15.89 3.36
CA LYS A 400 40.77 -16.37 2.97
C LYS A 400 40.24 -15.80 1.62
N ILE A 401 40.98 -14.85 1.03
CA ILE A 401 40.72 -14.25 -0.27
C ILE A 401 41.65 -14.99 -1.23
N GLY A 402 41.22 -16.18 -1.65
CA GLY A 402 41.97 -17.05 -2.54
C GLY A 402 41.05 -17.75 -3.53
N SER A 403 41.14 -19.08 -3.64
CA SER A 403 40.27 -19.86 -4.53
C SER A 403 39.88 -21.16 -3.91
N MET A 404 38.75 -21.72 -4.38
CA MET A 404 38.25 -23.03 -4.07
C MET A 404 37.93 -23.17 -2.62
N HIS A 405 36.65 -23.10 -2.26
CA HIS A 405 36.16 -23.26 -0.89
C HIS A 405 34.78 -23.85 -0.91
N LEU A 406 34.59 -24.85 -0.05
CA LEU A 406 33.36 -25.61 0.09
C LEU A 406 32.93 -26.12 -1.30
N LEU A 407 33.91 -26.78 -1.97
CA LEU A 407 33.84 -27.38 -3.30
C LEU A 407 34.12 -28.90 -3.18
N PRO A 408 33.42 -29.77 -3.94
CA PRO A 408 33.66 -31.22 -3.80
C PRO A 408 35.10 -31.64 -4.12
N VAL A 409 35.51 -32.76 -3.59
CA VAL A 409 36.83 -33.33 -3.87
C VAL A 409 36.83 -33.85 -5.30
N SER A 410 35.64 -33.98 -5.89
CA SER A 410 35.40 -34.51 -7.22
C SER A 410 35.38 -33.45 -8.35
N THR A 411 35.82 -32.22 -8.07
CA THR A 411 35.91 -31.18 -9.11
C THR A 411 36.82 -31.71 -10.22
N PRO A 412 36.46 -31.48 -11.49
CA PRO A 412 37.23 -32.12 -12.57
C PRO A 412 38.37 -31.30 -13.21
N TYR A 413 39.24 -30.63 -12.39
CA TYR A 413 40.38 -29.82 -12.87
C TYR A 413 40.07 -29.24 -14.25
N PRO A 414 39.19 -28.24 -14.37
CA PRO A 414 38.78 -27.77 -15.70
C PRO A 414 39.93 -27.35 -16.62
N THR A 415 39.67 -27.55 -17.90
CA THR A 415 40.57 -27.29 -19.01
C THR A 415 40.60 -25.79 -19.34
N LYS A 416 41.23 -25.44 -20.45
CA LYS A 416 41.28 -24.11 -20.99
C LYS A 416 40.14 -24.01 -21.97
N ASN A 417 39.45 -22.85 -22.06
CA ASN A 417 38.29 -22.59 -22.95
C ASN A 417 37.09 -23.51 -22.62
N TRP A 418 37.01 -24.03 -21.39
CA TRP A 418 35.91 -24.93 -20.98
C TRP A 418 34.60 -24.16 -20.79
N LEU A 419 34.75 -22.86 -20.70
CA LEU A 419 33.68 -21.92 -20.56
C LEU A 419 33.13 -21.59 -21.93
N GLN A 420 33.99 -21.67 -22.95
CA GLN A 420 33.64 -21.36 -24.33
C GLN A 420 32.36 -22.08 -24.81
N PRO A 421 32.12 -23.40 -24.55
CA PRO A 421 30.86 -24.01 -25.05
C PRO A 421 29.63 -23.41 -24.39
N LYS A 422 29.70 -23.15 -23.09
CA LYS A 422 28.61 -22.54 -22.34
C LYS A 422 28.40 -21.09 -22.80
N ARG A 423 29.50 -20.38 -23.10
CA ARG A 423 29.50 -19.00 -23.58
C ARG A 423 28.73 -18.91 -24.86
N TYR A 424 29.05 -19.81 -25.80
CA TYR A 424 28.40 -19.89 -27.09
C TYR A 424 26.91 -20.15 -26.95
N LYS A 425 26.53 -21.05 -26.04
CA LYS A 425 25.13 -21.43 -25.82
C LYS A 425 24.31 -20.22 -25.37
N ALA A 426 24.90 -19.35 -24.55
CA ALA A 426 24.22 -18.15 -24.08
C ALA A 426 24.16 -17.12 -25.16
N HIS A 427 25.23 -17.04 -25.93
CA HIS A 427 25.38 -16.08 -26.99
C HIS A 427 24.45 -16.36 -28.19
N ILE A 428 23.94 -17.60 -28.36
CA ILE A 428 23.01 -17.89 -29.47
C ILE A 428 21.60 -17.47 -29.05
N LEU A 429 21.44 -17.14 -27.78
CA LEU A 429 20.18 -16.67 -27.22
C LEU A 429 20.17 -15.12 -27.09
N GLY A 430 21.31 -14.48 -27.36
CA GLY A 430 21.51 -13.02 -27.32
C GLY A 430 21.68 -12.43 -25.94
N THR A 431 22.51 -13.10 -25.11
CA THR A 431 22.78 -12.72 -23.72
C THR A 431 24.15 -13.18 -23.31
N GLN A 432 24.78 -12.43 -22.41
CA GLN A 432 26.09 -12.77 -21.90
C GLN A 432 25.99 -13.96 -20.98
N TYR A 433 27.01 -14.82 -20.96
CA TYR A 433 27.03 -15.94 -20.03
C TYR A 433 27.18 -15.35 -18.67
N VAL A 434 26.39 -15.86 -17.75
CA VAL A 434 26.22 -15.38 -16.37
C VAL A 434 27.53 -14.93 -15.67
N TYR A 435 28.63 -15.71 -15.78
CA TYR A 435 29.89 -15.37 -15.11
C TYR A 435 30.72 -14.27 -15.81
N ASP A 436 30.22 -13.72 -16.94
CA ASP A 436 30.84 -12.61 -17.69
C ASP A 436 30.32 -11.27 -17.16
N PHE A 437 29.19 -11.32 -16.43
CA PHE A 437 28.52 -10.15 -15.86
C PHE A 437 29.36 -9.42 -14.79
N PRO A 438 30.10 -10.08 -13.85
CA PRO A 438 30.90 -9.31 -12.88
C PRO A 438 31.92 -8.37 -13.55
N GLU A 439 32.52 -8.79 -14.68
CA GLU A 439 33.48 -7.94 -15.39
C GLU A 439 32.76 -6.81 -16.20
N LEU A 440 31.47 -7.00 -16.57
CA LEU A 440 30.69 -5.95 -17.25
C LEU A 440 30.50 -4.80 -16.28
N PHE A 441 30.30 -5.13 -15.00
CA PHE A 441 30.14 -4.18 -13.91
C PHE A 441 31.47 -3.44 -13.63
N ARG A 442 32.63 -4.13 -13.72
CA ARG A 442 33.91 -3.49 -13.51
C ARG A 442 34.10 -2.38 -14.55
N GLN A 443 33.84 -2.69 -15.84
CA GLN A 443 33.98 -1.73 -16.95
C GLN A 443 32.95 -0.58 -16.90
N ALA A 444 31.74 -0.82 -16.37
CA ALA A 444 30.75 0.24 -16.23
C ALA A 444 31.19 1.26 -15.19
N ILE A 445 31.88 0.78 -14.11
CA ILE A 445 32.45 1.57 -13.02
C ILE A 445 33.71 2.25 -13.55
N GLN A 446 34.50 1.54 -14.38
CA GLN A 446 35.71 2.06 -15.05
C GLN A 446 35.34 3.30 -15.88
N ASN A 447 34.23 3.20 -16.66
CA ASN A 447 33.66 4.26 -17.47
C ASN A 447 33.13 5.38 -16.60
N SER A 448 32.64 5.02 -15.41
CA SER A 448 32.08 5.95 -14.44
C SER A 448 33.18 6.89 -13.91
N TRP A 449 34.44 6.43 -13.84
CA TRP A 449 35.52 7.28 -13.38
C TRP A 449 36.06 8.12 -14.51
N THR A 450 36.30 7.51 -15.68
CA THR A 450 36.83 8.20 -16.87
C THR A 450 35.97 9.39 -17.31
N GLU A 451 34.67 9.36 -17.02
CA GLU A 451 33.75 10.44 -17.34
C GLU A 451 33.74 11.53 -16.27
N ALA A 452 33.90 11.11 -15.00
CA ALA A 452 33.91 12.00 -13.84
C ALA A 452 35.23 12.75 -13.68
N VAL A 453 36.33 12.18 -14.20
CA VAL A 453 37.67 12.82 -14.13
C VAL A 453 37.70 13.96 -15.18
N LYS A 454 36.87 13.86 -16.24
CA LYS A 454 36.69 14.87 -17.29
C LYS A 454 35.98 16.08 -16.71
N LYS A 455 34.75 15.87 -16.15
CA LYS A 455 33.90 16.91 -15.52
C LYS A 455 34.54 17.52 -14.29
N ILE A 456 35.14 16.67 -13.43
CA ILE A 456 35.81 17.08 -12.21
C ILE A 456 37.26 16.67 -12.34
N PRO A 457 38.12 17.57 -12.84
CA PRO A 457 39.54 17.20 -12.95
C PRO A 457 40.16 17.22 -11.56
N SER A 458 41.48 16.98 -11.46
CA SER A 458 42.30 16.94 -10.23
C SER A 458 41.77 15.91 -9.24
N LEU A 459 40.57 16.13 -8.68
CA LEU A 459 39.86 15.22 -7.80
C LEU A 459 39.43 14.03 -8.65
N ALA A 460 40.39 13.13 -8.80
CA ALA A 460 40.45 11.95 -9.64
C ALA A 460 41.57 11.07 -9.12
N ALA A 461 42.28 11.59 -8.07
CA ALA A 461 43.40 10.95 -7.39
C ALA A 461 42.97 9.67 -6.70
N LYS A 462 41.66 9.53 -6.41
CA LYS A 462 41.13 8.35 -5.73
C LYS A 462 40.68 7.25 -6.72
N GLN A 463 41.04 7.37 -8.03
CA GLN A 463 40.75 6.35 -9.05
C GLN A 463 41.61 5.11 -8.71
N PRO A 464 41.02 3.91 -8.67
CA PRO A 464 41.78 2.74 -8.23
C PRO A 464 42.39 1.89 -9.35
N ALA A 465 42.66 2.48 -10.53
CA ALA A 465 43.23 1.85 -11.74
C ALA A 465 42.15 1.07 -12.53
N ILE A 466 42.55 0.21 -13.48
CA ILE A 466 41.64 -0.58 -14.31
C ILE A 466 41.07 -1.79 -13.49
N GLY A 467 41.94 -2.47 -12.75
CA GLY A 467 41.56 -3.54 -11.83
C GLY A 467 41.27 -2.87 -10.51
N GLU A 468 40.86 -3.63 -9.47
CA GLU A 468 40.53 -3.11 -8.12
C GLU A 468 39.32 -2.13 -8.11
N CYS A 469 38.64 -1.97 -9.26
CA CYS A 469 37.46 -1.13 -9.42
C CYS A 469 36.34 -1.67 -8.57
N ILE A 470 36.07 -2.98 -8.71
CA ILE A 470 35.06 -3.72 -7.96
C ILE A 470 35.77 -4.87 -7.21
N ASP A 471 35.18 -5.36 -6.11
CA ASP A 471 35.75 -6.47 -5.32
C ASP A 471 34.61 -7.41 -4.91
N TYR A 472 34.29 -8.34 -5.83
CA TYR A 472 33.20 -9.31 -5.71
C TYR A 472 33.64 -10.66 -5.20
N ASN A 473 32.67 -11.41 -4.67
CA ASN A 473 32.83 -12.75 -4.14
C ASN A 473 31.53 -13.49 -4.34
N GLU A 474 31.59 -14.69 -4.94
CA GLU A 474 30.42 -15.54 -5.19
C GLU A 474 29.67 -15.89 -3.92
N LEU A 475 28.39 -16.19 -4.07
CA LEU A 475 27.55 -16.57 -2.96
C LEU A 475 26.97 -17.91 -3.27
N VAL A 476 27.13 -18.88 -2.37
CA VAL A 476 26.59 -20.22 -2.55
C VAL A 476 26.05 -20.69 -1.23
N LEU A 477 24.90 -21.37 -1.26
CA LEU A 477 24.20 -21.92 -0.10
C LEU A 477 25.10 -22.82 0.77
N GLY A 478 25.25 -22.39 2.03
CA GLY A 478 26.08 -23.03 3.05
C GLY A 478 25.53 -24.33 3.57
N ASP A 479 26.16 -24.81 4.65
CA ASP A 479 25.87 -26.09 5.26
C ASP A 479 24.48 -26.16 5.87
N GLN A 480 24.08 -25.13 6.61
CA GLN A 480 22.74 -25.13 7.15
C GLN A 480 21.90 -24.11 6.39
N ASP A 481 22.10 -24.13 5.04
CA ASP A 481 21.45 -23.34 4.01
C ASP A 481 21.47 -21.85 4.33
N ASN A 482 22.65 -21.38 4.78
CA ASN A 482 22.94 -19.98 5.08
C ASN A 482 24.10 -19.56 4.19
N LEU A 483 23.80 -18.67 3.22
CA LEU A 483 24.68 -18.15 2.19
C LEU A 483 26.11 -17.88 2.67
N ALA A 484 27.10 -18.30 1.87
CA ALA A 484 28.51 -18.14 2.20
C ALA A 484 29.30 -17.53 1.05
N GLU A 485 30.18 -16.59 1.41
CA GLU A 485 31.05 -15.83 0.52
C GLU A 485 32.19 -16.71 0.09
N VAL A 486 32.23 -17.02 -1.20
CA VAL A 486 33.25 -17.90 -1.76
C VAL A 486 33.95 -17.16 -2.89
N SER A 487 35.25 -17.42 -3.06
CA SER A 487 36.00 -16.83 -4.15
C SER A 487 36.52 -17.99 -5.00
N ARG A 488 35.67 -18.54 -5.88
CA ARG A 488 36.06 -19.70 -6.68
C ARG A 488 36.00 -19.41 -8.19
N GLU A 489 36.44 -20.40 -8.97
CA GLU A 489 36.49 -20.42 -10.41
C GLU A 489 35.15 -20.07 -11.05
N PRO A 490 35.17 -19.31 -12.16
CA PRO A 490 33.91 -19.00 -12.86
C PRO A 490 33.34 -20.27 -13.40
N GLY A 491 32.04 -20.38 -13.34
CA GLY A 491 31.36 -21.61 -13.71
C GLY A 491 31.31 -22.47 -12.47
N MET A 492 30.98 -23.74 -12.63
CA MET A 492 30.89 -24.70 -11.53
C MET A 492 29.68 -24.42 -10.66
N ASN A 493 28.68 -23.75 -11.22
CA ASN A 493 27.45 -23.46 -10.49
C ASN A 493 26.62 -24.74 -10.36
N SER A 494 26.29 -25.09 -9.09
CA SER A 494 25.55 -26.30 -8.70
C SER A 494 24.03 -26.19 -8.98
N THR A 495 23.51 -24.95 -8.99
CA THR A 495 22.10 -24.61 -9.19
C THR A 495 21.95 -23.67 -10.42
N GLY A 496 20.71 -23.51 -10.91
CA GLY A 496 20.38 -22.65 -12.04
C GLY A 496 20.34 -21.17 -11.72
N MET A 497 20.96 -20.74 -10.60
CA MET A 497 21.04 -19.36 -10.07
C MET A 497 22.40 -19.07 -9.43
N VAL A 498 22.92 -17.84 -9.57
CA VAL A 498 24.18 -17.45 -8.95
C VAL A 498 24.09 -16.02 -8.45
N GLY A 499 24.86 -15.73 -7.40
CA GLY A 499 24.93 -14.42 -6.77
C GLY A 499 26.31 -14.02 -6.35
N TRP A 500 26.49 -12.69 -6.19
CA TRP A 500 27.72 -12.05 -5.75
C TRP A 500 27.45 -10.86 -4.86
N LEU A 501 28.35 -10.62 -3.92
CA LEU A 501 28.36 -9.47 -3.04
C LEU A 501 29.51 -8.59 -3.54
N ILE A 502 29.17 -7.50 -4.26
CA ILE A 502 30.15 -6.64 -4.92
C ILE A 502 30.43 -5.39 -4.13
N ASN A 503 31.73 -5.09 -3.89
CA ASN A 503 32.22 -3.85 -3.27
C ASN A 503 32.87 -2.97 -4.35
N ALA A 504 32.02 -2.18 -5.01
CA ALA A 504 32.39 -1.27 -6.08
C ALA A 504 32.82 0.08 -5.52
N ARG A 505 33.97 0.58 -6.00
CA ARG A 505 34.47 1.89 -5.62
C ARG A 505 33.98 2.84 -6.68
N THR A 506 32.78 3.39 -6.45
CA THR A 506 32.10 4.32 -7.34
C THR A 506 32.71 5.72 -7.04
N PRO A 507 32.65 6.73 -7.95
CA PRO A 507 33.22 8.05 -7.62
C PRO A 507 32.41 8.78 -6.56
N GLU A 508 31.21 8.27 -6.27
CA GLU A 508 30.31 8.80 -5.26
C GLU A 508 30.74 8.24 -3.88
N TYR A 509 31.15 6.93 -3.83
CA TYR A 509 31.64 6.22 -2.65
C TYR A 509 33.01 5.62 -3.03
N PRO A 510 34.05 6.45 -3.10
CA PRO A 510 35.35 5.95 -3.57
C PRO A 510 36.02 5.02 -2.61
N ASP A 511 35.56 4.97 -1.36
CA ASP A 511 36.13 4.06 -0.38
C ASP A 511 35.53 2.68 -0.53
N GLY A 512 34.35 2.61 -1.15
CA GLY A 512 33.64 1.36 -1.38
C GLY A 512 32.16 1.45 -1.06
N ARG A 513 31.38 0.62 -1.75
CA ARG A 513 29.93 0.48 -1.57
C ARG A 513 29.53 -0.92 -1.97
N LYS A 514 28.68 -1.58 -1.17
CA LYS A 514 28.29 -2.94 -1.50
C LYS A 514 26.91 -2.95 -2.13
N PHE A 515 26.58 -4.11 -2.76
CA PHE A 515 25.30 -4.50 -3.39
C PHE A 515 25.30 -6.01 -3.80
N ILE A 516 24.10 -6.59 -3.95
CA ILE A 516 23.94 -7.98 -4.34
C ILE A 516 23.50 -8.01 -5.81
N VAL A 517 24.00 -9.01 -6.55
CA VAL A 517 23.62 -9.24 -7.93
C VAL A 517 23.28 -10.70 -8.07
N VAL A 518 22.02 -10.96 -8.41
CA VAL A 518 21.47 -12.30 -8.63
C VAL A 518 21.16 -12.46 -10.08
N ALA A 519 21.34 -13.68 -10.60
CA ALA A 519 21.09 -14.00 -11.99
C ALA A 519 20.94 -15.47 -12.21
N ASN A 520 20.17 -15.82 -13.24
CA ASN A 520 19.96 -17.21 -13.60
C ASN A 520 20.92 -17.65 -14.72
N ASP A 521 21.36 -18.90 -14.67
CA ASP A 521 22.20 -19.47 -15.72
C ASP A 521 21.31 -20.02 -16.79
N ILE A 522 21.18 -19.29 -17.92
CA ILE A 522 20.32 -19.64 -19.03
C ILE A 522 20.79 -20.97 -19.68
N THR A 523 22.03 -21.41 -19.42
CA THR A 523 22.54 -22.71 -19.91
C THR A 523 22.05 -23.87 -19.00
N PHE A 524 21.97 -23.61 -17.67
CA PHE A 524 21.52 -24.55 -16.65
C PHE A 524 20.01 -24.72 -16.72
N LYS A 525 19.57 -25.77 -17.47
CA LYS A 525 18.17 -26.15 -17.68
C LYS A 525 17.33 -24.92 -18.06
N ILE A 526 17.67 -24.31 -19.22
CA ILE A 526 17.13 -23.10 -19.87
C ILE A 526 16.80 -21.93 -18.83
N GLY A 527 17.45 -21.97 -17.66
CA GLY A 527 17.33 -20.97 -16.60
C GLY A 527 16.06 -21.02 -15.77
N SER A 528 15.34 -22.13 -15.87
CA SER A 528 14.08 -22.38 -15.17
C SER A 528 14.22 -22.33 -13.65
N PHE A 529 13.11 -22.01 -12.96
CA PHE A 529 13.00 -21.83 -11.51
C PHE A 529 12.50 -23.03 -10.77
N GLY A 530 13.46 -23.83 -10.30
CA GLY A 530 13.22 -25.00 -9.48
C GLY A 530 13.29 -24.60 -8.02
N PRO A 531 13.02 -25.52 -7.06
CA PRO A 531 13.04 -25.13 -5.64
C PRO A 531 14.41 -24.69 -5.14
N LYS A 532 15.51 -25.32 -5.61
CA LYS A 532 16.88 -24.96 -5.26
C LYS A 532 17.20 -23.52 -5.69
N GLU A 533 16.75 -23.13 -6.91
CA GLU A 533 16.88 -21.81 -7.56
C GLU A 533 16.12 -20.76 -6.77
N ASP A 534 14.97 -21.16 -6.24
CA ASP A 534 14.09 -20.31 -5.45
C ASP A 534 14.72 -20.03 -4.09
N THR A 535 15.08 -21.10 -3.31
CA THR A 535 15.71 -21.01 -1.98
C THR A 535 16.97 -20.13 -2.05
N PHE A 536 17.72 -20.22 -3.16
CA PHE A 536 18.90 -19.41 -3.37
C PHE A 536 18.52 -17.93 -3.51
N PHE A 537 17.68 -17.58 -4.52
CA PHE A 537 17.21 -16.23 -4.85
C PHE A 537 16.66 -15.54 -3.62
N PHE A 538 15.92 -16.30 -2.81
CA PHE A 538 15.34 -15.88 -1.56
C PHE A 538 16.44 -15.46 -0.59
N LYS A 539 17.33 -16.43 -0.20
CA LYS A 539 18.44 -16.25 0.75
C LYS A 539 19.37 -15.08 0.37
N CYS A 540 19.29 -14.63 -0.91
CA CYS A 540 20.03 -13.49 -1.49
C CYS A 540 19.30 -12.19 -1.20
N THR A 541 17.98 -12.16 -1.50
CA THR A 541 17.14 -11.02 -1.22
C THR A 541 17.19 -10.80 0.29
N GLU A 542 17.02 -11.88 1.08
CA GLU A 542 17.08 -11.94 2.55
C GLU A 542 18.36 -11.27 3.09
N LEU A 543 19.51 -11.52 2.43
CA LEU A 543 20.79 -10.95 2.83
C LEU A 543 20.88 -9.47 2.50
N ALA A 544 20.49 -9.06 1.26
CA ALA A 544 20.50 -7.66 0.78
C ALA A 544 19.70 -6.76 1.72
N ARG A 545 18.61 -7.32 2.29
CA ARG A 545 17.74 -6.67 3.27
C ARG A 545 18.47 -6.50 4.59
N LYS A 546 19.01 -7.63 5.13
CA LYS A 546 19.77 -7.74 6.39
C LYS A 546 20.99 -6.78 6.40
N MET A 547 21.51 -6.42 5.22
CA MET A 547 22.67 -5.55 5.07
C MET A 547 22.33 -4.10 4.70
N GLY A 548 21.14 -3.91 4.13
CA GLY A 548 20.65 -2.60 3.69
C GLY A 548 21.09 -2.25 2.29
N ILE A 549 22.06 -3.01 1.76
CA ILE A 549 22.61 -2.80 0.43
C ILE A 549 21.58 -3.17 -0.66
N PRO A 550 21.53 -2.39 -1.79
CA PRO A 550 20.57 -2.69 -2.87
C PRO A 550 20.72 -4.09 -3.48
N ARG A 551 19.68 -4.56 -4.18
CA ARG A 551 19.63 -5.87 -4.81
C ARG A 551 19.33 -5.72 -6.30
N ILE A 552 20.20 -6.32 -7.14
CA ILE A 552 20.05 -6.25 -8.58
C ILE A 552 19.85 -7.64 -9.17
N TYR A 553 18.76 -7.82 -9.91
CA TYR A 553 18.43 -9.09 -10.55
C TYR A 553 18.61 -8.99 -12.06
N LEU A 554 19.35 -9.95 -12.63
CA LEU A 554 19.65 -10.10 -14.06
C LEU A 554 18.85 -11.29 -14.58
N SER A 555 17.68 -10.99 -15.18
CA SER A 555 16.71 -12.00 -15.61
C SER A 555 16.92 -12.54 -17.01
N ALA A 556 16.94 -13.87 -17.09
CA ALA A 556 17.08 -14.69 -18.27
C ALA A 556 16.62 -16.08 -17.87
N ASN A 557 15.31 -16.30 -17.88
CA ASN A 557 14.76 -17.56 -17.41
C ASN A 557 13.68 -18.13 -18.33
N SER A 558 13.02 -19.19 -17.86
CA SER A 558 11.95 -19.88 -18.57
C SER A 558 10.85 -20.28 -17.60
N GLY A 559 10.52 -19.34 -16.70
CA GLY A 559 9.49 -19.51 -15.65
C GLY A 559 9.82 -20.65 -14.72
N ALA A 560 8.80 -21.38 -14.24
CA ALA A 560 9.09 -22.49 -13.36
C ALA A 560 9.40 -23.75 -14.18
N ARG A 561 10.01 -24.77 -13.54
CA ARG A 561 10.36 -26.05 -14.15
C ARG A 561 9.16 -26.96 -14.35
N LEU A 562 9.10 -27.56 -15.52
CA LEU A 562 8.08 -28.56 -15.81
C LEU A 562 8.74 -29.90 -15.63
N GLY A 563 7.95 -30.97 -15.67
CA GLY A 563 8.53 -32.29 -15.51
C GLY A 563 7.53 -33.37 -15.18
N LEU A 564 7.90 -34.58 -15.59
CA LEU A 564 7.13 -35.80 -15.41
C LEU A 564 8.03 -36.83 -14.76
N ALA A 565 7.47 -37.94 -14.25
CA ALA A 565 8.27 -39.00 -13.66
C ALA A 565 8.75 -39.94 -14.78
N GLU A 566 10.04 -39.82 -15.15
CA GLU A 566 10.65 -40.57 -16.25
C GLU A 566 10.77 -42.05 -15.93
N GLU A 567 11.00 -42.38 -14.65
CA GLU A 567 11.18 -43.74 -14.14
C GLU A 567 9.95 -44.62 -14.29
N LEU A 568 8.78 -43.99 -14.31
CA LEU A 568 7.50 -44.69 -14.40
C LEU A 568 6.97 -44.76 -15.82
N MET A 569 7.70 -44.19 -16.78
CA MET A 569 7.31 -44.21 -18.18
C MET A 569 7.50 -45.61 -18.82
N PRO A 570 8.62 -46.34 -18.62
CA PRO A 570 8.73 -47.65 -19.25
C PRO A 570 8.33 -48.81 -18.32
N HIS A 571 7.49 -48.55 -17.30
CA HIS A 571 7.07 -49.57 -16.32
C HIS A 571 5.57 -49.65 -16.12
N PHE A 572 4.83 -48.54 -16.34
CA PHE A 572 3.38 -48.48 -16.12
C PHE A 572 2.60 -49.30 -17.15
N ASN A 573 1.55 -49.99 -16.71
CA ASN A 573 0.70 -50.83 -17.56
C ASN A 573 -0.66 -50.18 -17.78
N VAL A 574 -1.37 -50.61 -18.85
CA VAL A 574 -2.68 -50.09 -19.21
C VAL A 574 -3.70 -51.22 -19.12
N ALA A 575 -4.88 -50.92 -18.55
CA ALA A 575 -6.01 -51.83 -18.43
C ALA A 575 -7.12 -51.31 -19.33
N TRP A 576 -7.34 -52.00 -20.45
CA TRP A 576 -8.34 -51.62 -21.45
C TRP A 576 -9.69 -52.23 -21.16
N ASN A 577 -10.73 -51.70 -21.82
CA ASN A 577 -12.09 -52.23 -21.77
C ASN A 577 -12.09 -53.56 -22.51
N ASP A 578 -11.35 -53.61 -23.63
CA ASP A 578 -11.14 -54.76 -24.51
C ASP A 578 -9.64 -54.86 -24.84
N PRO A 579 -8.96 -55.98 -24.52
CA PRO A 579 -7.52 -56.06 -24.80
C PRO A 579 -7.19 -56.24 -26.28
N ALA A 580 -8.08 -56.87 -27.05
CA ALA A 580 -7.90 -57.13 -28.48
C ALA A 580 -7.89 -55.82 -29.28
N LYS A 581 -8.89 -54.95 -29.04
CA LYS A 581 -8.98 -53.64 -29.68
C LYS A 581 -8.74 -52.57 -28.61
N PRO A 582 -7.50 -52.04 -28.47
CA PRO A 582 -7.23 -51.06 -27.40
C PRO A 582 -7.91 -49.72 -27.60
N GLU A 583 -8.28 -49.39 -28.85
CA GLU A 583 -8.99 -48.17 -29.23
C GLU A 583 -10.38 -48.09 -28.59
N ALA A 584 -10.86 -49.21 -28.03
CA ALA A 584 -12.17 -49.34 -27.37
C ALA A 584 -12.13 -48.78 -25.94
N GLY A 585 -11.24 -47.84 -25.72
CA GLY A 585 -11.10 -47.19 -24.43
C GLY A 585 -10.42 -48.03 -23.37
N PHE A 586 -9.77 -47.33 -22.44
CA PHE A 586 -9.07 -47.94 -21.34
C PHE A 586 -9.72 -47.54 -20.03
N LYS A 587 -9.85 -48.49 -19.12
CA LYS A 587 -10.47 -48.30 -17.82
C LYS A 587 -9.64 -47.35 -16.96
N TYR A 588 -8.36 -47.69 -16.72
CA TYR A 588 -7.42 -46.91 -15.92
C TYR A 588 -5.98 -47.27 -16.29
N LEU A 589 -5.02 -46.83 -15.46
CA LEU A 589 -3.60 -47.15 -15.61
C LEU A 589 -3.13 -47.80 -14.32
N TYR A 590 -2.49 -48.98 -14.42
CA TYR A 590 -2.03 -49.71 -13.25
C TYR A 590 -0.54 -50.03 -13.31
N LEU A 591 -0.03 -50.62 -12.22
CA LEU A 591 1.36 -51.02 -12.10
C LEU A 591 1.44 -52.46 -11.59
N SER A 592 2.31 -53.25 -12.23
CA SER A 592 2.60 -54.64 -11.87
C SER A 592 3.16 -54.70 -10.46
N ASP A 593 2.78 -55.70 -9.64
CA ASP A 593 3.20 -55.86 -8.25
C ASP A 593 4.74 -55.79 -8.07
N GLU A 594 5.51 -56.41 -9.00
CA GLU A 594 6.98 -56.39 -9.00
C GLU A 594 7.53 -55.01 -9.29
N ALA A 595 6.81 -54.24 -10.12
CA ALA A 595 7.17 -52.87 -10.49
C ALA A 595 6.59 -51.86 -9.48
N LYS A 596 5.63 -52.29 -8.65
CA LYS A 596 4.95 -51.49 -7.61
C LYS A 596 5.86 -51.39 -6.41
N ARG A 597 6.50 -52.50 -6.01
CA ARG A 597 7.43 -52.56 -4.90
C ARG A 597 8.69 -51.74 -5.20
N ARG A 598 9.02 -51.57 -6.50
CA ARG A 598 10.17 -50.81 -6.98
C ARG A 598 10.09 -49.34 -6.57
N PHE A 599 8.87 -48.77 -6.49
CA PHE A 599 8.70 -47.37 -6.21
C PHE A 599 7.99 -47.17 -4.87
N GLU A 600 6.65 -47.33 -4.83
CA GLU A 600 5.77 -47.20 -3.66
C GLU A 600 5.70 -45.76 -3.11
N ASN A 601 6.85 -45.11 -2.90
CA ASN A 601 6.96 -43.73 -2.41
C ASN A 601 6.97 -42.75 -3.59
N GLU A 602 7.09 -43.28 -4.81
CA GLU A 602 7.08 -42.48 -6.03
C GLU A 602 5.70 -42.49 -6.68
N VAL A 603 4.79 -43.39 -6.21
CA VAL A 603 3.41 -43.52 -6.72
C VAL A 603 2.43 -43.93 -5.64
N ILE A 604 1.25 -43.30 -5.64
CA ILE A 604 0.18 -43.65 -4.74
C ILE A 604 -0.70 -44.63 -5.50
N THR A 605 -0.75 -45.88 -5.02
CA THR A 605 -1.51 -46.94 -5.68
C THR A 605 -2.57 -47.57 -4.82
N GLU A 606 -3.69 -47.89 -5.46
CA GLU A 606 -4.86 -48.56 -4.92
C GLU A 606 -4.88 -49.95 -5.52
N GLU A 607 -5.18 -50.98 -4.71
CA GLU A 607 -5.20 -52.35 -5.20
C GLU A 607 -6.63 -52.76 -5.59
N ILE A 608 -6.81 -53.20 -6.85
CA ILE A 608 -8.10 -53.67 -7.37
C ILE A 608 -7.84 -54.86 -8.31
N VAL A 609 -8.39 -56.03 -7.93
CA VAL A 609 -8.26 -57.29 -8.67
C VAL A 609 -9.21 -57.28 -9.87
N GLU A 610 -8.62 -57.42 -11.07
CA GLU A 610 -9.28 -57.46 -12.37
C GLU A 610 -8.65 -58.58 -13.17
N ASP A 611 -9.50 -59.46 -13.77
CA ASP A 611 -9.11 -60.62 -14.58
C ASP A 611 -8.28 -61.63 -13.75
N GLY A 612 -8.37 -61.53 -12.43
CA GLY A 612 -7.63 -62.38 -11.50
C GLY A 612 -6.17 -62.01 -11.41
N GLU A 613 -5.88 -60.69 -11.39
CA GLU A 613 -4.53 -60.15 -11.33
C GLU A 613 -4.43 -59.11 -10.19
N LYS A 614 -3.29 -59.11 -9.46
CA LYS A 614 -3.04 -58.14 -8.38
C LYS A 614 -2.61 -56.81 -9.04
N ARG A 615 -3.61 -56.03 -9.49
CA ARG A 615 -3.39 -54.77 -10.20
C ARG A 615 -3.42 -53.58 -9.24
N HIS A 616 -2.29 -52.85 -9.19
CA HIS A 616 -2.11 -51.65 -8.37
C HIS A 616 -2.34 -50.43 -9.25
N LYS A 617 -3.61 -49.98 -9.35
CA LYS A 617 -4.00 -48.85 -10.19
C LYS A 617 -3.42 -47.57 -9.64
N ILE A 618 -2.80 -46.80 -10.55
CA ILE A 618 -2.20 -45.53 -10.20
C ILE A 618 -3.31 -44.55 -10.00
N ILE A 619 -3.38 -44.06 -8.78
CA ILE A 619 -4.41 -43.12 -8.41
C ILE A 619 -3.79 -41.72 -8.36
N THR A 620 -2.44 -41.62 -8.18
CA THR A 620 -1.66 -40.37 -8.17
C THR A 620 -0.17 -40.67 -8.33
N ILE A 621 0.55 -39.88 -9.17
CA ILE A 621 1.98 -40.02 -9.41
C ILE A 621 2.73 -39.01 -8.56
N VAL A 622 3.81 -39.42 -7.87
CA VAL A 622 4.60 -38.49 -7.05
C VAL A 622 5.94 -38.19 -7.75
N GLY A 623 6.72 -39.22 -8.06
CA GLY A 623 8.02 -39.04 -8.69
C GLY A 623 9.09 -38.67 -7.69
N ALA A 624 10.24 -39.34 -7.77
CA ALA A 624 11.36 -39.14 -6.85
C ALA A 624 12.03 -37.77 -6.99
N GLU A 625 12.41 -37.40 -8.23
CA GLU A 625 13.10 -36.16 -8.61
C GLU A 625 12.27 -34.91 -8.23
N GLU A 626 12.97 -33.83 -7.89
CA GLU A 626 12.30 -32.59 -7.51
C GLU A 626 12.24 -31.65 -8.70
N GLY A 627 11.27 -30.74 -8.64
CA GLY A 627 11.10 -29.73 -9.65
C GLY A 627 10.34 -30.20 -10.87
N LEU A 628 9.10 -30.67 -10.65
CA LEU A 628 8.26 -31.16 -11.72
C LEU A 628 6.96 -30.35 -11.84
N GLY A 629 6.29 -30.14 -10.70
CA GLY A 629 5.04 -29.42 -10.63
C GLY A 629 4.99 -28.37 -9.54
N VAL A 630 4.04 -28.57 -8.59
CA VAL A 630 3.71 -27.69 -7.46
C VAL A 630 4.89 -27.27 -6.57
N GLU A 631 5.91 -28.14 -6.39
CA GLU A 631 7.09 -27.82 -5.60
C GLU A 631 7.77 -26.54 -6.14
N CYS A 632 7.66 -26.31 -7.48
CA CYS A 632 8.19 -25.13 -8.17
C CYS A 632 7.30 -23.90 -7.97
N LEU A 633 5.97 -24.07 -8.01
CA LEU A 633 5.02 -22.99 -7.82
C LEU A 633 5.11 -22.43 -6.40
N ARG A 634 5.27 -23.33 -5.38
CA ARG A 634 5.43 -23.00 -3.95
C ARG A 634 6.66 -22.08 -3.78
N GLY A 635 7.81 -22.49 -4.31
CA GLY A 635 9.04 -21.70 -4.25
C GLY A 635 8.92 -20.36 -4.99
N SER A 636 8.25 -20.40 -6.17
CA SER A 636 8.01 -19.24 -7.01
C SER A 636 7.23 -18.20 -6.25
N GLY A 637 6.22 -18.64 -5.53
CA GLY A 637 5.38 -17.78 -4.71
C GLY A 637 6.17 -17.14 -3.58
N LEU A 638 7.11 -17.92 -2.98
CA LEU A 638 7.96 -17.51 -1.85
C LEU A 638 8.84 -16.33 -2.22
N ILE A 639 9.53 -16.45 -3.37
CA ILE A 639 10.41 -15.41 -3.89
C ILE A 639 9.59 -14.23 -4.44
N ALA A 640 8.37 -14.49 -4.97
CA ALA A 640 7.51 -13.43 -5.47
C ALA A 640 7.13 -12.48 -4.32
N GLY A 641 6.78 -13.05 -3.19
CA GLY A 641 6.45 -12.31 -1.98
C GLY A 641 7.67 -11.62 -1.42
N ALA A 642 8.80 -12.34 -1.37
CA ALA A 642 10.07 -11.82 -0.85
C ALA A 642 10.52 -10.55 -1.55
N THR A 643 10.35 -10.49 -2.90
CA THR A 643 10.69 -9.34 -3.78
C THR A 643 9.71 -8.19 -3.49
N SER A 644 8.41 -8.50 -3.28
CA SER A 644 7.38 -7.51 -2.96
C SER A 644 7.72 -6.78 -1.63
N ARG A 645 8.21 -7.56 -0.63
CA ARG A 645 8.61 -7.14 0.72
C ARG A 645 9.87 -6.29 0.67
N ALA A 646 10.85 -6.75 -0.12
CA ALA A 646 12.16 -6.15 -0.29
C ALA A 646 12.10 -4.77 -0.94
N TYR A 647 11.24 -4.59 -1.99
CA TYR A 647 11.07 -3.33 -2.72
C TYR A 647 10.83 -2.19 -1.73
N ASN A 648 9.96 -2.43 -0.74
CA ASN A 648 9.54 -1.48 0.30
C ASN A 648 10.67 -1.20 1.35
N ASP A 649 11.74 -2.05 1.41
CA ASP A 649 12.84 -1.89 2.39
C ASP A 649 14.14 -1.36 1.73
N ILE A 650 14.78 -2.19 0.88
CA ILE A 650 16.03 -1.89 0.19
C ILE A 650 15.77 -1.49 -1.26
N PHE A 651 16.80 -0.90 -1.91
CA PHE A 651 16.70 -0.52 -3.31
C PHE A 651 16.63 -1.79 -4.15
N THR A 652 15.56 -1.89 -4.94
CA THR A 652 15.28 -3.04 -5.76
C THR A 652 15.42 -2.71 -7.26
N CYS A 653 16.07 -3.57 -8.05
CA CYS A 653 16.19 -3.36 -9.48
C CYS A 653 16.38 -4.65 -10.24
N THR A 654 15.78 -4.74 -11.44
CA THR A 654 15.82 -5.91 -12.34
C THR A 654 16.39 -5.47 -13.72
N LEU A 655 16.84 -6.43 -14.52
CA LEU A 655 17.36 -6.21 -15.86
C LEU A 655 17.00 -7.41 -16.73
N VAL A 656 16.27 -7.15 -17.83
CA VAL A 656 15.83 -8.18 -18.78
C VAL A 656 16.96 -8.38 -19.82
N THR A 657 17.99 -9.18 -19.43
CA THR A 657 19.17 -9.52 -20.25
C THR A 657 18.79 -10.53 -21.36
N CYS A 658 17.73 -11.31 -21.11
CA CYS A 658 17.14 -12.25 -22.04
C CYS A 658 15.73 -12.53 -21.60
N ARG A 659 14.96 -13.25 -22.43
CA ARG A 659 13.55 -13.62 -22.17
C ARG A 659 13.28 -13.97 -20.68
N SER A 660 12.39 -13.20 -20.10
CA SER A 660 11.96 -13.32 -18.71
C SER A 660 10.49 -13.74 -18.72
N VAL A 661 10.28 -15.04 -18.55
CA VAL A 661 8.97 -15.67 -18.64
C VAL A 661 8.39 -16.06 -17.25
N GLY A 662 7.05 -16.20 -17.20
CA GLY A 662 6.27 -16.65 -16.04
C GLY A 662 6.51 -15.93 -14.74
N ILE A 663 7.10 -16.67 -13.74
CA ILE A 663 7.46 -16.15 -12.41
C ILE A 663 8.55 -15.06 -12.58
N GLY A 664 9.52 -15.35 -13.46
CA GLY A 664 10.58 -14.41 -13.81
C GLY A 664 10.00 -13.09 -14.23
N ALA A 665 8.91 -13.11 -15.06
CA ALA A 665 8.17 -11.93 -15.56
C ALA A 665 7.58 -11.11 -14.41
N TYR A 666 7.16 -11.80 -13.35
CA TYR A 666 6.57 -11.14 -12.19
C TYR A 666 7.60 -10.51 -11.27
N LEU A 667 8.77 -11.19 -11.08
CA LEU A 667 9.87 -10.66 -10.26
C LEU A 667 10.42 -9.33 -10.86
N VAL A 668 10.10 -9.09 -12.18
CA VAL A 668 10.42 -7.89 -12.97
C VAL A 668 9.55 -6.76 -12.44
N ARG A 669 8.26 -7.07 -12.23
CA ARG A 669 7.32 -6.11 -11.72
C ARG A 669 7.44 -5.91 -10.19
N LEU A 670 7.69 -7.00 -9.41
CA LEU A 670 7.84 -6.92 -7.93
C LEU A 670 9.14 -6.17 -7.60
N GLY A 671 10.12 -6.35 -8.48
CA GLY A 671 11.40 -5.66 -8.51
C GLY A 671 11.24 -4.22 -8.94
N GLN A 672 10.01 -3.85 -9.35
CA GLN A 672 9.47 -2.53 -9.75
C GLN A 672 10.21 -1.77 -10.84
N ARG A 673 11.45 -1.33 -10.49
CA ARG A 673 12.49 -0.62 -11.26
C ARG A 673 13.12 -1.65 -12.23
N ALA A 674 12.77 -1.60 -13.55
CA ALA A 674 13.20 -2.57 -14.56
C ALA A 674 13.84 -1.93 -15.78
N VAL A 675 14.88 -2.59 -16.32
CA VAL A 675 15.62 -2.17 -17.53
C VAL A 675 15.50 -3.30 -18.55
N GLN A 676 15.01 -2.99 -19.73
CA GLN A 676 14.79 -4.00 -20.74
C GLN A 676 15.70 -3.83 -21.93
N VAL A 677 16.47 -4.89 -22.24
CA VAL A 677 17.31 -4.90 -23.43
C VAL A 677 16.36 -5.12 -24.63
N GLU A 678 16.33 -4.17 -25.59
CA GLU A 678 15.46 -4.03 -26.79
C GLU A 678 14.87 -5.33 -27.37
N GLY A 679 15.70 -6.35 -27.57
CA GLY A 679 15.27 -7.61 -28.15
C GLY A 679 14.95 -8.74 -27.18
N GLN A 680 14.76 -8.42 -25.89
CA GLN A 680 14.43 -9.42 -24.86
C GLN A 680 13.01 -9.20 -24.34
N PRO A 681 12.11 -10.21 -24.45
CA PRO A 681 10.73 -9.98 -24.03
C PRO A 681 10.41 -10.36 -22.58
N ILE A 682 9.46 -9.64 -21.97
CA ILE A 682 8.89 -9.95 -20.64
C ILE A 682 7.55 -10.56 -20.99
N ILE A 683 7.55 -11.87 -21.22
CA ILE A 683 6.38 -12.61 -21.66
C ILE A 683 5.80 -13.40 -20.47
N LEU A 684 4.48 -13.56 -20.49
CA LEU A 684 3.76 -14.30 -19.48
C LEU A 684 3.42 -15.65 -20.03
N THR A 685 2.65 -15.67 -21.15
CA THR A 685 2.25 -16.90 -21.84
C THR A 685 2.93 -16.91 -23.19
N GLY A 686 3.56 -18.04 -23.51
CA GLY A 686 4.30 -18.24 -24.74
C GLY A 686 3.52 -17.86 -25.98
N ALA A 687 4.19 -17.20 -26.93
CA ALA A 687 3.61 -16.79 -28.21
C ALA A 687 2.94 -18.00 -28.91
N PRO A 688 3.55 -19.23 -28.98
CA PRO A 688 2.83 -20.35 -29.62
C PRO A 688 1.69 -20.90 -28.76
N ALA A 689 1.81 -20.78 -27.42
CA ALA A 689 0.81 -21.24 -26.45
C ALA A 689 -0.49 -20.48 -26.59
N LEU A 690 -0.39 -19.21 -27.00
CA LEU A 690 -1.53 -18.33 -27.23
C LEU A 690 -2.20 -18.66 -28.58
N ASN A 691 -1.39 -18.97 -29.63
CA ASN A 691 -1.88 -19.35 -30.97
C ASN A 691 -2.68 -20.64 -30.92
N SER A 692 -2.20 -21.61 -30.12
CA SER A 692 -2.84 -22.91 -29.89
C SER A 692 -4.20 -22.74 -29.14
N LEU A 693 -4.26 -21.79 -28.19
CA LEU A 693 -5.46 -21.48 -27.43
C LEU A 693 -6.53 -20.83 -28.32
N LEU A 694 -6.11 -19.95 -29.24
CA LEU A 694 -6.99 -19.27 -30.18
C LEU A 694 -7.35 -20.15 -31.35
N GLY A 695 -6.52 -21.15 -31.60
CA GLY A 695 -6.69 -22.09 -32.68
C GLY A 695 -6.15 -21.61 -34.00
N ARG A 696 -5.67 -20.35 -34.04
CA ARG A 696 -5.12 -19.75 -35.26
C ARG A 696 -3.84 -18.96 -34.96
N GLU A 697 -2.96 -18.85 -35.97
CA GLU A 697 -1.67 -18.18 -35.86
C GLU A 697 -1.83 -16.68 -35.82
N VAL A 698 -2.15 -16.18 -34.61
CA VAL A 698 -2.37 -14.76 -34.33
C VAL A 698 -1.02 -14.08 -34.13
N TYR A 699 -0.35 -14.41 -33.01
CA TYR A 699 0.95 -13.87 -32.63
C TYR A 699 2.07 -14.64 -33.32
N THR A 700 3.10 -13.92 -33.81
CA THR A 700 4.21 -14.52 -34.55
C THR A 700 5.55 -14.43 -33.77
N SER A 701 5.62 -13.55 -32.77
CA SER A 701 6.84 -13.37 -31.99
C SER A 701 6.52 -13.29 -30.50
N ASN A 702 7.50 -13.67 -29.66
CA ASN A 702 7.40 -13.56 -28.21
C ASN A 702 7.54 -12.07 -27.79
N LEU A 703 8.18 -11.27 -28.67
CA LEU A 703 8.37 -9.84 -28.52
C LEU A 703 7.12 -9.08 -28.96
N GLN A 704 6.21 -9.73 -29.71
CA GLN A 704 4.97 -9.16 -30.21
C GLN A 704 3.98 -8.89 -29.07
N LEU A 705 4.29 -9.41 -27.89
CA LEU A 705 3.47 -9.25 -26.70
C LEU A 705 4.37 -9.09 -25.45
N GLY A 706 5.65 -9.34 -25.58
CA GLY A 706 6.57 -9.23 -24.46
C GLY A 706 7.63 -8.14 -24.59
N GLY A 707 7.92 -7.75 -25.82
CA GLY A 707 8.95 -6.76 -26.18
C GLY A 707 8.83 -5.37 -25.60
N THR A 708 9.83 -4.49 -25.93
CA THR A 708 9.95 -3.11 -25.43
C THR A 708 8.74 -2.22 -25.82
N GLN A 709 8.22 -2.40 -27.06
CA GLN A 709 7.08 -1.67 -27.62
C GLN A 709 5.79 -1.92 -26.81
N ILE A 710 5.88 -2.78 -25.79
CA ILE A 710 4.77 -3.09 -24.91
C ILE A 710 5.13 -2.61 -23.51
N MET A 711 6.17 -3.17 -22.93
CA MET A 711 6.57 -2.91 -21.56
C MET A 711 7.11 -1.50 -21.30
N TYR A 712 7.88 -0.91 -22.21
CA TYR A 712 8.34 0.45 -21.96
C TYR A 712 7.21 1.44 -22.22
N ARG A 713 6.33 1.12 -23.19
CA ARG A 713 5.18 1.92 -23.62
C ARG A 713 3.96 1.83 -22.66
N ASN A 714 4.01 0.92 -21.65
CA ASN A 714 2.97 0.76 -20.62
C ASN A 714 3.53 0.96 -19.19
N GLY A 715 4.84 1.19 -19.08
CA GLY A 715 5.53 1.49 -17.83
C GLY A 715 5.98 0.37 -16.91
N VAL A 716 6.19 -0.83 -17.48
CA VAL A 716 6.73 -2.00 -16.75
C VAL A 716 8.24 -1.81 -16.79
N SER A 717 8.76 -1.33 -17.97
CA SER A 717 10.16 -0.94 -18.23
C SER A 717 10.32 0.55 -18.00
N HIS A 718 11.33 0.88 -17.21
CA HIS A 718 11.73 2.24 -16.84
C HIS A 718 12.74 2.75 -17.85
N LEU A 719 13.59 1.87 -18.41
CA LEU A 719 14.58 2.21 -19.41
C LEU A 719 14.78 1.10 -20.41
N THR A 720 15.14 1.48 -21.65
CA THR A 720 15.44 0.55 -22.72
C THR A 720 16.91 0.70 -23.07
N ALA A 721 17.65 -0.43 -22.99
CA ALA A 721 19.09 -0.49 -23.26
C ALA A 721 19.39 -1.23 -24.56
N LYS A 722 20.27 -0.66 -25.39
CA LYS A 722 20.67 -1.21 -26.68
C LYS A 722 21.26 -2.61 -26.56
N ASP A 723 22.09 -2.86 -25.50
CA ASP A 723 22.73 -4.15 -25.26
C ASP A 723 22.88 -4.45 -23.76
N ASP A 724 23.33 -5.70 -23.44
CA ASP A 724 23.56 -6.23 -22.10
C ASP A 724 24.43 -5.28 -21.26
N PHE A 725 25.50 -4.73 -21.85
CA PHE A 725 26.36 -3.79 -21.13
C PHE A 725 25.62 -2.45 -20.91
N ASP A 726 24.95 -1.92 -21.95
CA ASP A 726 24.20 -0.68 -21.87
C ASP A 726 23.23 -0.72 -20.69
N GLY A 727 22.73 -1.91 -20.40
CA GLY A 727 21.85 -2.17 -19.26
C GLY A 727 22.57 -1.90 -17.95
N VAL A 728 23.67 -2.64 -17.71
CA VAL A 728 24.55 -2.55 -16.53
C VAL A 728 24.89 -1.05 -16.31
N THR A 729 25.37 -0.38 -17.37
CA THR A 729 25.74 1.02 -17.42
C THR A 729 24.64 1.89 -16.82
N LYS A 730 23.40 1.73 -17.32
CA LYS A 730 22.23 2.50 -16.91
C LYS A 730 21.88 2.22 -15.44
N ILE A 731 22.17 0.99 -14.94
CA ILE A 731 21.92 0.57 -13.57
C ILE A 731 22.93 1.25 -12.66
N VAL A 732 24.23 1.13 -12.99
CA VAL A 732 25.29 1.75 -12.20
C VAL A 732 25.06 3.25 -12.16
N GLN A 733 24.19 3.72 -13.07
CA GLN A 733 23.81 5.12 -13.16
C GLN A 733 22.82 5.42 -12.06
N TRP A 734 21.78 4.58 -11.83
CA TRP A 734 20.80 4.82 -10.73
C TRP A 734 21.43 4.72 -9.40
N LEU A 735 22.37 3.75 -9.27
CA LEU A 735 23.11 3.50 -8.05
C LEU A 735 23.94 4.71 -7.64
N SER A 736 24.37 5.53 -8.61
CA SER A 736 25.08 6.78 -8.34
C SER A 736 24.21 7.76 -7.52
N PHE A 737 22.88 7.82 -7.77
CA PHE A 737 21.92 8.70 -7.06
C PHE A 737 21.55 8.18 -5.68
N ILE A 738 21.67 6.85 -5.47
CA ILE A 738 21.20 6.15 -4.27
C ILE A 738 22.27 6.00 -3.19
N PRO A 739 21.92 6.25 -1.89
CA PRO A 739 22.90 6.05 -0.83
C PRO A 739 23.37 4.60 -0.78
N ASP A 740 24.66 4.42 -0.47
CA ASP A 740 25.40 3.15 -0.40
C ASP A 740 24.72 2.08 0.46
N GLN A 741 24.11 2.49 1.61
CA GLN A 741 23.40 1.61 2.58
C GLN A 741 21.90 1.98 2.64
N ARG A 742 21.24 1.56 3.74
CA ARG A 742 19.84 1.86 3.86
C ARG A 742 19.66 3.25 4.39
N ASN A 743 19.85 3.45 5.71
CA ASN A 743 19.67 4.78 6.28
C ASN A 743 21.01 5.52 6.31
N ASN A 744 21.52 5.81 5.13
CA ASN A 744 22.79 6.48 4.95
C ASN A 744 22.58 7.79 4.19
N PRO A 745 23.46 8.82 4.37
CA PRO A 745 23.24 10.09 3.67
C PRO A 745 23.49 9.93 2.18
N LEU A 746 22.73 10.70 1.39
CA LEU A 746 22.73 10.73 -0.06
C LEU A 746 24.14 10.89 -0.70
N PRO A 747 24.37 10.39 -1.93
CA PRO A 747 25.70 10.53 -2.56
C PRO A 747 25.92 11.94 -3.14
N ILE A 748 26.07 12.91 -2.23
CA ILE A 748 26.27 14.32 -2.55
C ILE A 748 27.73 14.53 -2.84
N LEU A 749 28.03 15.46 -3.74
CA LEU A 749 29.40 15.81 -4.10
C LEU A 749 29.60 17.30 -3.90
N SER A 750 30.81 17.83 -4.20
CA SER A 750 31.11 19.26 -4.17
C SER A 750 30.28 19.91 -5.32
N PRO A 751 29.98 21.24 -5.36
CA PRO A 751 29.17 21.78 -6.49
C PRO A 751 29.68 21.31 -7.84
N SER A 752 31.01 21.20 -7.91
CA SER A 752 31.87 20.69 -8.94
C SER A 752 31.48 21.15 -10.39
N PRO A 753 30.65 20.45 -11.24
CA PRO A 753 30.48 20.95 -12.62
C PRO A 753 29.61 22.20 -12.68
N ASP A 754 28.39 22.06 -12.15
CA ASP A 754 27.47 23.17 -12.12
C ASP A 754 27.45 23.68 -10.71
N PRO A 755 27.97 24.89 -10.51
CA PRO A 755 28.04 25.44 -9.16
C PRO A 755 26.65 25.79 -8.64
N TRP A 756 26.51 25.83 -7.31
CA TRP A 756 25.24 26.15 -6.68
C TRP A 756 24.90 27.62 -6.85
N ASP A 757 25.92 28.51 -6.87
CA ASP A 757 25.78 29.96 -6.95
C ASP A 757 25.62 30.46 -8.40
N ARG A 758 24.74 29.83 -9.18
CA ARG A 758 24.46 30.27 -10.54
C ARG A 758 22.96 30.47 -10.73
N ASP A 759 22.58 31.45 -11.56
CA ASP A 759 21.17 31.73 -11.79
C ASP A 759 20.61 30.87 -12.94
N VAL A 760 19.31 30.57 -12.82
CA VAL A 760 18.54 29.75 -13.76
C VAL A 760 18.26 30.60 -14.99
N VAL A 761 18.93 30.28 -16.09
CA VAL A 761 18.84 31.10 -17.28
C VAL A 761 17.60 30.78 -18.11
N TYR A 762 17.28 29.50 -18.34
CA TYR A 762 16.11 29.22 -19.16
C TYR A 762 14.84 29.53 -18.42
N THR A 763 14.00 30.38 -19.01
CA THR A 763 12.71 30.72 -18.47
C THR A 763 11.63 30.41 -19.54
N PRO A 764 10.57 29.69 -19.16
CA PRO A 764 9.58 29.25 -20.15
C PRO A 764 8.66 30.33 -20.72
N PRO A 765 8.28 30.24 -22.02
CA PRO A 765 7.38 31.24 -22.60
C PRO A 765 5.91 31.03 -22.21
N TYR A 766 5.16 32.14 -22.19
CA TYR A 766 3.74 32.19 -21.80
C TYR A 766 2.81 32.00 -23.00
N LYS A 767 3.27 32.38 -24.19
CA LYS A 767 2.54 32.26 -25.45
C LYS A 767 2.36 30.78 -25.83
N GLN A 768 3.44 30.21 -26.38
CA GLN A 768 3.54 28.86 -26.93
C GLN A 768 3.91 27.82 -25.87
N THR A 769 4.14 26.59 -26.35
CA THR A 769 4.51 25.43 -25.55
C THR A 769 6.02 25.28 -25.57
N TYR A 770 6.51 24.63 -24.52
CA TYR A 770 7.92 24.41 -24.29
C TYR A 770 8.19 23.00 -23.80
N ASP A 771 9.35 22.46 -24.15
CA ASP A 771 9.73 21.15 -23.65
C ASP A 771 10.22 21.36 -22.24
N VAL A 772 9.39 20.91 -21.32
CA VAL A 772 9.55 21.05 -19.86
C VAL A 772 10.92 20.52 -19.41
N ARG A 773 11.50 19.62 -20.20
CA ARG A 773 12.82 19.07 -19.93
C ARG A 773 13.85 20.21 -19.88
N TRP A 774 13.67 21.26 -20.72
CA TRP A 774 14.57 22.40 -20.79
C TRP A 774 14.66 23.15 -19.49
N MET A 775 13.59 23.11 -18.69
CA MET A 775 13.56 23.79 -17.40
C MET A 775 14.31 23.03 -16.33
N ILE A 776 14.41 21.73 -16.51
CA ILE A 776 15.05 20.87 -15.53
C ILE A 776 16.57 20.88 -15.73
N ALA A 777 17.09 20.55 -16.94
CA ALA A 777 18.53 20.45 -17.21
C ALA A 777 19.10 21.64 -17.94
N GLY A 778 18.36 22.15 -18.92
CA GLY A 778 18.74 23.28 -19.75
C GLY A 778 18.31 23.12 -21.19
N LYS A 779 18.23 24.22 -21.94
CA LYS A 779 17.86 24.18 -23.35
C LYS A 779 19.06 24.41 -24.21
N GLU A 780 19.26 23.55 -25.20
CA GLU A 780 20.33 23.73 -26.14
C GLU A 780 19.86 24.69 -27.23
N ASP A 781 20.67 25.71 -27.54
CA ASP A 781 20.30 26.72 -28.50
C ASP A 781 21.39 26.94 -29.56
N GLU A 782 21.03 27.67 -30.63
CA GLU A 782 21.91 28.10 -31.72
C GLU A 782 23.03 28.95 -31.08
N ASP A 783 22.65 30.04 -30.35
CA ASP A 783 23.60 30.89 -29.63
C ASP A 783 23.66 30.46 -28.17
N GLY A 784 24.74 29.75 -27.84
CA GLY A 784 25.02 29.21 -26.51
C GLY A 784 24.08 28.13 -26.02
N PHE A 785 24.02 27.98 -24.69
CA PHE A 785 23.23 27.02 -23.96
C PHE A 785 22.72 27.65 -22.67
N GLN A 786 21.40 27.68 -22.50
CA GLN A 786 20.77 28.27 -21.32
C GLN A 786 20.45 27.16 -20.28
N PRO A 787 21.18 27.13 -19.14
CA PRO A 787 20.94 26.05 -18.17
C PRO A 787 19.62 26.13 -17.41
N GLY A 788 19.17 24.95 -16.96
CA GLY A 788 17.96 24.72 -16.18
C GLY A 788 18.21 24.98 -14.70
N LEU A 789 17.37 24.40 -13.81
CA LEU A 789 17.61 24.68 -12.38
C LEU A 789 18.38 23.53 -11.75
N PHE A 790 18.55 22.42 -12.47
CA PHE A 790 19.39 21.32 -11.98
C PHE A 790 20.73 21.36 -12.69
N ASP A 791 21.68 20.53 -12.25
CA ASP A 791 23.02 20.45 -12.83
C ASP A 791 22.96 20.04 -14.31
N LYS A 792 23.83 20.64 -15.14
CA LYS A 792 23.89 20.38 -16.58
C LYS A 792 24.03 18.89 -16.85
N ASP A 793 23.06 18.37 -17.61
CA ASP A 793 22.92 16.99 -18.04
C ASP A 793 23.12 15.99 -16.89
N SER A 794 22.38 16.24 -15.79
CA SER A 794 22.35 15.35 -14.64
C SER A 794 21.00 14.66 -14.60
N PHE A 795 20.06 15.11 -15.45
CA PHE A 795 18.72 14.57 -15.52
C PHE A 795 18.68 13.24 -16.28
N VAL A 796 17.99 12.22 -15.71
CA VAL A 796 17.84 10.87 -16.31
C VAL A 796 16.34 10.52 -16.35
N GLU A 797 15.67 10.80 -17.50
CA GLU A 797 14.24 10.52 -17.63
C GLU A 797 13.96 9.02 -17.71
N THR A 798 13.03 8.55 -16.82
CA THR A 798 12.55 7.18 -16.79
C THR A 798 11.04 7.15 -17.12
N LEU A 799 10.60 6.01 -17.72
CA LEU A 799 9.24 5.67 -18.16
C LEU A 799 8.72 6.64 -19.26
N GLY A 800 9.66 7.23 -20.00
CA GLY A 800 9.39 8.18 -21.09
C GLY A 800 8.68 7.61 -22.30
N GLY A 801 8.17 6.37 -22.18
CA GLY A 801 7.38 5.71 -23.22
C GLY A 801 5.93 5.54 -22.82
N TRP A 802 5.65 5.77 -21.53
CA TRP A 802 4.32 5.64 -20.92
C TRP A 802 3.86 6.94 -20.26
N ALA A 803 2.65 7.44 -20.64
CA ALA A 803 2.00 8.67 -20.13
C ALA A 803 2.97 9.83 -20.13
N ARG A 804 3.40 10.24 -21.34
CA ARG A 804 4.39 11.31 -21.53
C ARG A 804 3.88 12.70 -21.04
N THR A 805 2.60 12.79 -20.57
CA THR A 805 1.99 14.03 -20.03
C THR A 805 2.61 14.42 -18.68
N VAL A 806 3.49 13.56 -18.17
CA VAL A 806 4.21 13.79 -16.93
C VAL A 806 5.64 13.25 -17.13
N VAL A 807 6.62 14.10 -16.79
CA VAL A 807 8.02 13.80 -16.96
C VAL A 807 8.59 13.42 -15.59
N VAL A 808 9.12 12.19 -15.49
CA VAL A 808 9.68 11.66 -14.26
C VAL A 808 11.14 11.36 -14.48
N GLY A 809 11.97 11.65 -13.49
CA GLY A 809 13.39 11.37 -13.55
C GLY A 809 14.15 11.71 -12.29
N ARG A 810 15.46 11.46 -12.32
CA ARG A 810 16.37 11.77 -11.22
C ARG A 810 17.38 12.77 -11.72
N ALA A 811 17.74 13.77 -10.90
CA ALA A 811 18.72 14.80 -11.26
C ALA A 811 19.45 15.30 -10.00
N ARG A 812 20.50 16.13 -10.17
CA ARG A 812 21.27 16.67 -9.05
C ARG A 812 21.19 18.20 -8.99
N LEU A 813 21.18 18.73 -7.79
CA LEU A 813 21.09 20.17 -7.56
C LEU A 813 22.28 20.62 -6.72
N GLY A 814 23.30 21.11 -7.40
CA GLY A 814 24.54 21.55 -6.79
C GLY A 814 25.32 20.43 -6.11
N GLY A 815 25.07 19.21 -6.55
CA GLY A 815 25.67 18.00 -6.02
C GLY A 815 24.68 17.09 -5.32
N ILE A 816 23.58 17.67 -4.76
CA ILE A 816 22.55 16.94 -4.02
C ILE A 816 21.63 16.22 -5.00
N PRO A 817 21.64 14.86 -4.99
CA PRO A 817 20.73 14.14 -5.88
C PRO A 817 19.28 14.17 -5.36
N MET A 818 18.29 14.29 -6.28
CA MET A 818 16.86 14.27 -5.90
C MET A 818 15.90 13.88 -7.08
N GLY A 819 14.74 13.34 -6.70
CA GLY A 819 13.66 12.91 -7.59
C GLY A 819 12.90 14.09 -8.14
N VAL A 820 12.56 14.03 -9.45
CA VAL A 820 11.90 15.11 -10.19
C VAL A 820 10.65 14.61 -10.90
N ILE A 821 9.59 15.42 -10.79
CA ILE A 821 8.31 15.23 -11.45
C ILE A 821 7.96 16.57 -12.00
N ALA A 822 7.69 16.62 -13.31
CA ALA A 822 7.33 17.84 -14.01
C ALA A 822 6.21 17.57 -15.00
N VAL A 823 5.51 18.63 -15.44
CA VAL A 823 4.36 18.47 -16.34
C VAL A 823 4.69 18.91 -17.74
N GLU A 824 4.41 17.99 -18.71
CA GLU A 824 4.54 18.27 -20.14
C GLU A 824 3.38 19.16 -20.55
N THR A 825 3.70 20.28 -21.21
CA THR A 825 2.79 21.34 -21.66
C THR A 825 2.24 21.12 -23.09
N ARG A 826 3.05 20.46 -23.95
CA ARG A 826 2.68 20.16 -25.34
C ARG A 826 1.68 19.03 -25.36
N THR A 827 0.75 19.06 -26.33
CA THR A 827 -0.28 18.04 -26.48
C THR A 827 0.34 16.77 -27.10
N ILE A 828 0.69 15.78 -26.24
CA ILE A 828 1.30 14.51 -26.65
C ILE A 828 0.23 13.57 -27.18
N GLU A 829 0.61 12.67 -28.09
CA GLU A 829 -0.35 11.72 -28.65
C GLU A 829 0.18 10.29 -28.58
N ASN A 830 -0.47 9.48 -27.71
CA ASN A 830 -0.15 8.06 -27.55
C ASN A 830 -1.12 7.28 -28.44
N ILE A 831 -0.57 6.43 -29.28
CA ILE A 831 -1.42 5.68 -30.19
C ILE A 831 -1.38 4.25 -29.76
N THR A 832 -2.50 3.79 -29.21
CA THR A 832 -2.64 2.41 -28.73
C THR A 832 -2.67 1.46 -29.93
N PRO A 833 -1.89 0.36 -29.91
CA PRO A 833 -1.84 -0.52 -31.09
C PRO A 833 -3.10 -1.34 -31.31
N ALA A 834 -3.23 -1.88 -32.53
CA ALA A 834 -4.34 -2.73 -32.94
C ALA A 834 -4.14 -4.15 -32.39
N ASP A 835 -5.22 -4.76 -31.87
CA ASP A 835 -5.19 -6.12 -31.31
C ASP A 835 -5.22 -7.14 -32.45
N PRO A 836 -4.25 -8.08 -32.53
CA PRO A 836 -4.26 -9.06 -33.63
C PRO A 836 -5.30 -10.14 -33.41
N ALA A 837 -5.61 -10.45 -32.14
CA ALA A 837 -6.60 -11.44 -31.69
C ALA A 837 -7.98 -11.15 -32.27
N ASN A 838 -8.36 -9.87 -32.30
CA ASN A 838 -9.62 -9.40 -32.86
C ASN A 838 -9.30 -8.70 -34.17
N PRO A 839 -9.65 -9.31 -35.31
CA PRO A 839 -9.34 -8.68 -36.61
C PRO A 839 -10.12 -7.38 -36.84
N ASP A 840 -11.14 -7.13 -36.00
CA ASP A 840 -12.00 -5.96 -36.04
C ASP A 840 -11.49 -4.86 -35.07
N SER A 841 -10.16 -4.85 -34.81
CA SER A 841 -9.52 -3.88 -33.92
C SER A 841 -8.49 -3.08 -34.67
N ILE A 842 -8.61 -1.75 -34.53
CA ILE A 842 -7.74 -0.76 -35.15
C ILE A 842 -7.02 0.05 -34.07
N GLU A 843 -5.87 0.64 -34.45
CA GLU A 843 -5.05 1.50 -33.60
C GLU A 843 -5.82 2.75 -33.27
N GLN A 844 -5.87 3.11 -31.98
CA GLN A 844 -6.63 4.28 -31.58
C GLN A 844 -5.73 5.48 -31.27
N VAL A 845 -5.91 6.54 -32.08
CA VAL A 845 -5.22 7.83 -31.99
C VAL A 845 -5.88 8.62 -30.86
N THR A 846 -5.12 8.85 -29.79
CA THR A 846 -5.61 9.57 -28.62
C THR A 846 -4.63 10.65 -28.28
N ASN A 847 -5.15 11.89 -28.12
CA ASN A 847 -4.34 13.06 -27.83
C ASN A 847 -4.46 13.48 -26.38
N GLU A 848 -3.43 13.12 -25.59
CA GLU A 848 -3.34 13.47 -24.18
C GLU A 848 -2.90 14.93 -24.08
N ALA A 849 -3.86 15.88 -24.10
CA ALA A 849 -3.57 17.32 -24.05
C ALA A 849 -2.70 17.67 -22.83
N GLY A 850 -1.62 18.40 -23.07
CA GLY A 850 -0.64 18.76 -22.05
C GLY A 850 -1.19 19.51 -20.86
N GLY A 851 -0.49 19.36 -19.73
CA GLY A 851 -0.80 20.02 -18.48
C GLY A 851 -2.08 19.55 -17.79
N VAL A 852 -2.54 18.33 -18.13
CA VAL A 852 -3.75 17.73 -17.57
C VAL A 852 -3.38 16.38 -17.00
N TRP A 853 -4.16 15.91 -16.05
CA TRP A 853 -3.95 14.61 -15.47
C TRP A 853 -4.93 13.61 -16.07
N TYR A 854 -4.39 12.50 -16.57
CA TYR A 854 -5.13 11.41 -17.18
C TYR A 854 -4.90 10.17 -16.35
N PRO A 855 -5.81 9.15 -16.39
CA PRO A 855 -5.58 7.94 -15.58
C PRO A 855 -4.09 7.47 -15.52
N ASN A 856 -3.47 7.26 -16.72
CA ASN A 856 -2.07 6.85 -16.92
C ASN A 856 -1.04 7.89 -16.34
N SER A 857 -1.27 9.21 -16.56
CA SER A 857 -0.41 10.26 -16.03
C SER A 857 -0.39 10.23 -14.52
N ALA A 858 -1.58 10.10 -13.90
CA ALA A 858 -1.78 10.02 -12.45
C ALA A 858 -1.05 8.81 -11.89
N PHE A 859 -1.27 7.66 -12.51
CA PHE A 859 -0.62 6.41 -12.17
C PHE A 859 0.91 6.62 -12.23
N LYS A 860 1.43 7.20 -13.33
CA LYS A 860 2.86 7.45 -13.50
C LYS A 860 3.38 8.27 -12.29
N THR A 861 2.71 9.40 -12.01
CA THR A 861 3.03 10.30 -10.90
C THR A 861 3.17 9.51 -9.61
N ALA A 862 2.05 8.89 -9.20
CA ALA A 862 1.94 8.10 -7.99
C ALA A 862 3.06 7.05 -7.87
N GLN A 863 3.31 6.26 -8.95
CA GLN A 863 4.32 5.22 -8.95
C GLN A 863 5.66 5.85 -8.63
N ALA A 864 6.05 6.88 -9.41
CA ALA A 864 7.29 7.63 -9.30
C ALA A 864 7.60 8.00 -7.87
N ILE A 865 6.58 8.54 -7.15
CA ILE A 865 6.63 8.98 -5.75
C ILE A 865 7.09 7.84 -4.84
N ASN A 866 6.39 6.70 -4.87
CA ASN A 866 6.70 5.51 -4.10
C ASN A 866 8.05 4.94 -4.43
N ASP A 867 8.44 5.08 -5.70
CA ASP A 867 9.74 4.62 -6.19
C ASP A 867 10.87 5.51 -5.58
N PHE A 868 10.72 6.85 -5.52
CA PHE A 868 11.71 7.70 -4.85
C PHE A 868 11.62 7.62 -3.32
N ASN A 869 10.54 7.00 -2.82
CA ASN A 869 10.27 6.81 -1.38
C ASN A 869 10.93 5.51 -0.84
N TYR A 870 10.43 4.32 -1.27
CA TYR A 870 10.94 3.02 -0.86
C TYR A 870 12.29 2.68 -1.51
N GLY A 871 13.31 2.40 -0.67
CA GLY A 871 14.69 2.02 -1.06
C GLY A 871 15.61 3.14 -1.52
N GLU A 872 15.16 3.85 -2.59
CA GLU A 872 15.83 4.99 -3.24
C GLU A 872 16.13 6.06 -2.26
N GLN A 873 15.14 6.43 -1.39
CA GLN A 873 15.24 7.42 -0.30
C GLN A 873 15.73 8.78 -0.84
N LEU A 874 14.98 9.41 -1.77
CA LEU A 874 15.41 10.68 -2.37
C LEU A 874 14.50 11.85 -2.01
N PRO A 875 15.03 13.11 -1.87
CA PRO A 875 14.12 14.26 -1.71
C PRO A 875 13.35 14.48 -3.03
N LEU A 876 12.11 14.99 -2.98
CA LEU A 876 11.35 15.17 -4.22
C LEU A 876 11.15 16.65 -4.58
N MET A 877 11.23 16.93 -5.89
CA MET A 877 11.00 18.23 -6.50
C MET A 877 9.83 18.08 -7.49
N ILE A 878 8.71 18.76 -7.23
CA ILE A 878 7.55 18.65 -8.09
C ILE A 878 7.19 20.02 -8.66
N LEU A 879 7.51 20.19 -9.95
CA LEU A 879 7.18 21.39 -10.68
C LEU A 879 5.74 21.29 -11.16
N ALA A 880 4.82 21.44 -10.20
CA ALA A 880 3.37 21.38 -10.34
C ALA A 880 2.86 22.35 -11.42
N ASN A 881 2.23 21.84 -12.51
CA ASN A 881 1.70 22.66 -13.64
C ASN A 881 0.37 22.10 -14.22
N TRP A 882 -0.22 21.10 -13.53
CA TRP A 882 -1.51 20.55 -13.99
C TRP A 882 -2.66 21.49 -13.63
N ARG A 883 -3.63 21.63 -14.54
CA ARG A 883 -4.82 22.48 -14.33
C ARG A 883 -6.05 21.62 -13.83
N GLY A 884 -5.77 20.39 -13.42
CA GLY A 884 -6.79 19.49 -12.91
C GLY A 884 -6.70 18.09 -13.44
N PHE A 885 -7.86 17.42 -13.44
CA PHE A 885 -8.03 16.04 -13.89
C PHE A 885 -8.98 15.96 -15.12
N SER A 886 -8.85 14.83 -15.87
CA SER A 886 -9.68 14.56 -17.04
C SER A 886 -11.05 14.05 -16.57
N GLY A 887 -12.04 14.95 -16.61
CA GLY A 887 -13.41 14.67 -16.19
C GLY A 887 -14.31 14.06 -17.27
N GLY A 888 -13.74 13.85 -18.46
CA GLY A 888 -14.40 13.29 -19.65
C GLY A 888 -14.83 11.86 -19.47
N GLN A 889 -16.01 11.53 -20.00
CA GLN A 889 -16.67 10.23 -19.88
C GLN A 889 -15.73 9.03 -20.02
N ARG A 890 -14.97 9.00 -21.11
CA ARG A 890 -14.04 7.90 -21.36
C ARG A 890 -13.03 7.77 -20.22
N ASP A 891 -12.35 8.88 -19.85
CA ASP A 891 -11.33 8.90 -18.79
C ASP A 891 -11.91 8.58 -17.41
N MET A 892 -13.18 8.92 -17.18
CA MET A 892 -13.87 8.66 -15.91
C MET A 892 -14.08 7.20 -15.72
N TYR A 893 -14.65 6.54 -16.76
CA TYR A 893 -14.91 5.11 -16.86
C TYR A 893 -13.59 4.34 -16.75
N ASN A 894 -12.51 4.98 -17.23
CA ASN A 894 -11.16 4.42 -17.19
C ASN A 894 -10.49 4.67 -15.81
N GLU A 895 -11.34 4.79 -14.74
CA GLU A 895 -11.00 4.90 -13.32
C GLU A 895 -10.04 6.07 -12.98
N VAL A 896 -10.21 7.25 -13.62
CA VAL A 896 -9.33 8.42 -13.35
C VAL A 896 -9.26 8.71 -11.85
N LEU A 897 -10.42 8.60 -11.18
CA LEU A 897 -10.59 8.82 -9.77
C LEU A 897 -9.73 7.85 -8.91
N LYS A 898 -9.63 6.56 -9.32
CA LYS A 898 -8.86 5.53 -8.62
C LYS A 898 -7.41 5.92 -8.52
N TYR A 899 -6.81 6.35 -9.64
CA TYR A 899 -5.39 6.72 -9.77
C TYR A 899 -5.09 8.08 -9.19
N GLY A 900 -6.11 8.91 -9.04
CA GLY A 900 -6.00 10.22 -8.39
C GLY A 900 -5.70 10.03 -6.91
N SER A 901 -6.41 9.05 -6.30
CA SER A 901 -6.27 8.63 -4.90
C SER A 901 -4.88 8.12 -4.65
N PHE A 902 -4.36 7.28 -5.56
CA PHE A 902 -3.02 6.68 -5.51
C PHE A 902 -1.92 7.71 -5.28
N ILE A 903 -2.08 8.98 -5.79
CA ILE A 903 -1.11 10.05 -5.56
C ILE A 903 -1.14 10.43 -4.07
N VAL A 904 -2.36 10.71 -3.54
CA VAL A 904 -2.61 11.07 -2.13
C VAL A 904 -2.03 9.99 -1.21
N ASP A 905 -2.37 8.70 -1.46
CA ASP A 905 -1.89 7.54 -0.69
C ASP A 905 -0.37 7.56 -0.61
N ALA A 906 0.27 7.66 -1.78
CA ALA A 906 1.74 7.69 -1.97
C ALA A 906 2.44 8.86 -1.23
N LEU A 907 1.82 10.02 -1.21
CA LEU A 907 2.41 11.17 -0.58
C LEU A 907 2.43 11.06 0.92
N THR A 908 1.47 10.35 1.55
CA THR A 908 1.39 10.20 3.01
C THR A 908 2.39 9.18 3.53
N ARG A 909 2.86 8.31 2.64
CA ARG A 909 3.82 7.28 2.99
C ARG A 909 5.24 7.83 3.05
N PHE A 910 5.55 8.89 2.26
CA PHE A 910 6.86 9.55 2.14
C PHE A 910 7.47 10.02 3.48
N GLU A 911 8.81 10.04 3.57
CA GLU A 911 9.53 10.43 4.80
C GLU A 911 10.47 11.59 4.59
N LYS A 912 11.24 11.53 3.48
CA LYS A 912 12.23 12.56 3.09
C LYS A 912 11.53 13.88 2.60
N PRO A 913 12.22 15.07 2.61
CA PRO A 913 11.55 16.32 2.16
C PRO A 913 11.01 16.31 0.71
N ILE A 914 9.80 16.89 0.52
CA ILE A 914 9.09 17.05 -0.77
C ILE A 914 8.84 18.53 -1.01
N PHE A 915 9.22 19.02 -2.18
CA PHE A 915 9.01 20.41 -2.49
C PHE A 915 8.11 20.53 -3.69
N ILE A 916 6.96 21.16 -3.49
CA ILE A 916 5.98 21.43 -4.53
C ILE A 916 6.21 22.85 -4.95
N TYR A 917 6.78 23.05 -6.14
CA TYR A 917 7.08 24.39 -6.59
C TYR A 917 6.33 24.67 -7.89
N ILE A 918 5.37 25.62 -7.87
CA ILE A 918 4.65 25.99 -9.08
C ILE A 918 5.60 26.89 -9.89
N PRO A 919 6.01 26.52 -11.12
CA PRO A 919 6.99 27.34 -11.85
C PRO A 919 6.36 28.52 -12.57
N PRO A 920 7.14 29.44 -13.19
CA PRO A 920 6.51 30.54 -13.93
C PRO A 920 5.57 30.03 -15.00
N HIS A 921 4.40 30.68 -15.17
CA HIS A 921 3.36 30.30 -16.14
C HIS A 921 2.55 29.09 -15.63
N GLY A 922 3.14 28.32 -14.70
CA GLY A 922 2.55 27.13 -14.07
C GLY A 922 1.24 27.40 -13.37
N GLU A 923 0.31 26.44 -13.48
CA GLU A 923 -1.02 26.53 -12.86
C GLU A 923 -1.26 25.38 -11.92
N LEU A 924 -2.07 25.60 -10.89
CA LEU A 924 -2.49 24.54 -9.98
C LEU A 924 -3.92 24.82 -9.55
N ARG A 925 -4.84 24.48 -10.46
CA ARG A 925 -6.28 24.68 -10.28
C ARG A 925 -6.89 23.46 -9.61
N GLY A 926 -8.07 23.66 -9.06
CA GLY A 926 -8.91 22.67 -8.40
C GLY A 926 -8.35 21.29 -8.15
N GLY A 927 -8.98 20.30 -8.81
CA GLY A 927 -8.70 18.87 -8.71
C GLY A 927 -7.24 18.51 -8.52
N SER A 928 -6.37 19.26 -9.21
CA SER A 928 -4.94 19.09 -9.19
C SER A 928 -4.36 19.43 -7.80
N TRP A 929 -4.50 20.69 -7.33
CA TRP A 929 -3.99 21.20 -6.04
C TRP A 929 -4.26 20.25 -4.87
N VAL A 930 -5.50 19.76 -4.76
CA VAL A 930 -5.98 18.88 -3.70
C VAL A 930 -5.06 17.68 -3.47
N VAL A 931 -4.68 16.99 -4.55
CA VAL A 931 -3.88 15.77 -4.47
C VAL A 931 -2.35 16.06 -4.33
N VAL A 932 -1.92 17.31 -4.11
CA VAL A 932 -0.50 17.67 -3.98
C VAL A 932 -0.22 18.66 -2.81
N ASP A 933 -1.29 19.12 -2.10
CA ASP A 933 -1.20 20.07 -1.01
C ASP A 933 -0.30 19.58 0.15
N PRO A 934 0.57 20.46 0.72
CA PRO A 934 1.44 20.08 1.83
C PRO A 934 0.74 19.47 3.05
N THR A 935 -0.55 19.81 3.33
CA THR A 935 -1.29 19.27 4.48
C THR A 935 -1.59 17.75 4.36
N ILE A 936 -1.16 17.15 3.23
CA ILE A 936 -1.26 15.71 2.99
C ILE A 936 -0.20 15.10 3.93
N ASN A 937 1.10 15.44 3.76
CA ASN A 937 2.17 15.02 4.66
C ASN A 937 2.93 16.26 5.15
N PRO A 938 2.39 16.97 6.18
CA PRO A 938 3.02 18.23 6.62
C PRO A 938 4.43 18.08 7.15
N ALA A 939 4.73 16.89 7.71
CA ALA A 939 6.02 16.54 8.29
C ALA A 939 7.16 16.56 7.25
N SER A 940 6.85 16.20 5.97
CA SER A 940 7.88 16.14 4.92
C SER A 940 7.59 17.07 3.71
N MET A 941 6.36 17.58 3.54
CA MET A 941 6.07 18.46 2.41
C MET A 941 6.32 19.94 2.71
N GLU A 942 6.66 20.71 1.66
CA GLU A 942 6.98 22.14 1.68
C GLU A 942 6.53 22.75 0.36
N MET A 943 5.60 23.71 0.39
CA MET A 943 5.12 24.26 -0.87
C MET A 943 5.53 25.72 -1.17
N TYR A 944 6.06 25.91 -2.38
CA TYR A 944 6.53 27.20 -2.90
C TYR A 944 5.81 27.50 -4.22
N ALA A 945 5.67 28.79 -4.54
CA ALA A 945 5.04 29.20 -5.78
C ALA A 945 5.83 30.34 -6.42
N ASP A 946 5.89 30.34 -7.76
CA ASP A 946 6.63 31.36 -8.49
C ASP A 946 5.91 32.68 -8.41
N GLU A 947 6.65 33.79 -8.49
CA GLU A 947 6.11 35.14 -8.48
C GLU A 947 5.06 35.33 -9.60
N GLU A 948 5.33 34.78 -10.81
CA GLU A 948 4.43 34.91 -11.95
C GLU A 948 3.67 33.60 -12.25
N ALA A 949 3.39 32.84 -11.21
CA ALA A 949 2.59 31.64 -11.32
C ALA A 949 1.14 31.94 -10.89
N ARG A 950 0.18 31.04 -11.19
CA ARG A 950 -1.23 31.20 -10.84
C ARG A 950 -1.75 29.95 -10.18
N GLY A 951 -2.69 30.13 -9.25
CA GLY A 951 -3.30 29.02 -8.53
C GLY A 951 -4.62 29.42 -7.88
N GLY A 952 -5.70 28.81 -8.34
CA GLY A 952 -7.05 29.06 -7.83
C GLY A 952 -7.89 27.79 -7.78
N VAL A 953 -9.18 27.93 -7.41
CA VAL A 953 -10.10 26.80 -7.39
C VAL A 953 -10.50 26.51 -8.82
N LEU A 954 -10.72 27.56 -9.59
CA LEU A 954 -11.04 27.41 -10.99
C LEU A 954 -10.26 28.44 -11.80
N GLU A 955 -10.11 28.18 -13.10
CA GLU A 955 -9.46 29.05 -14.08
C GLU A 955 -10.20 30.38 -14.13
N PRO A 956 -9.51 31.53 -14.35
CA PRO A 956 -10.25 32.79 -14.39
C PRO A 956 -11.31 32.81 -15.50
N GLU A 957 -11.18 31.94 -16.52
CA GLU A 957 -12.13 31.83 -17.63
C GLU A 957 -13.35 31.02 -17.20
N GLY A 958 -13.19 30.24 -16.15
CA GLY A 958 -14.22 29.37 -15.60
C GLY A 958 -15.05 29.96 -14.48
N ILE A 959 -14.48 30.88 -13.67
CA ILE A 959 -15.20 31.49 -12.53
C ILE A 959 -16.17 32.54 -13.04
N ILE A 960 -15.75 33.31 -14.07
CA ILE A 960 -16.51 34.41 -14.66
C ILE A 960 -18.01 33.98 -14.99
N PRO A 961 -18.37 32.81 -15.59
CA PRO A 961 -19.81 32.53 -15.80
C PRO A 961 -20.55 32.05 -14.54
N ILE A 962 -19.91 32.11 -13.36
CA ILE A 962 -20.50 31.67 -12.08
C ILE A 962 -20.63 32.83 -11.08
N LYS A 963 -19.57 33.63 -10.89
CA LYS A 963 -19.59 34.74 -9.93
C LYS A 963 -19.77 36.11 -10.58
N TYR A 964 -19.35 36.27 -11.85
CA TYR A 964 -19.46 37.53 -12.58
C TYR A 964 -20.25 37.36 -13.88
N LYS A 965 -21.52 36.94 -13.77
CA LYS A 965 -22.46 36.72 -14.88
C LYS A 965 -22.75 38.01 -15.68
N LYS A 966 -23.44 37.88 -16.83
CA LYS A 966 -23.82 38.96 -17.76
C LYS A 966 -24.40 40.18 -17.04
N ASP A 967 -25.39 39.97 -16.16
CA ASP A 967 -26.06 41.00 -15.36
C ASP A 967 -25.11 41.72 -14.39
N LYS A 968 -24.12 41.01 -13.81
CA LYS A 968 -23.16 41.58 -12.87
C LYS A 968 -22.12 42.44 -13.60
N GLN A 969 -21.90 42.15 -14.89
CA GLN A 969 -20.96 42.87 -15.76
C GLN A 969 -21.58 44.17 -16.26
N LEU A 970 -22.90 44.15 -16.50
CA LEU A 970 -23.64 45.30 -16.98
C LEU A 970 -23.88 46.31 -15.86
N GLU A 971 -23.91 45.85 -14.59
CA GLU A 971 -24.04 46.71 -13.41
C GLU A 971 -22.76 47.51 -13.23
N THR A 972 -21.64 46.89 -13.64
CA THR A 972 -20.32 47.49 -13.59
C THR A 972 -20.09 48.28 -14.90
N MET A 973 -20.88 47.99 -15.96
CA MET A 973 -20.82 48.71 -17.24
C MET A 973 -21.52 50.05 -17.06
N ALA A 974 -22.70 50.04 -16.42
CA ALA A 974 -23.47 51.24 -16.10
C ALA A 974 -22.80 51.97 -14.92
N ARG A 975 -21.48 51.76 -14.76
CA ARG A 975 -20.67 52.33 -13.70
C ARG A 975 -19.39 52.92 -14.28
N LEU A 976 -18.61 52.15 -15.06
CA LEU A 976 -17.37 52.63 -15.66
C LEU A 976 -17.59 53.31 -17.01
N ASP A 977 -18.48 52.76 -17.86
CA ASP A 977 -18.75 53.36 -19.17
C ASP A 977 -19.64 54.60 -19.00
N PRO A 978 -19.27 55.74 -19.59
CA PRO A 978 -20.09 56.96 -19.42
C PRO A 978 -21.33 56.96 -20.32
N VAL A 979 -21.23 56.35 -21.52
CA VAL A 979 -22.30 56.29 -22.53
C VAL A 979 -23.50 55.47 -22.02
N TYR A 980 -23.22 54.27 -21.46
CA TYR A 980 -24.23 53.34 -20.98
C TYR A 980 -25.01 53.89 -19.77
N ARG A 981 -24.34 54.55 -18.79
CA ARG A 981 -25.04 55.08 -17.62
C ARG A 981 -25.83 56.34 -17.93
N SER A 982 -25.44 57.07 -18.99
CA SER A 982 -26.13 58.28 -19.44
C SER A 982 -27.44 57.91 -20.14
N LEU A 983 -27.41 56.81 -20.93
CA LEU A 983 -28.57 56.27 -21.64
C LEU A 983 -29.57 55.69 -20.64
N LYS A 984 -29.08 55.25 -19.46
CA LYS A 984 -29.84 54.68 -18.34
C LYS A 984 -30.65 55.78 -17.65
N LYS A 985 -30.13 57.02 -17.67
CA LYS A 985 -30.80 58.18 -17.07
C LYS A 985 -32.03 58.59 -17.90
N GLU A 986 -32.09 58.17 -19.19
CA GLU A 986 -33.18 58.48 -20.13
C GLU A 986 -34.41 57.63 -19.85
N MET A 987 -34.19 56.32 -19.62
CA MET A 987 -35.26 55.36 -19.33
C MET A 987 -35.88 55.60 -17.95
N ALA A 988 -35.06 56.03 -16.96
CA ALA A 988 -35.45 56.29 -15.58
C ALA A 988 -36.37 57.52 -15.43
N LYS A 989 -36.19 58.55 -16.28
CA LYS A 989 -36.93 59.82 -16.24
C LYS A 989 -38.35 59.74 -16.82
N GLU A 990 -38.70 58.64 -17.54
CA GLU A 990 -40.02 58.39 -18.17
C GLU A 990 -40.33 59.52 -19.19
N GLY A 991 -41.60 59.87 -19.35
CA GLY A 991 -42.06 60.91 -20.25
C GLY A 991 -41.74 60.69 -21.71
N LEU A 992 -41.63 59.43 -22.12
CA LEU A 992 -41.34 59.07 -23.51
C LEU A 992 -42.22 57.90 -23.94
N SER A 993 -42.94 58.08 -25.07
CA SER A 993 -43.92 57.14 -25.66
C SER A 993 -43.33 55.79 -26.09
N LYS A 994 -44.19 54.93 -26.69
CA LYS A 994 -43.85 53.59 -27.18
C LYS A 994 -42.81 53.63 -28.30
N GLU A 995 -42.86 54.66 -29.17
CA GLU A 995 -41.88 54.78 -30.26
C GLU A 995 -40.63 55.53 -29.79
N GLU A 996 -40.72 56.18 -28.63
CA GLU A 996 -39.63 56.93 -27.99
C GLU A 996 -38.76 56.04 -27.09
N SER A 997 -39.40 55.09 -26.34
CA SER A 997 -38.72 54.16 -25.44
C SER A 997 -37.94 53.11 -26.23
N ASP A 998 -38.36 52.84 -27.50
CA ASP A 998 -37.71 51.89 -28.42
C ASP A 998 -36.34 52.39 -28.83
N ASN A 999 -36.16 53.73 -28.90
CA ASN A 999 -34.91 54.40 -29.26
C ASN A 999 -33.80 54.07 -28.25
N ILE A 1000 -34.03 54.35 -26.93
CA ILE A 1000 -33.11 54.10 -25.82
C ILE A 1000 -32.70 52.62 -25.79
N LYS A 1001 -33.65 51.71 -26.07
CA LYS A 1001 -33.43 50.26 -26.10
C LYS A 1001 -32.50 49.87 -27.26
N LYS A 1002 -32.74 50.42 -28.47
CA LYS A 1002 -31.94 50.13 -29.66
C LYS A 1002 -30.62 50.89 -29.66
N LYS A 1003 -30.42 51.82 -28.72
CA LYS A 1003 -29.18 52.59 -28.58
C LYS A 1003 -28.23 51.88 -27.62
N MET A 1004 -28.76 51.35 -26.50
CA MET A 1004 -28.00 50.64 -25.48
C MET A 1004 -27.63 49.24 -25.93
N GLN A 1005 -28.61 48.50 -26.50
CA GLN A 1005 -28.42 47.13 -26.98
C GLN A 1005 -27.67 47.08 -28.33
N GLN A 1006 -26.75 48.05 -28.52
CA GLN A 1006 -25.82 48.20 -29.64
C GLN A 1006 -24.48 48.55 -29.03
N ARG A 1007 -24.52 49.45 -28.02
CA ARG A 1007 -23.38 49.91 -27.23
C ARG A 1007 -22.87 48.76 -26.36
N GLU A 1008 -23.78 48.04 -25.65
CA GLU A 1008 -23.43 46.91 -24.79
C GLU A 1008 -22.93 45.71 -25.60
N GLU A 1009 -23.33 45.61 -26.90
CA GLU A 1009 -22.94 44.53 -27.81
C GLU A 1009 -21.49 44.64 -28.23
N LEU A 1010 -20.98 45.87 -28.31
CA LEU A 1010 -19.61 46.14 -28.75
C LEU A 1010 -18.63 46.23 -27.57
N LEU A 1011 -19.13 46.60 -26.38
CA LEU A 1011 -18.33 46.71 -25.15
C LEU A 1011 -18.12 45.33 -24.51
N LEU A 1012 -19.11 44.44 -24.70
CA LEU A 1012 -19.17 43.07 -24.20
C LEU A 1012 -17.84 42.29 -24.34
N PRO A 1013 -17.12 42.24 -25.49
CA PRO A 1013 -15.89 41.45 -25.55
C PRO A 1013 -14.77 41.96 -24.66
N ILE A 1014 -14.58 43.28 -24.57
CA ILE A 1014 -13.52 43.86 -23.74
C ILE A 1014 -13.95 43.87 -22.26
N TYR A 1015 -15.26 44.02 -22.00
CA TYR A 1015 -15.79 43.99 -20.64
C TYR A 1015 -15.65 42.61 -20.04
N HIS A 1016 -15.74 41.58 -20.90
CA HIS A 1016 -15.57 40.18 -20.52
C HIS A 1016 -14.15 39.99 -20.04
N GLN A 1017 -13.18 40.43 -20.86
CA GLN A 1017 -11.76 40.33 -20.58
C GLN A 1017 -11.36 41.08 -19.31
N ILE A 1018 -12.11 42.14 -18.94
CA ILE A 1018 -11.87 42.93 -17.73
C ILE A 1018 -12.11 42.02 -16.52
N CYS A 1019 -13.26 41.33 -16.49
CA CYS A 1019 -13.60 40.42 -15.40
C CYS A 1019 -12.62 39.27 -15.36
N VAL A 1020 -12.11 38.84 -16.51
CA VAL A 1020 -11.14 37.77 -16.62
C VAL A 1020 -9.87 38.21 -15.87
N GLN A 1021 -9.35 39.42 -16.17
CA GLN A 1021 -8.16 40.00 -15.51
C GLN A 1021 -8.45 40.21 -14.02
N PHE A 1022 -9.67 40.66 -13.70
CA PHE A 1022 -10.13 40.89 -12.33
C PHE A 1022 -10.04 39.60 -11.54
N ALA A 1023 -10.53 38.51 -12.16
CA ALA A 1023 -10.54 37.17 -11.58
C ALA A 1023 -9.14 36.63 -11.49
N ASP A 1024 -8.24 37.02 -12.42
CA ASP A 1024 -6.85 36.56 -12.42
C ASP A 1024 -6.07 37.17 -11.26
N LEU A 1025 -6.43 38.40 -10.83
CA LEU A 1025 -5.78 39.08 -9.70
C LEU A 1025 -6.01 38.31 -8.39
N HIS A 1026 -7.08 37.48 -8.31
CA HIS A 1026 -7.38 36.59 -7.18
C HIS A 1026 -6.41 35.39 -7.17
N ASP A 1027 -6.21 34.76 -8.35
CA ASP A 1027 -5.35 33.60 -8.60
C ASP A 1027 -3.85 33.90 -8.46
N ARG A 1028 -3.47 35.19 -8.36
CA ARG A 1028 -2.09 35.63 -8.23
C ARG A 1028 -1.39 35.04 -7.03
N ALA A 1029 -0.07 34.98 -7.13
CA ALA A 1029 0.83 34.43 -6.14
C ALA A 1029 0.70 35.12 -4.79
N GLY A 1030 0.69 36.46 -4.78
CA GLY A 1030 0.60 37.26 -3.55
C GLY A 1030 -0.47 36.81 -2.57
N ARG A 1031 -1.67 36.50 -3.12
CA ARG A 1031 -2.86 36.03 -2.40
C ARG A 1031 -2.53 34.75 -1.65
N MET A 1032 -1.78 33.87 -2.31
CA MET A 1032 -1.37 32.58 -1.77
C MET A 1032 -0.53 32.75 -0.51
N LYS A 1033 0.49 33.65 -0.52
CA LYS A 1033 1.34 33.93 0.65
C LYS A 1033 0.54 34.60 1.75
N ALA A 1034 -0.40 35.48 1.37
CA ALA A 1034 -1.26 36.19 2.29
C ALA A 1034 -2.16 35.22 3.08
N LYS A 1035 -2.75 34.25 2.40
CA LYS A 1035 -3.59 33.28 3.08
C LYS A 1035 -2.72 32.16 3.69
N GLY A 1036 -1.39 32.20 3.46
CA GLY A 1036 -0.40 31.25 3.99
C GLY A 1036 -0.45 29.82 3.49
N VAL A 1037 -0.87 29.63 2.22
CA VAL A 1037 -0.98 28.29 1.59
C VAL A 1037 0.41 27.89 1.03
N ILE A 1038 1.35 28.88 0.95
CA ILE A 1038 2.73 28.69 0.50
C ILE A 1038 3.68 29.38 1.48
N ARG A 1039 4.96 28.93 1.51
CA ARG A 1039 5.98 29.46 2.41
C ARG A 1039 6.46 30.79 1.91
N GLN A 1040 6.99 30.80 0.67
CA GLN A 1040 7.53 31.98 0.02
C GLN A 1040 7.18 32.03 -1.46
N SER A 1041 7.23 33.25 -2.02
CA SER A 1041 7.09 33.51 -3.43
C SER A 1041 8.48 33.34 -3.98
N LEU A 1042 8.61 32.71 -5.13
CA LEU A 1042 9.96 32.50 -5.60
C LEU A 1042 10.23 33.05 -6.96
N GLN A 1043 11.43 33.63 -7.13
CA GLN A 1043 11.91 34.14 -8.39
C GLN A 1043 12.62 33.02 -9.07
N TRP A 1044 12.09 32.58 -10.21
CA TRP A 1044 12.60 31.46 -10.98
C TRP A 1044 14.12 31.56 -11.23
N ARG A 1045 14.64 32.78 -11.42
CA ARG A 1045 16.06 33.06 -11.64
C ARG A 1045 16.93 32.49 -10.52
N GLN A 1046 16.53 32.72 -9.27
CA GLN A 1046 17.34 32.27 -8.14
C GLN A 1046 16.68 31.12 -7.39
N SER A 1047 16.00 30.20 -8.13
CA SER A 1047 15.35 29.00 -7.57
C SER A 1047 16.41 28.02 -7.11
N ARG A 1048 17.42 27.82 -7.97
CA ARG A 1048 18.59 26.95 -7.76
C ARG A 1048 19.28 27.33 -6.45
N ARG A 1049 19.64 28.61 -6.33
CA ARG A 1049 20.30 29.19 -5.18
C ARG A 1049 19.50 28.98 -3.89
N PHE A 1050 18.17 29.10 -3.96
CA PHE A 1050 17.30 28.93 -2.79
C PHE A 1050 17.19 27.46 -2.38
N PHE A 1051 16.84 26.57 -3.33
CA PHE A 1051 16.63 25.16 -3.03
C PHE A 1051 17.91 24.47 -2.63
N TYR A 1052 19.09 24.93 -3.12
CA TYR A 1052 20.35 24.28 -2.71
C TYR A 1052 20.50 24.25 -1.20
N TRP A 1053 20.28 25.39 -0.55
CA TRP A 1053 20.41 25.51 0.89
C TRP A 1053 19.14 25.03 1.60
N ARG A 1054 17.94 25.11 0.97
CA ARG A 1054 16.74 24.62 1.64
C ARG A 1054 16.68 23.08 1.63
N VAL A 1055 17.20 22.43 0.56
CA VAL A 1055 17.22 20.97 0.50
C VAL A 1055 18.24 20.46 1.53
N ARG A 1056 19.45 21.03 1.50
CA ARG A 1056 20.53 20.69 2.41
C ARG A 1056 20.10 20.91 3.86
N ARG A 1057 19.45 22.07 4.20
CA ARG A 1057 18.99 22.42 5.56
C ARG A 1057 18.00 21.40 6.06
N ARG A 1058 17.03 21.04 5.20
CA ARG A 1058 15.99 20.11 5.57
C ARG A 1058 16.58 18.74 5.76
N LEU A 1059 17.54 18.33 4.91
CA LEU A 1059 18.15 17.00 4.99
C LEU A 1059 18.98 16.81 6.29
N ILE A 1060 19.75 17.83 6.71
CA ILE A 1060 20.56 17.74 7.92
C ILE A 1060 19.65 17.83 9.13
N GLU A 1061 18.70 18.78 9.12
CA GLU A 1061 17.73 18.99 10.19
C GLU A 1061 16.86 17.75 10.41
N ASP A 1062 16.19 17.24 9.33
CA ASP A 1062 15.34 16.03 9.39
C ASP A 1062 16.09 14.95 10.18
N ASP A 1063 17.36 14.66 9.83
CA ASP A 1063 18.19 13.68 10.52
C ASP A 1063 18.46 14.05 12.00
N ILE A 1064 18.79 15.30 12.31
CA ILE A 1064 19.04 15.71 13.69
C ILE A 1064 17.77 15.47 14.53
N LEU A 1065 16.59 15.76 13.96
CA LEU A 1065 15.29 15.56 14.61
C LEU A 1065 14.98 14.09 14.77
N ARG A 1066 15.33 13.28 13.74
CA ARG A 1066 15.17 11.82 13.75
C ARG A 1066 16.01 11.24 14.89
N ARG A 1067 17.22 11.82 15.11
CA ARG A 1067 18.19 11.45 16.15
C ARG A 1067 17.75 11.92 17.52
N ILE A 1068 17.04 13.07 17.58
CA ILE A 1068 16.51 13.64 18.83
C ILE A 1068 15.44 12.68 19.34
N GLU A 1069 14.52 12.29 18.44
CA GLU A 1069 13.43 11.38 18.72
C GLU A 1069 13.97 10.00 19.11
N GLU A 1070 15.02 9.52 18.42
CA GLU A 1070 15.64 8.21 18.70
C GLU A 1070 16.32 8.19 20.08
N ALA A 1071 16.77 9.36 20.57
CA ALA A 1071 17.39 9.50 21.88
C ALA A 1071 16.33 9.64 22.97
N ILE A 1072 15.30 10.50 22.71
CA ILE A 1072 14.17 10.78 23.62
C ILE A 1072 13.27 9.52 23.77
N ASN A 1073 12.56 9.14 22.68
CA ASN A 1073 11.61 8.03 22.66
C ASN A 1073 12.15 6.81 21.91
N PRO A 1074 12.70 5.78 22.61
CA PRO A 1074 13.20 4.58 21.89
C PRO A 1074 12.07 3.66 21.37
N ALA A 1075 10.84 4.23 21.12
CA ALA A 1075 9.61 3.60 20.60
C ALA A 1075 9.62 3.52 19.07
N ASN A 1084 0.51 18.92 11.43
CA ASN A 1084 -0.25 17.72 11.16
C ASN A 1084 -1.73 17.99 11.41
N THR A 1085 -2.06 18.27 12.70
CA THR A 1085 -3.38 18.42 13.32
C THR A 1085 -4.21 19.66 12.79
N SER A 1086 -3.60 20.60 12.01
CA SER A 1086 -4.38 21.73 11.51
C SER A 1086 -3.95 22.17 10.11
N LEU A 1087 -4.69 23.18 9.55
CA LEU A 1087 -4.39 23.85 8.29
C LEU A 1087 -3.15 24.71 8.49
N ALA A 1088 -2.89 25.05 9.77
CA ALA A 1088 -1.79 25.88 10.26
C ALA A 1088 -0.43 25.21 10.10
N ALA A 1089 -0.38 23.87 10.22
CA ALA A 1089 0.84 23.06 10.10
C ALA A 1089 1.69 23.45 8.90
N SER A 1090 2.77 24.12 9.22
CA SER A 1090 3.71 24.60 8.26
C SER A 1090 5.07 24.04 8.62
N PRO A 1091 5.90 23.68 7.61
CA PRO A 1091 7.23 23.09 7.87
C PRO A 1091 8.08 23.74 8.95
N GLU A 1092 7.85 25.01 9.24
CA GLU A 1092 8.60 25.71 10.28
C GLU A 1092 8.20 25.18 11.69
N THR A 1093 7.19 24.31 11.75
CA THR A 1093 6.70 23.65 12.96
C THR A 1093 6.44 22.15 12.70
N ARG A 1094 6.94 21.58 11.58
CA ARG A 1094 6.77 20.17 11.15
C ARG A 1094 7.05 19.11 12.27
N SER A 1095 7.81 19.51 13.31
CA SER A 1095 8.21 18.70 14.48
C SER A 1095 8.08 19.50 15.77
N PRO A 1096 7.70 18.84 16.88
CA PRO A 1096 7.60 19.56 18.17
C PRO A 1096 8.97 19.85 18.81
N HIS A 1097 10.03 19.21 18.29
CA HIS A 1097 11.40 19.37 18.75
C HIS A 1097 12.09 20.57 18.12
N LEU A 1098 11.58 21.07 16.97
CA LEU A 1098 12.13 22.23 16.25
C LEU A 1098 12.16 23.50 17.12
N VAL A 1099 11.64 23.40 18.34
CA VAL A 1099 11.60 24.45 19.34
C VAL A 1099 12.84 24.30 20.25
N GLN A 1100 13.19 23.05 20.62
CA GLN A 1100 14.36 22.75 21.45
C GLN A 1100 15.64 23.00 20.65
N LEU A 1101 15.72 22.44 19.42
CA LEU A 1101 16.85 22.56 18.49
C LEU A 1101 17.11 24.03 18.17
N GLU A 1102 16.04 24.82 18.05
CA GLU A 1102 16.06 26.25 17.80
C GLU A 1102 16.93 26.95 18.84
N SER A 1103 16.69 26.66 20.15
CA SER A 1103 17.39 27.25 21.30
C SER A 1103 18.83 26.72 21.47
N TRP A 1104 19.14 25.49 21.01
CA TRP A 1104 20.50 24.95 21.08
C TRP A 1104 21.39 25.64 20.05
N VAL A 1105 20.81 25.94 18.87
CA VAL A 1105 21.47 26.60 17.74
C VAL A 1105 21.80 28.05 18.15
N GLY A 1106 20.76 28.86 18.36
CA GLY A 1106 20.88 30.25 18.78
C GLY A 1106 20.85 31.30 17.69
N ILE A 1107 20.60 30.90 16.43
CA ILE A 1107 20.55 31.82 15.28
C ILE A 1107 19.20 32.58 15.29
N PRO A 1108 19.22 33.93 15.16
CA PRO A 1108 17.96 34.69 15.13
C PRO A 1108 17.03 34.23 13.99
N GLY A 1109 17.49 34.39 12.75
CA GLY A 1109 16.71 33.97 11.59
C GLY A 1109 16.87 32.48 11.38
N PHE A 1110 16.27 31.69 12.27
CA PHE A 1110 16.40 30.22 12.25
C PHE A 1110 15.49 29.53 11.22
N LYS A 1111 14.18 29.87 11.21
CA LYS A 1111 13.18 29.30 10.30
C LYS A 1111 13.53 29.62 8.84
N THR A 1112 14.17 30.78 8.61
CA THR A 1112 14.65 31.29 7.34
C THR A 1112 16.14 30.97 7.25
N ASN A 1113 17.05 31.95 6.93
CA ASN A 1113 18.52 31.90 6.75
C ASN A 1113 19.10 30.47 6.70
N ASP A 1114 18.61 29.68 5.72
CA ASP A 1114 18.96 28.27 5.47
C ASP A 1114 20.47 28.03 5.37
N ARG A 1115 21.19 28.92 4.67
CA ARG A 1115 22.62 28.84 4.50
C ARG A 1115 23.34 28.94 5.85
N GLU A 1116 22.95 29.91 6.69
CA GLU A 1116 23.52 30.16 8.02
C GLU A 1116 23.35 28.97 8.94
N VAL A 1117 22.20 28.29 8.82
CA VAL A 1117 21.83 27.11 9.61
C VAL A 1117 22.71 25.91 9.25
N VAL A 1118 22.74 25.51 7.96
CA VAL A 1118 23.52 24.38 7.44
C VAL A 1118 24.97 24.46 7.96
N GLU A 1119 25.62 25.61 7.70
CA GLU A 1119 27.01 25.91 8.05
C GLU A 1119 27.23 25.85 9.56
N TRP A 1120 26.16 26.06 10.37
CA TRP A 1120 26.29 25.97 11.82
C TRP A 1120 26.42 24.52 12.26
N TYR A 1121 25.57 23.64 11.71
CA TYR A 1121 25.59 22.23 12.04
C TYR A 1121 26.92 21.60 11.72
N GLU A 1122 27.46 21.96 10.54
CA GLU A 1122 28.73 21.48 10.01
C GLU A 1122 29.87 21.84 10.93
N GLN A 1123 29.86 23.07 11.46
CA GLN A 1123 30.87 23.55 12.40
C GLN A 1123 30.66 22.92 13.79
N ASN A 1124 29.43 22.91 14.33
CA ASN A 1124 29.15 22.37 15.67
C ASN A 1124 28.56 20.92 15.60
N GLN A 1125 29.25 20.04 14.87
CA GLN A 1125 28.92 18.62 14.75
C GLN A 1125 29.10 17.94 16.12
N ASP A 1126 30.09 18.41 16.89
CA ASP A 1126 30.44 17.85 18.20
C ASP A 1126 29.51 18.34 19.31
N ARG A 1127 29.00 19.57 19.21
CA ARG A 1127 28.11 20.13 20.24
C ARG A 1127 26.73 19.45 20.17
N ILE A 1128 26.27 19.00 18.99
CA ILE A 1128 24.97 18.35 18.90
C ILE A 1128 25.07 16.97 19.54
N ASN A 1129 26.15 16.25 19.23
CA ASN A 1129 26.44 14.90 19.74
C ASN A 1129 26.69 14.94 21.26
N GLU A 1130 27.03 16.14 21.79
CA GLU A 1130 27.21 16.39 23.22
C GLU A 1130 25.82 16.42 23.88
N LYS A 1131 24.87 17.11 23.21
CA LYS A 1131 23.49 17.29 23.67
C LYS A 1131 22.64 16.02 23.48
N LEU A 1132 23.00 15.17 22.50
CA LEU A 1132 22.27 13.92 22.27
C LEU A 1132 22.54 12.94 23.41
N GLU A 1133 23.83 12.84 23.86
CA GLU A 1133 24.27 11.94 24.93
C GLU A 1133 23.70 12.38 26.28
N LYS A 1134 23.49 13.69 26.47
CA LYS A 1134 22.88 14.27 27.66
C LYS A 1134 21.43 13.78 27.75
N LEU A 1135 20.72 13.83 26.61
CA LEU A 1135 19.32 13.44 26.45
C LEU A 1135 19.12 11.93 26.48
N LYS A 1136 20.11 11.17 25.99
CA LYS A 1136 20.06 9.72 25.95
C LYS A 1136 20.15 9.14 27.35
N LYS A 1137 20.97 9.75 28.24
CA LYS A 1137 21.13 9.31 29.63
C LYS A 1137 19.89 9.71 30.44
N GLU A 1138 19.27 10.84 30.07
CA GLU A 1138 18.07 11.37 30.70
C GLU A 1138 16.85 10.50 30.37
N SER A 1139 16.73 10.02 29.11
CA SER A 1139 15.63 9.17 28.65
C SER A 1139 15.76 7.74 29.21
N ILE A 1140 17.01 7.31 29.50
CA ILE A 1140 17.29 5.99 30.06
C ILE A 1140 16.85 5.99 31.54
N ALA A 1141 16.97 7.14 32.21
CA ALA A 1141 16.57 7.34 33.61
C ALA A 1141 15.03 7.28 33.75
N ASP A 1142 14.29 7.64 32.69
CA ASP A 1142 12.82 7.62 32.67
C ASP A 1142 12.30 6.20 32.53
N GLN A 1143 12.92 5.41 31.63
CA GLN A 1143 12.56 4.01 31.33
C GLN A 1143 12.84 3.11 32.55
N MET A 1144 13.94 3.40 33.30
CA MET A 1144 14.33 2.67 34.52
C MET A 1144 13.30 2.92 35.62
N ARG A 1145 12.82 4.17 35.74
CA ARG A 1145 11.85 4.64 36.74
C ARG A 1145 10.44 4.10 36.46
N GLU A 1146 10.07 3.96 35.18
CA GLU A 1146 8.76 3.43 34.77
C GLU A 1146 8.67 1.93 35.05
N LEU A 1147 9.84 1.27 35.12
CA LEU A 1147 9.97 -0.17 35.37
C LEU A 1147 9.97 -0.47 36.87
N UNK A 1150 2.42 -3.21 45.25
CA UNK A 1150 2.66 -4.41 44.44
C UNK A 1150 3.86 -4.22 43.48
N UNK A 1151 3.87 -3.09 42.74
CA UNK A 1151 4.93 -2.69 41.78
C UNK A 1151 6.28 -2.54 42.50
N UNK A 1152 6.24 -1.89 43.68
CA UNK A 1152 7.38 -1.68 44.58
C UNK A 1152 7.96 -3.03 45.04
N UNK A 1153 7.06 -3.98 45.42
CA UNK A 1153 7.40 -5.34 45.85
C UNK A 1153 8.13 -6.06 44.73
N UNK A 1154 7.59 -5.95 43.48
CA UNK A 1154 8.18 -6.50 42.26
C UNK A 1154 9.60 -5.99 42.08
N UNK A 1155 9.77 -4.64 42.13
CA UNK A 1155 11.05 -3.93 42.02
C UNK A 1155 12.07 -4.47 43.07
N UNK A 1156 11.61 -4.69 44.33
CA UNK A 1156 12.42 -5.23 45.43
C UNK A 1156 12.92 -6.64 45.08
N UNK A 1157 12.02 -7.46 44.54
CA UNK A 1157 12.31 -8.82 44.11
C UNK A 1157 13.36 -8.81 42.97
N UNK A 1158 13.21 -7.88 41.98
CA UNK A 1158 14.11 -7.67 40.84
C UNK A 1158 15.52 -7.24 41.31
N UNK A 1159 15.56 -6.43 42.41
CA UNK A 1159 16.78 -5.97 43.08
C UNK A 1159 17.48 -7.16 43.74
N UNK A 1160 16.70 -8.02 44.42
CA UNK A 1160 17.18 -9.24 45.08
C UNK A 1160 17.81 -10.20 44.06
N UNK A 1161 17.23 -10.25 42.82
CA UNK A 1161 17.66 -11.07 41.68
C UNK A 1161 18.87 -10.43 40.94
N ILE B 74 -31.42 65.08 18.76
CA ILE B 74 -31.12 64.17 19.87
C ILE B 74 -32.37 63.83 20.67
N ARG B 75 -32.42 62.61 21.27
CA ARG B 75 -33.56 62.14 22.07
C ARG B 75 -33.62 62.88 23.42
N LYS B 76 -34.38 63.99 23.46
CA LYS B 76 -34.60 64.83 24.65
C LYS B 76 -35.44 64.08 25.70
N GLY B 77 -34.96 64.07 26.94
CA GLY B 77 -35.62 63.40 28.08
C GLY B 77 -36.50 64.34 28.87
N VAL B 78 -37.80 63.98 29.07
CA VAL B 78 -38.79 64.84 29.77
C VAL B 78 -39.40 64.10 30.97
N ILE B 79 -39.50 64.78 32.15
CA ILE B 79 -40.10 64.25 33.39
C ILE B 79 -40.97 65.37 34.03
N VAL B 80 -42.31 65.33 33.83
CA VAL B 80 -43.27 66.31 34.35
C VAL B 80 -44.12 65.69 35.49
N PRO B 81 -43.67 65.68 36.79
CA PRO B 81 -44.49 65.09 37.85
C PRO B 81 -45.73 65.94 38.17
N CYS B 82 -46.93 65.31 38.11
CA CYS B 82 -48.24 65.94 38.36
C CYS B 82 -48.93 65.25 39.57
N LYS B 83 -49.50 66.06 40.48
CA LYS B 83 -50.14 65.65 41.74
C LYS B 83 -51.42 64.77 41.60
N ASP B 84 -52.23 64.98 40.54
CA ASP B 84 -53.49 64.26 40.31
C ASP B 84 -53.62 63.73 38.86
N LEU B 85 -54.54 62.76 38.65
CA LEU B 85 -54.83 62.11 37.36
C LEU B 85 -55.52 63.05 36.36
N LEU B 86 -56.49 63.85 36.86
CA LEU B 86 -57.27 64.80 36.07
C LEU B 86 -56.41 66.00 35.69
N ASP B 87 -55.61 66.52 36.66
CA ASP B 87 -54.72 67.67 36.52
C ASP B 87 -53.48 67.32 35.69
N ALA B 88 -53.22 66.02 35.47
CA ALA B 88 -52.10 65.52 34.68
C ALA B 88 -52.23 65.93 33.21
N GLU B 89 -53.47 66.10 32.71
CA GLU B 89 -53.78 66.50 31.34
C GLU B 89 -53.24 67.91 31.02
N GLU B 90 -53.29 68.84 31.99
CA GLU B 90 -52.82 70.22 31.83
C GLU B 90 -51.28 70.30 31.78
N ALA B 91 -50.59 69.25 32.29
CA ALA B 91 -49.14 69.11 32.26
C ALA B 91 -48.72 68.22 31.07
N LEU B 92 -49.60 68.14 30.05
CA LEU B 92 -49.44 67.39 28.79
C LEU B 92 -49.48 68.38 27.64
N SER B 93 -50.68 68.98 27.39
CA SER B 93 -50.95 69.94 26.31
C SER B 93 -50.09 71.21 26.43
N ARG B 94 -49.76 71.63 27.68
CA ARG B 94 -48.94 72.81 27.96
C ARG B 94 -47.45 72.47 28.11
N ALA B 95 -47.11 71.27 28.61
CA ALA B 95 -45.71 70.82 28.77
C ALA B 95 -45.07 70.45 27.43
N LEU B 96 -45.90 70.08 26.43
CA LEU B 96 -45.46 69.73 25.06
C LEU B 96 -44.95 70.96 24.28
N GLU B 97 -45.34 72.19 24.73
CA GLU B 97 -44.95 73.47 24.12
C GLU B 97 -43.45 73.76 24.25
N VAL B 98 -42.71 72.98 25.07
CA VAL B 98 -41.25 73.11 25.26
C VAL B 98 -40.55 72.02 24.42
N LEU B 99 -41.00 71.83 23.15
CA LEU B 99 -40.46 70.84 22.21
C LEU B 99 -40.41 71.37 20.77
N PRO B 100 -39.22 71.73 20.24
CA PRO B 100 -39.14 72.23 18.86
C PRO B 100 -39.17 71.08 17.84
N ALA B 141 -37.17 61.75 20.49
CA ALA B 141 -37.47 62.34 21.80
C ALA B 141 -38.21 61.35 22.71
N VAL B 142 -38.18 61.56 24.05
CA VAL B 142 -38.85 60.70 25.07
C VAL B 142 -39.48 61.55 26.21
N VAL B 143 -40.69 61.16 26.68
CA VAL B 143 -41.41 61.87 27.75
C VAL B 143 -41.95 60.90 28.85
N ASN B 144 -41.75 61.27 30.13
CA ASN B 144 -42.20 60.56 31.34
C ASN B 144 -43.18 61.44 32.13
N VAL B 145 -44.32 60.88 32.61
CA VAL B 145 -45.37 61.60 33.38
C VAL B 145 -45.62 60.90 34.73
N ALA B 146 -45.16 61.50 35.85
CA ALA B 146 -45.31 60.94 37.19
C ALA B 146 -46.61 61.38 37.86
N VAL B 147 -47.13 60.53 38.76
CA VAL B 147 -48.34 60.84 39.51
C VAL B 147 -48.10 60.56 40.99
N ARG B 148 -48.39 61.55 41.83
CA ARG B 148 -48.22 61.52 43.28
C ARG B 148 -49.50 61.03 43.99
N ASP B 149 -50.30 60.14 43.35
CA ASP B 149 -51.51 59.66 43.99
C ASP B 149 -51.45 58.15 44.32
N ALA B 150 -50.80 57.84 45.46
CA ALA B 150 -50.66 56.50 46.02
C ALA B 150 -51.97 56.03 46.65
N GLU B 151 -52.93 56.97 46.73
CA GLU B 151 -54.28 56.84 47.30
C GLU B 151 -55.13 55.71 46.65
N GLY B 152 -55.54 55.92 45.40
CA GLY B 152 -56.37 55.00 44.64
C GLY B 152 -55.63 54.41 43.47
N LYS B 153 -55.34 53.11 43.55
CA LYS B 153 -54.64 52.37 42.52
C LYS B 153 -55.65 51.66 41.63
N ASN B 154 -56.15 52.38 40.60
CA ASN B 154 -57.11 51.85 39.64
C ASN B 154 -56.42 50.86 38.70
N ASP B 155 -57.18 49.91 38.14
CA ASP B 155 -56.73 48.94 37.14
C ASP B 155 -57.86 48.82 36.12
N GLU B 156 -57.56 49.02 34.80
CA GLU B 156 -58.54 49.10 33.70
C GLU B 156 -59.21 50.49 33.73
N GLU B 157 -59.55 50.96 34.94
CA GLU B 157 -60.13 52.28 35.22
C GLU B 157 -59.07 53.36 35.23
N ILE B 158 -57.79 52.96 35.33
CA ILE B 158 -56.63 53.85 35.22
C ILE B 158 -56.21 53.84 33.74
N LEU B 159 -56.62 52.77 32.99
CA LEU B 159 -56.38 52.57 31.55
C LEU B 159 -57.45 53.30 30.74
N ALA B 160 -58.62 53.54 31.35
CA ALA B 160 -59.71 54.28 30.75
C ALA B 160 -59.61 55.75 31.18
N LEU B 161 -58.58 56.08 31.98
CA LEU B 161 -58.29 57.41 32.55
C LEU B 161 -57.01 58.02 31.93
N ILE B 162 -56.25 57.24 31.13
CA ILE B 162 -55.01 57.66 30.45
C ILE B 162 -55.22 57.65 28.94
N LYS B 163 -56.17 56.82 28.44
CA LYS B 163 -56.52 56.72 27.03
C LYS B 163 -57.23 57.99 26.52
N PRO B 164 -58.12 58.71 27.31
CA PRO B 164 -58.75 59.91 26.75
C PRO B 164 -57.78 61.06 26.54
N TRP B 165 -56.66 61.12 27.32
CA TRP B 165 -55.64 62.18 27.18
C TRP B 165 -54.75 61.97 25.94
N VAL B 166 -54.59 60.70 25.47
CA VAL B 166 -53.73 60.33 24.33
C VAL B 166 -54.51 60.30 22.97
N GLN B 167 -55.81 59.91 22.97
CA GLN B 167 -56.60 59.85 21.74
C GLN B 167 -56.98 61.28 21.29
N ASN B 168 -57.11 62.21 22.26
CA ASN B 168 -57.45 63.62 22.04
C ASN B 168 -56.23 64.39 21.53
N SER B 169 -55.03 64.13 22.10
CA SER B 169 -53.78 64.76 21.68
C SER B 169 -52.98 63.79 20.77
N LYS B 170 -53.68 63.16 19.79
CA LYS B 170 -53.13 62.22 18.81
C LYS B 170 -52.27 62.93 17.75
N ALA B 171 -52.41 64.26 17.63
CA ALA B 171 -51.67 65.12 16.70
C ALA B 171 -50.66 66.04 17.41
N ASP B 172 -50.85 66.25 18.73
CA ASP B 172 -50.00 67.09 19.59
C ASP B 172 -48.65 66.41 19.85
N LEU B 173 -48.68 65.14 20.27
CA LEU B 173 -47.49 64.32 20.55
C LEU B 173 -46.80 63.89 19.25
N LEU B 174 -47.60 63.77 18.16
CA LEU B 174 -47.19 63.41 16.80
C LEU B 174 -46.32 64.51 16.15
N ALA B 175 -46.72 65.78 16.29
CA ALA B 175 -46.04 66.94 15.72
C ALA B 175 -44.62 67.18 16.27
N ARG B 176 -44.42 67.02 17.60
CA ARG B 176 -43.13 67.25 18.26
C ARG B 176 -42.13 66.11 17.97
N ARG B 177 -42.60 65.02 17.34
CA ARG B 177 -41.86 63.82 16.91
C ARG B 177 -41.26 63.05 18.11
N VAL B 178 -42.01 62.98 19.23
CA VAL B 178 -41.62 62.24 20.43
C VAL B 178 -42.09 60.76 20.25
N ARG B 179 -41.17 59.78 20.42
CA ARG B 179 -41.49 58.36 20.20
C ARG B 179 -42.14 57.65 21.41
N ARG B 180 -41.52 57.68 22.61
CA ARG B 180 -42.06 57.00 23.81
C ARG B 180 -42.70 57.99 24.80
N LEU B 181 -43.85 57.59 25.38
CA LEU B 181 -44.63 58.35 26.37
C LEU B 181 -44.93 57.42 27.57
N THR B 182 -44.17 57.57 28.67
CA THR B 182 -44.29 56.75 29.88
C THR B 182 -45.16 57.46 30.95
N PHE B 183 -45.68 56.69 31.93
CA PHE B 183 -46.50 57.13 33.07
C PHE B 183 -46.08 56.38 34.35
N ILE B 184 -45.49 57.07 35.33
CA ILE B 184 -45.04 56.46 36.60
C ILE B 184 -46.10 56.71 37.69
N CYS B 185 -46.58 55.65 38.37
CA CYS B 185 -47.56 55.75 39.47
C CYS B 185 -47.03 54.99 40.72
N GLY B 186 -46.36 55.74 41.62
CA GLY B 186 -45.72 55.22 42.82
C GLY B 186 -46.55 55.19 44.09
N ARG B 187 -46.13 54.35 45.07
CA ARG B 187 -46.79 54.15 46.37
C ARG B 187 -45.82 54.52 47.53
N ASN B 188 -46.31 55.29 48.53
CA ASN B 188 -45.55 55.84 49.68
C ASN B 188 -45.06 54.78 50.72
N ASP B 189 -45.27 53.48 50.45
CA ASP B 189 -44.88 52.41 51.38
C ASP B 189 -43.71 51.54 50.87
N GLY B 190 -43.18 51.86 49.69
CA GLY B 190 -42.08 51.13 49.08
C GLY B 190 -42.48 50.24 47.93
N SER B 191 -43.81 50.11 47.68
CA SER B 191 -44.39 49.30 46.60
C SER B 191 -44.06 49.92 45.24
N TYR B 192 -43.37 49.14 44.39
CA TYR B 192 -42.86 49.51 43.07
C TYR B 192 -43.93 50.18 42.13
N PRO B 193 -43.54 51.23 41.37
CA PRO B 193 -44.52 51.98 40.53
C PRO B 193 -45.15 51.21 39.36
N SER B 194 -46.30 51.72 38.86
CA SER B 194 -47.04 51.18 37.73
C SER B 194 -46.82 52.05 36.46
N TYR B 195 -46.19 51.47 35.40
CA TYR B 195 -45.83 52.13 34.12
C TYR B 195 -46.73 51.75 32.93
N TYR B 196 -47.08 52.76 32.10
CA TYR B 196 -47.91 52.63 30.90
C TYR B 196 -47.21 53.40 29.77
N THR B 197 -46.72 52.70 28.73
CA THR B 197 -45.94 53.36 27.65
C THR B 197 -46.66 53.34 26.29
N PHE B 198 -46.68 54.49 25.62
CA PHE B 198 -47.29 54.72 24.31
C PHE B 198 -46.18 54.98 23.28
N ARG B 199 -46.12 54.17 22.20
CA ARG B 199 -45.04 54.27 21.18
C ARG B 199 -45.57 54.19 19.74
N GLY B 200 -44.85 54.81 18.80
CA GLY B 200 -45.15 54.78 17.38
C GLY B 200 -45.79 56.02 16.79
N PRO B 201 -46.57 55.89 15.70
CA PRO B 201 -47.20 57.08 15.11
C PRO B 201 -48.50 57.47 15.80
N ASP B 202 -49.41 56.50 16.00
CA ASP B 202 -50.71 56.71 16.65
C ASP B 202 -50.62 56.45 18.16
N TYR B 203 -49.50 55.86 18.63
CA TYR B 203 -49.20 55.52 20.04
C TYR B 203 -50.27 54.56 20.57
N ALA B 204 -50.27 53.33 20.01
CA ALA B 204 -51.22 52.25 20.28
C ALA B 204 -51.08 51.61 21.68
N GLU B 205 -50.02 51.98 22.43
CA GLU B 205 -49.65 51.49 23.77
C GLU B 205 -49.15 50.06 23.63
N ASP B 206 -47.83 49.86 23.82
CA ASP B 206 -47.28 48.51 23.76
C ASP B 206 -47.51 47.85 25.11
N ASP B 207 -48.32 46.83 25.04
CA ASP B 207 -48.79 45.92 26.06
C ASP B 207 -47.61 45.24 26.77
N SER B 208 -46.55 44.99 26.00
CA SER B 208 -45.30 44.35 26.39
C SER B 208 -44.66 45.06 27.56
N ILE B 209 -44.39 46.38 27.43
CA ILE B 209 -43.81 47.21 28.49
C ILE B 209 -44.92 47.75 29.36
N ARG B 210 -45.02 47.20 30.55
CA ARG B 210 -45.94 47.61 31.58
C ARG B 210 -45.22 47.42 32.88
N HIS B 211 -45.53 48.26 33.87
CA HIS B 211 -44.97 48.25 35.24
C HIS B 211 -43.42 48.19 35.24
N ILE B 212 -42.77 48.62 34.13
CA ILE B 212 -41.32 48.58 34.05
C ILE B 212 -40.78 49.77 33.22
N GLU B 213 -39.53 50.17 33.52
CA GLU B 213 -38.82 51.26 32.84
C GLU B 213 -38.38 50.81 31.43
N PRO B 214 -38.10 51.71 30.45
CA PRO B 214 -37.67 51.21 29.14
C PRO B 214 -36.40 50.39 29.23
N SER B 215 -35.42 50.84 30.04
CA SER B 215 -34.15 50.15 30.29
C SER B 215 -34.41 48.87 31.06
N LEU B 216 -35.38 48.92 31.97
CA LEU B 216 -35.76 47.79 32.78
C LEU B 216 -36.44 46.70 31.93
N ALA B 217 -37.11 47.11 30.82
CA ALA B 217 -37.82 46.24 29.89
C ALA B 217 -36.92 45.19 29.24
N PHE B 218 -35.64 45.50 29.09
CA PHE B 218 -34.71 44.59 28.48
C PHE B 218 -34.53 43.34 29.31
N GLN B 219 -34.53 43.47 30.65
CA GLN B 219 -34.42 42.30 31.55
C GLN B 219 -35.42 41.20 31.14
N LEU B 220 -36.61 41.64 30.67
CA LEU B 220 -37.76 40.83 30.26
C LEU B 220 -37.47 40.02 29.01
N GLU B 221 -36.55 40.56 28.20
CA GLU B 221 -36.08 40.06 26.93
C GLU B 221 -37.11 40.35 25.84
N LEU B 222 -37.90 39.34 25.40
CA LEU B 222 -38.89 39.38 24.31
C LEU B 222 -38.21 39.36 22.93
N GLY B 223 -36.87 39.33 22.95
CA GLY B 223 -36.03 39.21 21.77
C GLY B 223 -35.85 37.74 21.50
N ARG B 224 -36.36 36.92 22.41
CA ARG B 224 -36.37 35.47 22.37
C ARG B 224 -37.73 34.99 21.86
N LEU B 225 -38.58 35.95 21.44
CA LEU B 225 -39.92 35.70 20.94
C LEU B 225 -40.09 36.55 19.69
N SER B 226 -39.12 36.42 18.80
CA SER B 226 -39.08 37.15 17.56
C SER B 226 -39.95 36.48 16.53
N LYS B 227 -39.99 35.14 16.56
CA LYS B 227 -40.75 34.32 15.61
C LYS B 227 -42.21 34.12 16.06
N PHE B 228 -42.72 35.04 16.87
CA PHE B 228 -44.09 34.96 17.35
C PHE B 228 -44.84 36.29 17.26
N LYS B 229 -46.18 36.22 17.15
CA LYS B 229 -47.09 37.36 17.17
C LYS B 229 -47.70 37.39 18.58
N LEU B 230 -47.14 38.24 19.46
CA LEU B 230 -47.53 38.32 20.88
C LEU B 230 -48.70 39.26 21.11
N THR B 231 -49.66 38.81 21.92
CA THR B 231 -50.84 39.56 22.35
C THR B 231 -50.98 39.25 23.85
N PRO B 232 -50.66 40.19 24.75
CA PRO B 232 -50.67 39.88 26.20
C PRO B 232 -52.07 39.77 26.79
N VAL B 233 -52.12 39.29 28.04
CA VAL B 233 -53.35 39.10 28.78
C VAL B 233 -53.18 39.66 30.23
N PHE B 234 -54.29 40.11 30.87
CA PHE B 234 -54.36 40.67 32.25
C PHE B 234 -53.72 39.77 33.29
N THR B 235 -52.93 40.40 34.15
CA THR B 235 -52.26 39.75 35.28
C THR B 235 -52.63 40.51 36.54
N GLN B 236 -53.05 39.78 37.57
CA GLN B 236 -53.43 40.30 38.90
C GLN B 236 -52.19 40.88 39.61
N ASN B 237 -51.01 40.24 39.41
CA ASN B 237 -49.69 40.63 39.90
C ASN B 237 -49.03 41.44 38.78
N LYS B 238 -48.67 42.70 39.07
CA LYS B 238 -48.10 43.62 38.09
C LYS B 238 -46.68 43.21 37.64
N ASN B 239 -45.96 42.41 38.47
CA ASN B 239 -44.61 41.89 38.24
C ASN B 239 -44.56 40.91 37.08
N ILE B 240 -45.60 40.05 36.95
CA ILE B 240 -45.70 38.98 35.95
C ILE B 240 -46.50 39.45 34.70
N HIS B 241 -46.11 38.95 33.52
CA HIS B 241 -46.76 39.27 32.24
C HIS B 241 -46.94 38.02 31.44
N VAL B 242 -48.17 37.79 30.98
CA VAL B 242 -48.44 36.60 30.17
C VAL B 242 -48.88 37.06 28.77
N TYR B 243 -48.30 36.40 27.73
CA TYR B 243 -48.51 36.68 26.31
C TYR B 243 -49.02 35.48 25.55
N GLU B 244 -50.01 35.70 24.67
CA GLU B 244 -50.59 34.66 23.81
C GLU B 244 -49.79 34.64 22.50
N ALA B 245 -48.79 33.78 22.45
CA ALA B 245 -47.96 33.67 21.28
C ALA B 245 -48.58 32.69 20.29
N VAL B 246 -48.57 33.09 19.01
CA VAL B 246 -49.08 32.33 17.86
C VAL B 246 -47.98 32.35 16.77
N GLY B 247 -47.73 31.20 16.14
CA GLY B 247 -46.72 31.03 15.10
C GLY B 247 -46.93 31.97 13.93
N ARG B 248 -45.93 32.83 13.66
CA ARG B 248 -45.95 33.83 12.59
C ARG B 248 -46.17 33.16 11.23
N GLY B 249 -45.42 32.08 10.97
CA GLY B 249 -45.53 31.31 9.74
C GLY B 249 -46.78 30.46 9.73
N VAL B 250 -46.77 29.36 10.51
CA VAL B 250 -47.90 28.44 10.61
C VAL B 250 -48.75 28.79 11.86
N GLU B 251 -50.09 28.73 11.72
CA GLU B 251 -51.07 29.09 12.77
C GLU B 251 -51.37 27.96 13.78
N THR B 252 -50.97 26.70 13.48
CA THR B 252 -51.18 25.50 14.32
C THR B 252 -50.54 25.67 15.73
N ASP B 253 -49.50 26.52 15.82
CA ASP B 253 -48.80 26.82 17.04
C ASP B 253 -49.53 27.91 17.83
N ARG B 254 -49.80 27.63 19.12
CA ARG B 254 -50.46 28.52 20.07
C ARG B 254 -49.88 28.22 21.45
N ARG B 255 -49.10 29.16 22.00
CA ARG B 255 -48.40 28.97 23.28
C ARG B 255 -48.51 30.18 24.17
N TYR B 256 -48.52 29.96 25.49
CA TYR B 256 -48.55 31.02 26.50
C TYR B 256 -47.14 31.15 27.12
N PHE B 257 -46.44 32.24 26.81
CA PHE B 257 -45.12 32.53 27.35
C PHE B 257 -45.26 33.50 28.48
N THR B 258 -44.73 33.13 29.66
CA THR B 258 -44.77 33.93 30.87
C THR B 258 -43.41 34.59 31.07
N ARG B 259 -43.43 35.87 31.48
CA ARG B 259 -42.19 36.63 31.73
C ARG B 259 -42.34 37.41 33.01
N ALA B 260 -41.51 37.06 34.00
CA ALA B 260 -41.51 37.68 35.32
C ALA B 260 -40.14 38.23 35.72
N VAL B 261 -40.13 39.46 36.29
CA VAL B 261 -38.95 40.16 36.79
C VAL B 261 -39.10 40.31 38.31
N VAL B 262 -38.24 39.59 39.06
CA VAL B 262 -38.31 39.65 40.53
C VAL B 262 -37.37 40.76 41.02
N ARG B 263 -37.97 41.69 41.79
CA ARG B 263 -37.30 42.84 42.40
C ARG B 263 -37.00 42.52 43.87
N PRO B 264 -35.85 42.97 44.42
CA PRO B 264 -35.51 42.62 45.80
C PRO B 264 -36.04 43.62 46.84
N GLY B 265 -36.34 43.10 48.04
CA GLY B 265 -36.80 43.91 49.17
C GLY B 265 -35.65 44.46 49.97
N ARG B 266 -35.60 45.79 50.15
CA ARG B 266 -34.55 46.51 50.89
C ARG B 266 -34.63 46.19 52.39
N LEU B 267 -33.49 46.32 53.11
CA LEU B 267 -33.30 46.03 54.54
C LEU B 267 -33.37 44.51 54.78
N ALA B 274 -30.30 33.79 53.01
CA ALA B 274 -29.79 32.60 52.35
C ALA B 274 -30.93 31.76 51.78
N GLU B 275 -31.79 31.21 52.66
CA GLU B 275 -32.94 30.39 52.23
C GLU B 275 -34.13 31.30 51.88
N TYR B 276 -33.79 32.56 51.58
CA TYR B 276 -34.68 33.65 51.21
C TYR B 276 -35.20 33.44 49.79
N LEU B 277 -34.25 33.22 48.85
CA LEU B 277 -34.50 33.04 47.43
C LEU B 277 -35.37 31.80 47.13
N ILE B 278 -35.16 30.68 47.86
CA ILE B 278 -35.92 29.44 47.65
C ILE B 278 -37.38 29.65 48.08
N SER B 279 -37.61 30.44 49.15
CA SER B 279 -38.95 30.78 49.65
C SER B 279 -39.61 31.82 48.73
N GLU B 280 -38.78 32.70 48.15
CA GLU B 280 -39.20 33.72 47.20
C GLU B 280 -39.65 33.05 45.91
N ALA B 281 -38.95 31.97 45.50
CA ALA B 281 -39.23 31.17 44.30
C ALA B 281 -40.61 30.54 44.37
N ASP B 282 -40.98 30.03 45.56
CA ASP B 282 -42.28 29.40 45.81
C ASP B 282 -43.44 30.40 45.60
N ARG B 283 -43.25 31.64 46.09
CA ARG B 283 -44.21 32.73 46.00
C ARG B 283 -44.42 33.17 44.54
N VAL B 284 -43.32 33.33 43.78
CA VAL B 284 -43.37 33.79 42.39
C VAL B 284 -43.89 32.69 41.44
N VAL B 285 -43.48 31.44 41.62
CA VAL B 285 -43.95 30.39 40.72
C VAL B 285 -45.43 30.07 41.01
N ASN B 286 -45.87 30.17 42.29
CA ASN B 286 -47.27 29.93 42.67
C ASN B 286 -48.15 31.02 42.06
N ASP B 287 -47.67 32.28 42.04
CA ASP B 287 -48.35 33.43 41.44
C ASP B 287 -48.55 33.22 39.95
N ILE B 288 -47.53 32.65 39.26
CA ILE B 288 -47.54 32.35 37.82
C ILE B 288 -48.55 31.22 37.55
N PHE B 289 -48.52 30.17 38.39
CA PHE B 289 -49.40 29.01 38.32
C PHE B 289 -50.87 29.39 38.56
N ASP B 290 -51.12 30.30 39.52
CA ASP B 290 -52.45 30.79 39.85
C ASP B 290 -53.00 31.69 38.72
N ALA B 291 -52.11 32.40 38.00
CA ALA B 291 -52.50 33.27 36.88
C ALA B 291 -52.74 32.47 35.62
N LEU B 292 -51.95 31.40 35.42
CA LEU B 292 -52.12 30.52 34.26
C LEU B 292 -53.41 29.74 34.41
N GLU B 293 -53.88 29.61 35.65
CA GLU B 293 -55.12 28.94 36.03
C GLU B 293 -56.35 29.75 35.53
N ILE B 294 -56.39 31.06 35.85
CA ILE B 294 -57.50 31.98 35.49
C ILE B 294 -57.54 32.24 33.98
N ILE B 295 -56.37 32.28 33.32
CA ILE B 295 -56.30 32.47 31.87
C ILE B 295 -56.65 31.12 31.23
N GLY B 296 -56.42 30.05 31.98
CA GLY B 296 -56.73 28.68 31.57
C GLY B 296 -55.65 28.03 30.73
N THR B 297 -55.64 26.69 30.71
CA THR B 297 -54.71 25.88 29.91
C THR B 297 -55.08 26.01 28.42
N ASN B 298 -56.40 26.18 28.13
CA ASN B 298 -57.02 26.33 26.80
C ASN B 298 -56.51 25.23 25.85
N LYS B 299 -55.91 25.65 24.73
CA LYS B 299 -55.31 24.79 23.73
C LYS B 299 -53.89 25.29 23.48
N THR B 300 -52.90 24.70 24.20
CA THR B 300 -51.48 25.09 24.10
C THR B 300 -50.57 23.88 23.90
N ASP B 301 -49.66 23.96 22.90
CA ASP B 301 -48.70 22.90 22.55
C ASP B 301 -47.56 22.85 23.59
N LEU B 302 -47.03 24.02 23.94
CA LEU B 302 -45.96 24.18 24.92
C LEU B 302 -46.20 25.42 25.72
N ASN B 303 -45.61 25.49 26.91
CA ASN B 303 -45.73 26.66 27.75
C ASN B 303 -44.41 26.88 28.48
N HIS B 304 -43.98 28.13 28.53
CA HIS B 304 -42.71 28.50 29.12
C HIS B 304 -42.88 29.68 30.03
N MET B 305 -42.02 29.75 31.05
CA MET B 305 -42.00 30.84 32.02
C MET B 305 -40.55 31.23 32.36
N PHE B 306 -40.27 32.53 32.30
CA PHE B 306 -38.94 33.06 32.59
C PHE B 306 -38.99 33.90 33.86
N ILE B 307 -38.04 33.65 34.78
CA ILE B 307 -37.96 34.38 36.06
C ILE B 307 -36.57 35.02 36.19
N ASN B 308 -36.52 36.36 35.99
CA ASN B 308 -35.31 37.19 36.00
C ASN B 308 -35.07 37.82 37.38
N PHE B 309 -33.94 37.43 38.02
CA PHE B 309 -33.52 37.95 39.33
C PHE B 309 -32.61 39.16 39.16
N SER B 310 -33.03 40.29 39.77
CA SER B 310 -32.32 41.56 39.73
C SER B 310 -31.29 41.67 40.86
N HIS B 311 -31.42 40.86 41.94
CA HIS B 311 -30.48 40.92 43.07
C HIS B 311 -29.27 39.97 42.88
N THR B 312 -28.09 40.48 43.28
CA THR B 312 -26.78 39.81 43.21
C THR B 312 -26.43 39.08 44.57
N PHE B 313 -27.40 38.29 45.11
CA PHE B 313 -27.28 37.48 46.36
C PHE B 313 -26.26 36.36 46.15
N GLN B 314 -25.25 36.22 47.08
CA GLN B 314 -24.15 35.24 47.02
C GLN B 314 -24.69 33.80 46.80
N VAL B 315 -24.47 33.25 45.57
CA VAL B 315 -24.93 31.94 45.11
C VAL B 315 -23.76 30.94 44.84
N THR B 316 -23.96 29.69 45.28
CA THR B 316 -23.11 28.52 45.03
C THR B 316 -24.07 27.53 44.40
N ALA B 317 -24.11 27.54 43.06
CA ALA B 317 -25.00 26.74 42.22
C ALA B 317 -25.07 25.24 42.58
N ASP B 318 -23.97 24.66 43.12
CA ASP B 318 -23.91 23.25 43.53
C ASP B 318 -24.95 22.94 44.63
N GLU B 319 -25.26 23.94 45.49
CA GLU B 319 -26.25 23.83 46.56
C GLU B 319 -27.65 24.18 46.04
N VAL B 320 -27.71 25.03 44.98
CA VAL B 320 -28.92 25.50 44.31
C VAL B 320 -29.60 24.32 43.60
N ALA B 321 -28.79 23.43 43.00
CA ALA B 321 -29.23 22.25 42.25
C ALA B 321 -30.02 21.26 43.12
N GLU B 322 -29.53 20.96 44.33
CA GLU B 322 -30.16 20.04 45.27
C GLU B 322 -31.52 20.62 45.74
N SER B 323 -31.54 21.93 46.08
CA SER B 323 -32.74 22.63 46.52
C SER B 323 -33.78 22.74 45.40
N LEU B 324 -33.32 22.86 44.13
CA LEU B 324 -34.13 22.94 42.90
C LEU B 324 -35.03 21.70 42.81
N GLN B 325 -34.42 20.52 42.97
CA GLN B 325 -35.03 19.20 42.97
C GLN B 325 -36.23 19.14 43.94
N GLY B 326 -36.07 19.74 45.11
CA GLY B 326 -37.07 19.79 46.17
C GLY B 326 -38.42 20.37 45.83
N PHE B 327 -38.46 21.63 45.34
CA PHE B 327 -39.74 22.31 45.05
C PHE B 327 -40.33 21.97 43.67
N LEU B 328 -39.53 21.51 42.70
CA LEU B 328 -40.06 21.19 41.36
C LEU B 328 -40.96 19.96 41.36
N ASP B 329 -40.74 19.01 42.30
CA ASP B 329 -41.57 17.80 42.36
C ASP B 329 -42.96 18.10 42.96
N ARG B 330 -43.11 19.22 43.69
CA ARG B 330 -44.36 19.64 44.31
C ARG B 330 -45.20 20.43 43.31
N PHE B 331 -44.57 21.39 42.61
CA PHE B 331 -45.21 22.23 41.62
C PHE B 331 -45.42 21.49 40.28
N GLY B 332 -44.49 20.57 39.95
CA GLY B 332 -44.51 19.75 38.75
C GLY B 332 -45.87 19.22 38.31
N PRO B 333 -46.63 18.49 39.19
CA PRO B 333 -47.95 17.98 38.79
C PRO B 333 -48.87 19.08 38.25
N ARG B 334 -48.95 20.23 38.95
CA ARG B 334 -49.77 21.38 38.55
C ARG B 334 -49.32 21.93 37.20
N GLY B 335 -47.99 22.06 37.04
CA GLY B 335 -47.35 22.56 35.82
C GLY B 335 -47.61 21.67 34.62
N TRP B 336 -47.75 20.35 34.87
CA TRP B 336 -48.02 19.37 33.84
C TRP B 336 -49.46 19.52 33.28
N ARG B 337 -50.39 19.97 34.13
CA ARG B 337 -51.80 20.16 33.79
C ARG B 337 -52.00 21.40 32.90
N LEU B 338 -51.31 22.50 33.24
CA LEU B 338 -51.35 23.77 32.51
C LEU B 338 -50.71 23.64 31.13
N ARG B 339 -50.05 22.48 30.87
CA ARG B 339 -49.34 22.09 29.64
C ARG B 339 -47.96 22.82 29.54
N VAL B 340 -47.36 23.15 30.71
CA VAL B 340 -46.05 23.83 30.84
C VAL B 340 -44.92 22.83 30.57
N HIS B 341 -44.08 23.13 29.56
CA HIS B 341 -42.98 22.24 29.22
C HIS B 341 -41.64 22.67 29.84
N GLN B 342 -41.35 23.97 29.96
CA GLN B 342 -40.07 24.37 30.55
C GLN B 342 -40.12 25.69 31.31
N VAL B 343 -39.13 25.87 32.20
CA VAL B 343 -38.95 27.02 33.09
C VAL B 343 -37.47 27.44 33.07
N GLU B 344 -37.21 28.75 32.94
CA GLU B 344 -35.85 29.29 32.92
C GLU B 344 -35.64 30.33 34.03
N ILE B 345 -34.76 30.02 35.00
CA ILE B 345 -34.40 30.86 36.16
C ILE B 345 -33.04 31.54 35.88
N ARG B 346 -32.93 32.85 36.19
CA ARG B 346 -31.70 33.61 35.97
C ARG B 346 -31.23 34.25 37.31
N ILE B 347 -30.28 33.57 38.01
CA ILE B 347 -29.69 34.01 39.29
C ILE B 347 -28.25 34.53 39.10
N ASN B 348 -27.89 35.65 39.78
CA ASN B 348 -26.56 36.24 39.73
C ASN B 348 -25.77 35.81 40.99
N CYS B 349 -24.50 35.37 40.85
CA CYS B 349 -23.71 34.93 42.01
C CYS B 349 -22.46 35.83 42.28
N MET B 350 -22.52 36.59 43.39
CA MET B 350 -21.46 37.47 43.87
C MET B 350 -20.24 36.62 44.31
N ARG B 351 -20.52 35.47 44.95
CA ARG B 351 -19.51 34.51 45.38
C ARG B 351 -19.02 33.75 44.14
N SER B 352 -17.85 34.15 43.62
CA SER B 352 -17.25 33.55 42.43
C SER B 352 -15.97 32.78 42.77
N GLU B 357 -14.84 45.16 43.77
CA GLU B 357 -15.76 44.38 44.59
C GLU B 357 -15.71 42.89 44.18
N ASN B 358 -16.86 42.24 43.96
CA ASN B 358 -16.91 40.82 43.54
C ASN B 358 -17.69 40.69 42.23
N ASP B 359 -17.15 39.89 41.28
CA ASP B 359 -17.73 39.64 39.95
C ASP B 359 -18.97 38.73 40.05
N THR B 360 -20.16 39.24 39.62
CA THR B 360 -21.44 38.51 39.67
C THR B 360 -21.66 37.72 38.35
N MET B 361 -21.38 36.40 38.42
CA MET B 361 -21.50 35.43 37.33
C MET B 361 -22.96 34.98 37.21
N PRO B 362 -23.71 35.40 36.16
CA PRO B 362 -25.11 34.99 36.06
C PRO B 362 -25.22 33.52 35.60
N LEU B 363 -26.00 32.70 36.34
CA LEU B 363 -26.19 31.27 36.08
C LEU B 363 -27.65 30.93 35.72
N ARG B 364 -27.94 30.71 34.41
CA ARG B 364 -29.27 30.34 33.92
C ARG B 364 -29.50 28.83 34.12
N VAL B 365 -30.76 28.40 34.28
CA VAL B 365 -31.08 26.97 34.46
C VAL B 365 -32.39 26.64 33.74
N ILE B 366 -32.34 25.64 32.85
CA ILE B 366 -33.49 25.20 32.07
C ILE B 366 -33.91 23.81 32.54
N ILE B 367 -35.16 23.72 32.99
CA ILE B 367 -35.81 22.53 33.51
C ILE B 367 -36.94 22.16 32.54
N THR B 368 -36.78 21.04 31.81
CA THR B 368 -37.80 20.62 30.83
C THR B 368 -38.45 19.30 31.25
N ASN B 369 -39.77 19.21 31.02
CA ASN B 369 -40.61 18.05 31.34
C ASN B 369 -40.73 17.16 30.11
N THR B 370 -39.62 16.55 29.71
CA THR B 370 -39.60 15.65 28.57
C THR B 370 -39.74 14.20 29.08
N SER B 371 -40.85 13.52 28.70
CA SER B 371 -41.24 12.13 28.99
C SER B 371 -42.08 11.96 30.29
N GLY B 372 -42.98 12.90 30.58
CA GLY B 372 -43.82 12.83 31.76
C GLY B 372 -43.09 13.09 33.06
N PHE B 373 -41.77 12.82 33.09
CA PHE B 373 -40.85 13.06 34.20
C PHE B 373 -39.77 14.00 33.75
N VAL B 374 -39.56 15.11 34.51
CA VAL B 374 -38.60 16.18 34.23
C VAL B 374 -37.29 15.61 33.69
N ILE B 375 -36.47 14.96 34.58
CA ILE B 375 -35.16 14.33 34.36
C ILE B 375 -34.25 15.19 33.39
N GLN B 376 -34.33 16.54 33.54
CA GLN B 376 -33.60 17.50 32.72
C GLN B 376 -33.24 18.76 33.54
N ILE B 377 -32.14 18.67 34.30
CA ILE B 377 -31.65 19.78 35.10
C ILE B 377 -30.35 20.27 34.46
N GLU B 378 -30.46 21.32 33.65
CA GLU B 378 -29.31 21.85 32.92
C GLU B 378 -28.82 23.13 33.58
N LEU B 379 -27.67 23.04 34.26
CA LEU B 379 -27.07 24.16 34.97
C LEU B 379 -26.04 24.85 34.05
N TYR B 380 -26.40 26.04 33.53
CA TYR B 380 -25.60 26.83 32.59
C TYR B 380 -24.77 27.91 33.27
N GLU B 381 -23.91 28.55 32.47
CA GLU B 381 -23.02 29.62 32.87
C GLU B 381 -22.97 30.63 31.72
N GLU B 382 -23.30 31.89 32.04
CA GLU B 382 -23.33 32.99 31.06
C GLU B 382 -21.91 33.56 30.87
N LYS B 383 -21.18 33.08 29.81
CA LYS B 383 -19.82 33.49 29.43
C LYS B 383 -19.79 33.92 27.96
N LEU B 384 -18.94 34.91 27.64
CA LEU B 384 -18.76 35.45 26.29
C LEU B 384 -17.95 34.48 25.42
N SER B 385 -18.43 34.24 24.18
CA SER B 385 -17.80 33.34 23.22
C SER B 385 -16.55 33.92 22.54
N GLU B 386 -16.18 35.17 22.90
CA GLU B 386 -15.08 35.96 22.35
C GLU B 386 -15.53 36.61 21.03
N LYS B 387 -16.60 36.07 20.41
CA LYS B 387 -17.22 36.53 19.16
C LYS B 387 -18.17 37.74 19.37
N GLY B 388 -18.37 38.15 20.62
CA GLY B 388 -19.22 39.28 20.97
C GLY B 388 -20.61 38.91 21.44
N GLU B 389 -20.91 37.60 21.52
CA GLU B 389 -22.20 37.07 21.98
C GLU B 389 -22.03 36.35 23.29
N TRP B 390 -23.07 36.36 24.13
CA TRP B 390 -23.05 35.66 25.42
C TRP B 390 -23.65 34.29 25.21
N VAL B 391 -22.86 33.25 25.50
CA VAL B 391 -23.31 31.90 25.23
C VAL B 391 -23.56 31.07 26.48
N TYR B 392 -24.29 29.97 26.25
CA TYR B 392 -24.78 28.98 27.20
C TYR B 392 -23.79 27.85 27.43
N TYR B 393 -22.79 28.08 28.29
CA TYR B 393 -21.75 27.10 28.63
C TYR B 393 -22.20 26.33 29.87
N TYR B 394 -22.72 25.10 29.70
CA TYR B 394 -23.22 24.39 30.88
C TYR B 394 -22.22 23.44 31.54
N VAL B 395 -22.28 23.44 32.89
CA VAL B 395 -21.56 22.58 33.83
C VAL B 395 -22.69 21.95 34.67
N SER B 396 -23.69 21.37 33.95
CA SER B 396 -24.94 20.77 34.45
C SER B 396 -24.75 19.61 35.39
N GLY B 397 -25.82 19.30 36.12
CA GLY B 397 -25.92 18.15 37.02
C GLY B 397 -26.29 16.91 36.25
N ASN B 398 -26.59 17.10 34.94
CA ASN B 398 -26.92 16.08 33.93
C ASN B 398 -25.61 15.39 33.48
N ALA B 399 -25.72 14.20 32.83
CA ALA B 399 -24.58 13.41 32.34
C ALA B 399 -23.80 14.10 31.19
N LYS B 400 -24.09 15.40 30.95
CA LYS B 400 -23.53 16.30 29.93
C LYS B 400 -24.00 15.87 28.52
N ILE B 401 -25.02 14.99 28.47
CA ILE B 401 -25.71 14.48 27.27
C ILE B 401 -27.13 15.06 27.34
N GLY B 402 -27.28 16.27 26.82
CA GLY B 402 -28.54 16.99 26.82
C GLY B 402 -28.56 18.17 25.85
N SER B 403 -29.76 18.74 25.63
CA SER B 403 -30.05 19.83 24.69
C SER B 403 -29.39 21.16 24.99
N MET B 404 -29.10 21.96 23.93
CA MET B 404 -28.65 23.35 24.00
C MET B 404 -27.30 23.53 24.70
N HIS B 405 -26.31 23.98 23.95
CA HIS B 405 -24.98 24.27 24.47
C HIS B 405 -24.24 25.17 23.54
N LEU B 406 -23.55 26.17 24.10
CA LEU B 406 -22.77 27.19 23.40
C LEU B 406 -23.64 27.82 22.30
N LEU B 407 -24.79 28.36 22.74
CA LEU B 407 -25.76 29.04 21.87
C LEU B 407 -25.97 30.44 22.40
N PRO B 408 -26.15 31.48 21.54
CA PRO B 408 -26.29 32.84 22.08
C PRO B 408 -27.58 32.99 22.89
N VAL B 409 -27.62 34.04 23.70
CA VAL B 409 -28.74 34.35 24.59
C VAL B 409 -29.97 34.84 23.80
N SER B 410 -29.77 35.30 22.55
CA SER B 410 -30.82 35.82 21.67
C SER B 410 -31.48 34.75 20.74
N THR B 411 -31.56 33.45 21.18
CA THR B 411 -32.22 32.38 20.41
C THR B 411 -33.72 32.72 20.29
N PRO B 412 -34.47 32.29 19.25
CA PRO B 412 -35.84 32.80 19.12
C PRO B 412 -36.96 31.89 19.65
N TYR B 413 -36.64 30.81 20.40
CA TYR B 413 -37.59 29.79 20.89
C TYR B 413 -38.31 29.23 19.65
N PRO B 414 -37.70 28.25 18.99
CA PRO B 414 -38.25 27.76 17.72
C PRO B 414 -39.69 27.32 17.74
N THR B 415 -40.40 27.71 16.68
CA THR B 415 -41.78 27.39 16.41
C THR B 415 -41.84 26.13 15.58
N LYS B 416 -43.04 25.68 15.24
CA LYS B 416 -43.24 24.55 14.36
C LYS B 416 -43.11 25.08 12.93
N ASN B 417 -42.70 24.22 12.00
CA ASN B 417 -42.58 24.46 10.55
C ASN B 417 -41.33 25.22 10.08
N TRP B 418 -40.34 25.46 10.95
CA TRP B 418 -39.11 26.14 10.50
C TRP B 418 -38.36 25.28 9.50
N LEU B 419 -38.30 23.97 9.73
CA LEU B 419 -37.58 23.03 8.89
C LEU B 419 -38.21 22.82 7.53
N GLN B 420 -39.53 22.67 7.45
CA GLN B 420 -40.25 22.39 6.21
C GLN B 420 -39.65 23.12 4.98
N PRO B 421 -39.30 24.44 4.99
CA PRO B 421 -38.72 25.05 3.78
C PRO B 421 -37.36 24.45 3.40
N LYS B 422 -36.52 24.16 4.40
CA LYS B 422 -35.21 23.54 4.19
C LYS B 422 -35.39 22.11 3.68
N ARG B 423 -36.39 21.39 4.23
CA ARG B 423 -36.74 20.01 3.87
C ARG B 423 -37.09 19.96 2.40
N TYR B 424 -37.97 20.87 1.96
CA TYR B 424 -38.42 20.98 0.58
C TYR B 424 -37.25 21.25 -0.36
N LYS B 425 -36.32 22.15 0.04
CA LYS B 425 -35.17 22.53 -0.77
C LYS B 425 -34.28 21.31 -1.04
N ALA B 426 -34.11 20.42 -0.04
CA ALA B 426 -33.32 19.22 -0.21
C ALA B 426 -34.06 18.21 -1.06
N HIS B 427 -35.38 18.12 -0.85
CA HIS B 427 -36.26 17.18 -1.53
C HIS B 427 -36.42 17.51 -3.03
N ILE B 428 -36.16 18.76 -3.48
CA ILE B 428 -36.27 19.08 -4.92
C ILE B 428 -34.98 18.66 -5.62
N LEU B 429 -33.95 18.30 -4.83
CA LEU B 429 -32.67 17.83 -5.31
C LEU B 429 -32.57 16.29 -5.26
N GLY B 430 -33.59 15.64 -4.68
CA GLY B 430 -33.68 14.19 -4.55
C GLY B 430 -32.84 13.58 -3.45
N THR B 431 -32.85 14.22 -2.27
CA THR B 431 -32.09 13.79 -1.09
C THR B 431 -32.80 14.23 0.17
N GLN B 432 -32.63 13.46 1.25
CA GLN B 432 -33.21 13.78 2.53
C GLN B 432 -32.48 14.95 3.14
N TYR B 433 -33.18 15.79 3.90
CA TYR B 433 -32.54 16.89 4.60
C TYR B 433 -31.67 16.27 5.66
N VAL B 434 -30.45 16.76 5.77
CA VAL B 434 -29.36 16.27 6.62
C VAL B 434 -29.80 15.80 8.02
N TYR B 435 -30.63 16.57 8.73
CA TYR B 435 -31.06 16.20 10.09
C TYR B 435 -32.15 15.11 10.14
N ASP B 436 -32.62 14.60 8.97
CA ASP B 436 -33.59 13.51 8.87
C ASP B 436 -32.87 12.15 8.84
N PHE B 437 -31.55 12.17 8.56
CA PHE B 437 -30.70 10.99 8.47
C PHE B 437 -30.54 10.22 9.80
N PRO B 438 -30.41 10.85 11.00
CA PRO B 438 -30.31 10.05 12.24
C PRO B 438 -31.52 9.13 12.45
N GLU B 439 -32.74 9.57 12.08
CA GLU B 439 -33.92 8.73 12.21
C GLU B 439 -33.98 7.62 11.12
N LEU B 440 -33.31 7.84 9.95
CA LEU B 440 -33.23 6.81 8.90
C LEU B 440 -32.43 5.63 9.43
N PHE B 441 -31.39 5.93 10.22
CA PHE B 441 -30.53 4.94 10.87
C PHE B 441 -31.29 4.18 11.96
N ARG B 442 -32.17 4.86 12.72
CA ARG B 442 -32.96 4.20 13.75
C ARG B 442 -33.83 3.11 13.10
N GLN B 443 -34.55 3.46 12.01
CA GLN B 443 -35.44 2.55 11.29
C GLN B 443 -34.70 1.38 10.60
N ALA B 444 -33.44 1.61 10.13
CA ALA B 444 -32.65 0.56 9.50
C ALA B 444 -32.27 -0.49 10.54
N ILE B 445 -32.00 -0.04 11.79
CA ILE B 445 -31.66 -0.87 12.96
C ILE B 445 -32.94 -1.54 13.46
N GLN B 446 -34.07 -0.80 13.43
CA GLN B 446 -35.40 -1.30 13.80
C GLN B 446 -35.74 -2.52 12.92
N ASN B 447 -35.50 -2.39 11.59
CA ASN B 447 -35.71 -3.44 10.59
C ASN B 447 -34.74 -4.59 10.82
N SER B 448 -33.53 -4.25 11.33
CA SER B 448 -32.47 -5.21 11.61
C SER B 448 -32.89 -6.16 12.72
N TRP B 449 -33.72 -5.71 13.67
CA TRP B 449 -34.15 -6.59 14.74
C TRP B 449 -35.36 -7.40 14.31
N THR B 450 -36.36 -6.76 13.67
CA THR B 450 -37.58 -7.41 13.19
C THR B 450 -37.30 -8.59 12.25
N GLU B 451 -36.19 -8.56 11.53
CA GLU B 451 -35.80 -9.63 10.63
C GLU B 451 -35.02 -10.73 11.35
N ALA B 452 -34.22 -10.36 12.36
CA ALA B 452 -33.41 -11.27 13.17
C ALA B 452 -34.23 -12.05 14.19
N VAL B 453 -35.38 -11.48 14.63
CA VAL B 453 -36.28 -12.13 15.60
C VAL B 453 -37.04 -13.26 14.87
N LYS B 454 -37.21 -13.12 13.52
CA LYS B 454 -37.85 -14.10 12.65
C LYS B 454 -36.93 -15.31 12.51
N LYS B 455 -35.67 -15.11 12.04
CA LYS B 455 -34.64 -16.14 11.83
C LYS B 455 -34.20 -16.78 13.15
N ILE B 456 -34.01 -15.96 14.19
CA ILE B 456 -33.61 -16.41 15.51
C ILE B 456 -34.72 -16.03 16.47
N PRO B 457 -35.67 -16.93 16.71
CA PRO B 457 -36.73 -16.60 17.66
C PRO B 457 -36.16 -16.67 19.08
N SER B 458 -37.01 -16.48 20.11
CA SER B 458 -36.69 -16.48 21.55
C SER B 458 -35.65 -15.41 21.88
N LEU B 459 -34.40 -15.57 21.41
CA LEU B 459 -33.31 -14.63 21.54
C LEU B 459 -33.67 -13.44 20.65
N ALA B 460 -34.47 -12.58 21.26
CA ALA B 460 -35.14 -11.40 20.75
C ALA B 460 -35.54 -10.54 21.92
N ALA B 461 -35.31 -11.07 23.13
CA ALA B 461 -35.62 -10.45 24.41
C ALA B 461 -34.79 -9.20 24.64
N LYS B 462 -33.67 -9.06 23.92
CA LYS B 462 -32.78 -7.92 24.05
C LYS B 462 -33.14 -6.78 23.08
N GLN B 463 -34.31 -6.85 22.41
CA GLN B 463 -34.81 -5.81 21.50
C GLN B 463 -35.16 -4.59 22.37
N PRO B 464 -34.70 -3.38 22.00
CA PRO B 464 -34.93 -2.23 22.89
C PRO B 464 -36.14 -1.35 22.55
N ALA B 465 -37.18 -1.92 21.87
CA ALA B 465 -38.42 -1.26 21.42
C ALA B 465 -38.20 -0.44 20.12
N ILE B 466 -39.14 0.44 19.74
CA ILE B 466 -39.06 1.27 18.52
C ILE B 466 -38.06 2.44 18.74
N GLY B 467 -38.15 3.09 19.90
CA GLY B 467 -37.23 4.13 20.32
C GLY B 467 -36.09 3.44 21.04
N GLU B 468 -35.07 4.18 21.52
CA GLU B 468 -33.90 3.63 22.24
C GLU B 468 -33.04 2.67 21.37
N CYS B 469 -33.37 2.53 20.06
CA CYS B 469 -32.64 1.71 19.10
C CYS B 469 -31.23 2.24 18.94
N ILE B 470 -31.14 3.55 18.68
CA ILE B 470 -29.88 4.30 18.53
C ILE B 470 -29.85 5.41 19.57
N ASP B 471 -28.65 5.88 19.95
CA ASP B 471 -28.48 6.95 20.93
C ASP B 471 -27.38 7.89 20.45
N TYR B 472 -27.79 8.85 19.60
CA TYR B 472 -26.93 9.83 18.95
C TYR B 472 -26.87 11.16 19.67
N ASN B 473 -25.81 11.90 19.40
CA ASN B 473 -25.54 13.22 19.91
C ASN B 473 -24.73 13.99 18.89
N GLU B 474 -25.19 15.21 18.53
CA GLU B 474 -24.52 16.08 17.55
C GLU B 474 -23.09 16.41 17.94
N LEU B 475 -22.28 16.74 16.95
CA LEU B 475 -20.90 17.10 17.16
C LEU B 475 -20.71 18.46 16.57
N VAL B 476 -20.18 19.39 17.37
CA VAL B 476 -19.92 20.75 16.91
C VAL B 476 -18.59 21.19 17.50
N LEU B 477 -17.78 21.90 16.69
CA LEU B 477 -16.46 22.43 17.05
C LEU B 477 -16.50 23.29 18.31
N GLY B 478 -15.74 22.83 19.31
CA GLY B 478 -15.63 23.45 20.62
C GLY B 478 -14.87 24.75 20.65
N ASP B 479 -14.63 25.27 21.87
CA ASP B 479 -13.94 26.52 22.12
C ASP B 479 -12.55 26.52 21.49
N GLN B 480 -11.71 25.54 21.85
CA GLN B 480 -10.36 25.52 21.29
C GLN B 480 -10.31 24.53 20.14
N ASP B 481 -11.37 24.57 19.32
CA ASP B 481 -11.64 23.82 18.10
C ASP B 481 -11.44 22.32 18.30
N ASN B 482 -11.97 21.82 19.43
CA ASN B 482 -11.95 20.40 19.81
C ASN B 482 -13.41 19.99 19.95
N LEU B 483 -13.86 19.12 19.03
CA LEU B 483 -15.23 18.60 18.88
C LEU B 483 -15.91 18.29 20.22
N ALA B 484 -17.19 18.71 20.35
CA ALA B 484 -17.95 18.49 21.57
C ALA B 484 -19.32 17.89 21.28
N GLU B 485 -19.71 16.91 22.12
CA GLU B 485 -20.96 16.17 22.08
C GLU B 485 -22.08 17.06 22.60
N VAL B 486 -23.01 17.42 21.71
CA VAL B 486 -24.12 18.31 22.04
C VAL B 486 -25.43 17.60 21.70
N SER B 487 -26.48 17.84 22.47
CA SER B 487 -27.78 17.27 22.17
C SER B 487 -28.72 18.43 21.96
N ARG B 488 -28.69 19.10 20.80
CA ARG B 488 -29.51 20.28 20.55
C ARG B 488 -30.51 20.06 19.42
N GLU B 489 -31.36 21.08 19.20
CA GLU B 489 -32.41 21.11 18.20
C GLU B 489 -31.91 20.79 16.81
N PRO B 490 -32.70 20.02 16.01
CA PRO B 490 -32.29 19.74 14.64
C PRO B 490 -32.25 21.03 13.87
N GLY B 491 -31.30 21.16 12.98
CA GLY B 491 -31.06 22.40 12.27
C GLY B 491 -30.14 23.23 13.14
N MET B 492 -30.02 24.52 12.83
CA MET B 492 -29.17 25.47 13.57
C MET B 492 -27.69 25.18 13.33
N ASN B 493 -27.38 24.54 12.21
CA ASN B 493 -26.01 24.25 11.85
C ASN B 493 -25.33 25.56 11.39
N SER B 494 -24.22 25.90 12.06
CA SER B 494 -23.40 27.10 11.83
C SER B 494 -22.51 27.01 10.57
N THR B 495 -22.16 25.77 10.19
CA THR B 495 -21.29 25.43 9.05
C THR B 495 -22.04 24.52 8.06
N GLY B 496 -21.49 24.36 6.84
CA GLY B 496 -22.07 23.53 5.79
C GLY B 496 -21.80 22.04 5.95
N MET B 497 -21.48 21.58 7.20
CA MET B 497 -21.17 20.19 7.60
C MET B 497 -21.70 19.88 9.00
N VAL B 498 -22.18 18.64 9.23
CA VAL B 498 -22.67 18.20 10.55
C VAL B 498 -22.26 16.74 10.80
N GLY B 499 -22.08 16.42 12.08
CA GLY B 499 -21.71 15.09 12.54
C GLY B 499 -22.41 14.66 13.81
N TRP B 500 -22.43 13.32 14.02
CA TRP B 500 -23.02 12.65 15.17
C TRP B 500 -22.19 11.44 15.59
N LEU B 501 -22.19 11.17 16.88
CA LEU B 501 -21.59 9.98 17.49
C LEU B 501 -22.77 9.09 17.90
N ILE B 502 -23.04 8.03 17.12
CA ILE B 502 -24.22 7.19 17.32
C ILE B 502 -23.88 5.90 18.04
N ASN B 503 -24.65 5.59 19.12
CA ASN B 503 -24.57 4.33 19.86
C ASN B 503 -25.79 3.47 19.52
N ALA B 504 -25.66 2.70 18.44
CA ALA B 504 -26.69 1.81 17.91
C ALA B 504 -26.61 0.44 18.57
N ARG B 505 -27.78 -0.06 19.03
CA ARG B 505 -27.88 -1.39 19.62
C ARG B 505 -28.29 -2.31 18.50
N THR B 506 -27.29 -2.86 17.81
CA THR B 506 -27.43 -3.76 16.66
C THR B 506 -27.67 -5.18 17.29
N PRO B 507 -28.28 -6.16 16.57
CA PRO B 507 -28.47 -7.49 17.17
C PRO B 507 -27.14 -8.24 17.33
N GLU B 508 -26.07 -7.72 16.71
CA GLU B 508 -24.72 -8.26 16.79
C GLU B 508 -24.05 -7.75 18.09
N TYR B 509 -24.30 -6.46 18.44
CA TYR B 509 -23.82 -5.78 19.64
C TYR B 509 -25.05 -5.18 20.34
N PRO B 510 -25.86 -6.02 21.00
CA PRO B 510 -27.10 -5.51 21.59
C PRO B 510 -26.90 -4.60 22.77
N ASP B 511 -25.69 -4.59 23.34
CA ASP B 511 -25.40 -3.72 24.46
C ASP B 511 -25.07 -2.32 23.96
N GLY B 512 -24.67 -2.23 22.70
CA GLY B 512 -24.31 -0.97 22.06
C GLY B 512 -23.03 -1.03 21.24
N ARG B 513 -22.95 -0.17 20.24
CA ARG B 513 -21.79 -0.04 19.36
C ARG B 513 -21.77 1.39 18.83
N LYS B 514 -20.60 2.03 18.83
CA LYS B 514 -20.55 3.40 18.35
C LYS B 514 -20.00 3.45 16.93
N PHE B 515 -20.18 4.63 16.28
CA PHE B 515 -19.71 5.05 14.95
C PHE B 515 -19.98 6.56 14.71
N ILE B 516 -19.22 7.17 13.78
CA ILE B 516 -19.37 8.57 13.42
C ILE B 516 -20.08 8.65 12.07
N VAL B 517 -20.95 9.67 11.92
CA VAL B 517 -21.65 9.94 10.68
C VAL B 517 -21.48 11.41 10.38
N VAL B 518 -20.77 11.70 9.27
CA VAL B 518 -20.49 13.04 8.76
C VAL B 518 -21.32 13.26 7.49
N ALA B 519 -21.82 14.48 7.29
CA ALA B 519 -22.63 14.84 6.12
C ALA B 519 -22.63 16.33 5.89
N ASN B 520 -22.79 16.71 4.64
CA ASN B 520 -22.88 18.12 4.25
C ASN B 520 -24.35 18.56 4.14
N ASP B 521 -24.62 19.82 4.51
CA ASP B 521 -25.94 20.40 4.38
C ASP B 521 -26.06 20.98 2.99
N ILE B 522 -26.76 20.26 2.09
CA ILE B 522 -26.94 20.64 0.70
C ILE B 522 -27.72 21.99 0.59
N THR B 523 -28.42 22.41 1.66
CA THR B 523 -29.13 23.71 1.69
C THR B 523 -28.11 24.84 2.01
N PHE B 524 -27.13 24.55 2.89
CA PHE B 524 -26.08 25.48 3.31
C PHE B 524 -25.05 25.66 2.22
N LYS B 525 -25.24 26.73 1.39
CA LYS B 525 -24.37 27.13 0.26
C LYS B 525 -24.06 25.90 -0.61
N ILE B 526 -25.13 25.32 -1.21
CA ILE B 526 -25.20 24.10 -2.06
C ILE B 526 -24.25 22.94 -1.58
N GLY B 527 -23.91 22.94 -0.28
CA GLY B 527 -23.08 21.92 0.36
C GLY B 527 -21.60 21.97 0.08
N SER B 528 -21.13 23.09 -0.48
CA SER B 528 -19.75 23.32 -0.86
C SER B 528 -18.78 23.25 0.34
N PHE B 529 -17.49 22.90 0.05
CA PHE B 529 -16.40 22.72 1.01
C PHE B 529 -15.52 23.93 1.21
N GLY B 530 -15.87 24.72 2.21
CA GLY B 530 -15.13 25.89 2.67
C GLY B 530 -14.16 25.47 3.75
N PRO B 531 -13.31 26.38 4.27
CA PRO B 531 -12.33 25.96 5.29
C PRO B 531 -12.95 25.50 6.61
N LYS B 532 -14.07 26.13 7.05
CA LYS B 532 -14.81 25.75 8.26
C LYS B 532 -15.36 24.29 8.15
N GLU B 533 -15.89 23.93 6.95
CA GLU B 533 -16.43 22.63 6.56
C GLU B 533 -15.36 21.57 6.56
N ASP B 534 -14.15 21.97 6.14
CA ASP B 534 -12.97 21.11 6.06
C ASP B 534 -12.48 20.79 7.48
N THR B 535 -12.18 21.84 8.31
CA THR B 535 -11.71 21.72 9.71
C THR B 535 -12.67 20.82 10.51
N PHE B 536 -13.99 20.94 10.24
CA PHE B 536 -14.98 20.10 10.89
C PHE B 536 -14.81 18.62 10.48
N PHE B 537 -14.92 18.31 9.15
CA PHE B 537 -14.83 16.98 8.55
C PHE B 537 -13.59 16.26 9.05
N PHE B 538 -12.48 17.01 9.13
CA PHE B 538 -11.19 16.56 9.59
C PHE B 538 -11.31 16.10 11.05
N LYS B 539 -11.66 17.05 11.98
CA LYS B 539 -11.79 16.83 13.42
C LYS B 539 -12.73 15.66 13.77
N CYS B 540 -13.58 15.23 12.79
CA CYS B 540 -14.52 14.10 12.85
C CYS B 540 -13.81 12.80 12.52
N THR B 541 -13.09 12.79 11.40
CA THR B 541 -12.30 11.65 10.98
C THR B 541 -11.28 11.40 12.10
N GLU B 542 -10.60 12.46 12.57
CA GLU B 542 -9.62 12.48 13.66
C GLU B 542 -10.16 11.79 14.94
N LEU B 543 -11.43 12.03 15.26
CA LEU B 543 -12.08 11.43 16.42
C LEU B 543 -12.39 9.94 16.20
N ALA B 544 -12.98 9.56 15.03
CA ALA B 544 -13.32 8.19 14.67
C ALA B 544 -12.10 7.27 14.76
N ARG B 545 -10.92 7.83 14.43
CA ARG B 545 -9.60 7.18 14.51
C ARG B 545 -9.20 6.98 15.96
N LYS B 546 -9.22 8.07 16.75
CA LYS B 546 -8.89 8.13 18.18
C LYS B 546 -9.75 7.15 19.01
N MET B 547 -10.96 6.82 18.52
CA MET B 547 -11.91 5.93 19.19
C MET B 547 -11.93 4.50 18.65
N GLY B 548 -11.47 4.34 17.40
CA GLY B 548 -11.43 3.03 16.73
C GLY B 548 -12.73 2.70 16.01
N ILE B 549 -13.79 3.45 16.33
CA ILE B 549 -15.11 3.26 15.76
C ILE B 549 -15.13 3.69 14.28
N PRO B 550 -15.97 3.02 13.46
CA PRO B 550 -16.05 3.40 12.02
C PRO B 550 -16.59 4.83 11.70
N ARG B 551 -16.16 5.42 10.55
CA ARG B 551 -16.61 6.72 10.06
C ARG B 551 -17.44 6.52 8.78
N ILE B 552 -18.67 7.06 8.76
CA ILE B 552 -19.60 6.99 7.63
C ILE B 552 -19.86 8.38 7.11
N TYR B 553 -19.58 8.60 5.82
CA TYR B 553 -19.78 9.90 5.18
C TYR B 553 -20.97 9.84 4.22
N LEU B 554 -21.87 10.83 4.35
CA LEU B 554 -23.09 11.00 3.56
C LEU B 554 -22.85 12.20 2.65
N SER B 555 -22.45 11.92 1.40
CA SER B 555 -22.05 12.93 0.43
C SER B 555 -23.17 13.51 -0.41
N ALA B 556 -23.22 14.84 -0.43
CA ALA B 556 -24.16 15.70 -1.14
C ALA B 556 -23.53 17.06 -1.13
N ASN B 557 -22.59 17.30 -2.05
CA ASN B 557 -21.84 18.56 -2.08
C ASN B 557 -21.71 19.16 -3.49
N SER B 558 -20.91 20.22 -3.59
CA SER B 558 -20.62 20.93 -4.83
C SER B 558 -19.16 21.31 -4.89
N GLY B 559 -18.28 20.34 -4.51
CA GLY B 559 -16.83 20.50 -4.47
C GLY B 559 -16.38 21.60 -3.54
N ALA B 560 -15.29 22.33 -3.90
CA ALA B 560 -14.86 23.42 -3.05
C ALA B 560 -15.66 24.68 -3.38
N ARG B 561 -15.63 25.66 -2.48
CA ARG B 561 -16.31 26.95 -2.65
C ARG B 561 -15.60 27.85 -3.64
N LEU B 562 -16.39 28.47 -4.52
CA LEU B 562 -15.88 29.46 -5.45
C LEU B 562 -16.21 30.80 -4.85
N GLY B 563 -15.64 31.84 -5.42
CA GLY B 563 -15.92 33.16 -4.90
C GLY B 563 -14.97 34.21 -5.39
N LEU B 564 -15.52 35.41 -5.46
CA LEU B 564 -14.83 36.63 -5.85
C LEU B 564 -15.06 37.66 -4.75
N ALA B 565 -14.31 38.77 -4.77
CA ALA B 565 -14.49 39.83 -3.79
C ALA B 565 -15.61 40.75 -4.28
N GLU B 566 -16.80 40.63 -3.66
CA GLU B 566 -18.01 41.36 -4.04
C GLU B 566 -17.87 42.85 -3.73
N GLU B 567 -17.17 43.18 -2.64
CA GLU B 567 -16.95 44.55 -2.15
C GLU B 567 -16.16 45.43 -3.12
N LEU B 568 -15.32 44.80 -3.95
CA LEU B 568 -14.47 45.51 -4.88
C LEU B 568 -15.06 45.56 -6.29
N MET B 569 -16.25 44.97 -6.49
CA MET B 569 -16.94 44.98 -7.78
C MET B 569 -17.54 46.36 -8.10
N PRO B 570 -18.21 47.10 -7.18
CA PRO B 570 -18.75 48.41 -7.56
C PRO B 570 -17.84 49.57 -7.16
N HIS B 571 -16.53 49.32 -7.01
CA HIS B 571 -15.56 50.35 -6.61
C HIS B 571 -14.33 50.44 -7.51
N PHE B 572 -13.94 49.34 -8.17
CA PHE B 572 -12.74 49.28 -9.01
C PHE B 572 -12.89 50.09 -10.31
N ASN B 573 -11.83 50.79 -10.72
CA ASN B 573 -11.82 51.61 -11.94
C ASN B 573 -10.97 50.98 -13.03
N VAL B 574 -11.21 51.38 -14.29
CA VAL B 574 -10.48 50.85 -15.46
C VAL B 574 -9.70 51.98 -16.12
N ALA B 575 -8.44 51.68 -16.50
CA ALA B 575 -7.54 52.59 -17.20
C ALA B 575 -7.34 52.03 -18.61
N TRP B 576 -7.96 52.70 -19.61
CA TRP B 576 -7.90 52.27 -21.01
C TRP B 576 -6.71 52.88 -21.73
N ASN B 577 -6.40 52.32 -22.92
CA ASN B 577 -5.37 52.83 -23.81
C ASN B 577 -5.88 54.14 -24.40
N ASP B 578 -7.19 54.16 -24.71
CA ASP B 578 -7.94 55.29 -25.25
C ASP B 578 -9.26 55.40 -24.48
N PRO B 579 -9.56 56.54 -23.82
CA PRO B 579 -10.81 56.63 -23.04
C PRO B 579 -12.07 56.77 -23.91
N ALA B 580 -11.94 57.38 -25.11
CA ALA B 580 -13.04 57.60 -26.05
C ALA B 580 -13.59 56.26 -26.58
N LYS B 581 -12.69 55.38 -27.06
CA LYS B 581 -13.04 54.05 -27.55
C LYS B 581 -12.47 53.02 -26.56
N PRO B 582 -13.29 52.52 -25.60
CA PRO B 582 -12.76 51.56 -24.60
C PRO B 582 -12.37 50.22 -25.18
N GLU B 583 -12.94 49.85 -26.34
CA GLU B 583 -12.68 48.60 -27.06
C GLU B 583 -11.22 48.53 -27.54
N ALA B 584 -10.49 49.67 -27.50
CA ALA B 584 -9.10 49.80 -27.91
C ALA B 584 -8.14 49.28 -26.82
N GLY B 585 -8.62 48.35 -26.02
CA GLY B 585 -7.84 47.72 -24.97
C GLY B 585 -7.65 48.59 -23.75
N PHE B 586 -7.47 47.93 -22.62
CA PHE B 586 -7.25 48.58 -21.34
C PHE B 586 -5.89 48.20 -20.82
N LYS B 587 -5.17 49.19 -20.28
CA LYS B 587 -3.82 49.04 -19.74
C LYS B 587 -3.83 48.11 -18.53
N TYR B 588 -4.61 48.47 -17.50
CA TYR B 588 -4.74 47.71 -16.26
C TYR B 588 -6.05 48.08 -15.55
N LEU B 589 -6.18 47.66 -14.29
CA LEU B 589 -7.32 47.97 -13.43
C LEU B 589 -6.78 48.65 -12.18
N TYR B 590 -7.32 49.82 -11.83
CA TYR B 590 -6.84 50.57 -10.67
C TYR B 590 -7.98 50.89 -9.69
N LEU B 591 -7.62 51.48 -8.55
CA LEU B 591 -8.54 51.87 -7.50
C LEU B 591 -8.28 53.30 -7.08
N SER B 592 -9.38 54.08 -6.94
CA SER B 592 -9.36 55.48 -6.49
C SER B 592 -8.79 55.55 -5.08
N ASP B 593 -7.97 56.56 -4.77
CA ASP B 593 -7.31 56.76 -3.46
C ASP B 593 -8.30 56.67 -2.27
N GLU B 594 -9.50 57.27 -2.41
CA GLU B 594 -10.56 57.25 -1.39
C GLU B 594 -11.13 55.86 -1.21
N ALA B 595 -11.17 55.08 -2.30
CA ALA B 595 -11.66 53.71 -2.31
C ALA B 595 -10.53 52.71 -1.99
N LYS B 596 -9.26 53.16 -2.06
CA LYS B 596 -8.06 52.38 -1.77
C LYS B 596 -7.88 52.28 -0.26
N ARG B 597 -8.09 53.40 0.45
CA ARG B 597 -7.99 53.47 1.91
C ARG B 597 -9.09 52.64 2.57
N ARG B 598 -10.23 52.45 1.85
CA ARG B 598 -11.38 51.67 2.30
C ARG B 598 -11.03 50.22 2.56
N PHE B 599 -10.09 49.66 1.78
CA PHE B 599 -9.73 48.25 1.88
C PHE B 599 -8.29 48.07 2.34
N GLU B 600 -7.29 48.25 1.43
CA GLU B 600 -5.84 48.13 1.66
C GLU B 600 -5.38 46.69 2.01
N ASN B 601 -6.05 46.04 2.97
CA ASN B 601 -5.76 44.67 3.39
C ASN B 601 -6.57 43.67 2.56
N GLU B 602 -7.52 44.18 1.76
CA GLU B 602 -8.35 43.38 0.89
C GLU B 602 -7.82 43.39 -0.54
N VAL B 603 -6.86 44.28 -0.84
CA VAL B 603 -6.23 44.41 -2.16
C VAL B 603 -4.76 44.84 -2.06
N ILE B 604 -3.92 44.21 -2.88
CA ILE B 604 -2.51 44.57 -2.96
C ILE B 604 -2.40 45.54 -4.12
N THR B 605 -2.06 46.80 -3.81
CA THR B 605 -1.98 47.86 -4.82
C THR B 605 -0.62 48.50 -4.92
N GLU B 606 -0.28 48.83 -6.15
CA GLU B 606 0.93 49.51 -6.56
C GLU B 606 0.52 50.90 -7.02
N GLU B 607 1.28 51.95 -6.64
CA GLU B 607 0.95 53.31 -7.01
C GLU B 607 1.72 53.73 -8.27
N ILE B 608 0.98 54.15 -9.32
CA ILE B 608 1.54 54.63 -10.59
C ILE B 608 0.70 55.79 -11.10
N VAL B 609 1.35 56.98 -11.21
CA VAL B 609 0.73 58.21 -11.67
C VAL B 609 0.59 58.18 -13.19
N GLU B 610 -0.66 58.31 -13.65
CA GLU B 610 -1.07 58.33 -15.06
C GLU B 610 -2.10 59.45 -15.22
N ASP B 611 -1.89 60.31 -16.24
CA ASP B 611 -2.74 61.47 -16.57
C ASP B 611 -2.78 62.50 -15.40
N GLY B 612 -1.80 62.41 -14.50
CA GLY B 612 -1.72 63.27 -13.32
C GLY B 612 -2.72 62.90 -12.26
N GLU B 613 -2.90 61.59 -12.05
CA GLU B 613 -3.83 61.02 -11.06
C GLU B 613 -3.13 60.01 -10.16
N LYS B 614 -3.44 60.01 -8.85
CA LYS B 614 -2.88 59.05 -7.88
C LYS B 614 -3.63 57.72 -8.05
N ARG B 615 -3.21 56.93 -9.06
CA ARG B 615 -3.83 55.66 -9.43
C ARG B 615 -3.14 54.49 -8.74
N HIS B 616 -3.91 53.74 -7.92
CA HIS B 616 -3.46 52.56 -7.19
C HIS B 616 -3.89 51.32 -7.99
N LYS B 617 -3.02 50.88 -8.92
CA LYS B 617 -3.30 49.73 -9.79
C LYS B 617 -3.34 48.45 -9.00
N ILE B 618 -4.40 47.67 -9.21
CA ILE B 618 -4.59 46.40 -8.54
C ILE B 618 -3.64 45.42 -9.16
N ILE B 619 -2.74 44.95 -8.34
CA ILE B 619 -1.73 44.02 -8.77
C ILE B 619 -2.13 42.61 -8.31
N THR B 620 -2.97 42.50 -7.25
CA THR B 620 -3.52 41.25 -6.70
C THR B 620 -4.72 41.55 -5.78
N ILE B 621 -5.82 40.76 -5.89
CA ILE B 621 -7.03 40.88 -5.07
C ILE B 621 -6.98 39.88 -3.92
N VAL B 622 -7.28 40.29 -2.69
CA VAL B 622 -7.28 39.38 -1.54
C VAL B 622 -8.72 39.08 -1.11
N GLY B 623 -9.50 40.11 -0.79
CA GLY B 623 -10.88 39.93 -0.34
C GLY B 623 -10.97 39.56 1.13
N ALA B 624 -11.88 40.22 1.85
CA ALA B 624 -12.07 40.03 3.29
C ALA B 624 -12.65 38.67 3.65
N GLU B 625 -13.79 38.30 3.01
CA GLU B 625 -14.53 37.04 3.21
C GLU B 625 -13.64 35.80 2.92
N GLU B 626 -13.87 34.71 3.65
CA GLU B 626 -13.10 33.49 3.46
C GLU B 626 -13.87 32.54 2.56
N GLY B 627 -13.13 31.63 1.95
CA GLY B 627 -13.71 30.61 1.09
C GLY B 627 -14.02 31.09 -0.31
N LEU B 628 -12.97 31.55 -1.02
CA LEU B 628 -13.11 32.04 -2.38
C LEU B 628 -12.26 31.23 -3.35
N GLY B 629 -11.01 31.02 -2.99
CA GLY B 629 -10.06 30.28 -3.81
C GLY B 629 -9.24 29.25 -3.06
N VAL B 630 -7.92 29.44 -3.03
CA VAL B 630 -6.87 28.56 -2.46
C VAL B 630 -7.11 28.13 -1.02
N GLU B 631 -7.71 28.99 -0.18
CA GLU B 631 -8.01 28.65 1.22
C GLU B 631 -8.87 27.37 1.29
N CYS B 632 -9.73 27.15 0.26
CA CYS B 632 -10.59 25.98 0.10
C CYS B 632 -9.82 24.75 -0.39
N LEU B 633 -8.87 24.95 -1.34
CA LEU B 633 -8.06 23.88 -1.90
C LEU B 633 -7.15 23.29 -0.82
N ARG B 634 -6.55 24.16 0.04
CA ARG B 634 -5.67 23.80 1.17
C ARG B 634 -6.42 22.86 2.13
N GLY B 635 -7.62 23.26 2.56
CA GLY B 635 -8.47 22.47 3.43
C GLY B 635 -8.92 21.17 2.79
N SER B 636 -9.28 21.23 1.49
CA SER B 636 -9.72 20.09 0.68
C SER B 636 -8.63 19.04 0.66
N GLY B 637 -7.37 19.48 0.48
CA GLY B 637 -6.22 18.61 0.46
C GLY B 637 -5.98 17.94 1.80
N LEU B 638 -6.22 18.68 2.89
CA LEU B 638 -6.05 18.23 4.28
C LEU B 638 -6.95 17.06 4.59
N ILE B 639 -8.25 17.20 4.27
CA ILE B 639 -9.27 16.17 4.48
C ILE B 639 -9.09 15.02 3.47
N ALA B 640 -8.59 15.30 2.25
CA ALA B 640 -8.34 14.26 1.26
C ALA B 640 -7.28 13.27 1.80
N GLY B 641 -6.21 13.83 2.36
CA GLY B 641 -5.13 13.06 2.97
C GLY B 641 -5.63 12.34 4.20
N ALA B 642 -6.39 13.05 5.06
CA ALA B 642 -6.94 12.51 6.32
C ALA B 642 -7.77 11.25 6.09
N THR B 643 -8.59 11.22 5.00
CA THR B 643 -9.45 10.10 4.58
C THR B 643 -8.56 8.93 4.08
N SER B 644 -7.49 9.27 3.33
CA SER B 644 -6.54 8.28 2.81
C SER B 644 -5.86 7.52 3.97
N ARG B 645 -5.49 8.27 5.07
CA ARG B 645 -4.83 7.83 6.30
C ARG B 645 -5.76 6.97 7.13
N ALA B 646 -7.03 7.44 7.27
CA ALA B 646 -8.09 6.82 8.04
C ALA B 646 -8.50 5.44 7.50
N TYR B 647 -8.62 5.30 6.15
CA TYR B 647 -9.02 4.05 5.49
C TYR B 647 -8.14 2.90 6.00
N ASN B 648 -6.82 3.13 6.11
CA ASN B 648 -5.80 2.18 6.54
C ASN B 648 -5.86 1.90 8.07
N ASP B 649 -6.58 2.72 8.88
CA ASP B 649 -6.69 2.51 10.34
C ASP B 649 -8.08 1.95 10.78
N ILE B 650 -9.14 2.78 10.63
CA ILE B 650 -10.53 2.47 11.00
C ILE B 650 -11.38 2.13 9.77
N PHE B 651 -12.64 1.62 10.01
CA PHE B 651 -13.60 1.33 8.95
C PHE B 651 -14.12 2.65 8.39
N THR B 652 -13.94 2.81 7.09
CA THR B 652 -14.29 4.03 6.37
C THR B 652 -15.30 3.68 5.26
N CYS B 653 -16.39 4.47 5.17
CA CYS B 653 -17.41 4.26 4.16
C CYS B 653 -18.16 5.53 3.86
N THR B 654 -18.50 5.65 2.57
CA THR B 654 -19.18 6.79 1.99
C THR B 654 -20.57 6.36 1.40
N LEU B 655 -21.46 7.33 1.18
CA LEU B 655 -22.77 7.14 0.59
C LEU B 655 -23.12 8.36 -0.26
N VAL B 656 -23.37 8.14 -1.56
CA VAL B 656 -23.71 9.19 -2.51
C VAL B 656 -25.24 9.43 -2.48
N THR B 657 -25.70 10.19 -1.46
CA THR B 657 -27.11 10.54 -1.21
C THR B 657 -27.59 11.59 -2.24
N CYS B 658 -26.66 12.39 -2.78
CA CYS B 658 -26.87 13.36 -3.83
C CYS B 658 -25.54 13.64 -4.51
N ARG B 659 -25.55 14.40 -5.62
CA ARG B 659 -24.36 14.75 -6.42
C ARG B 659 -23.13 15.05 -5.53
N SER B 660 -22.09 14.27 -5.75
CA SER B 660 -20.81 14.36 -5.07
C SER B 660 -19.74 14.79 -6.09
N VAL B 661 -19.45 16.10 -6.08
CA VAL B 661 -18.59 16.75 -7.05
C VAL B 661 -17.20 17.12 -6.45
N GLY B 662 -16.20 17.28 -7.34
CA GLY B 662 -14.83 17.71 -7.07
C GLY B 662 -14.09 16.95 -5.99
N ILE B 663 -13.79 17.66 -4.86
CA ILE B 663 -13.13 17.11 -3.66
C ILE B 663 -14.03 16.01 -3.06
N GLY B 664 -15.34 16.30 -2.98
CA GLY B 664 -16.37 15.37 -2.52
C GLY B 664 -16.26 14.06 -3.26
N ALA B 665 -16.06 14.11 -4.63
CA ALA B 665 -15.89 12.96 -5.53
C ALA B 665 -14.67 12.12 -5.14
N TYR B 666 -13.60 12.79 -4.65
CA TYR B 666 -12.38 12.11 -4.25
C TYR B 666 -12.47 11.47 -2.89
N LEU B 667 -13.14 12.11 -1.92
CA LEU B 667 -13.38 11.55 -0.57
C LEU B 667 -14.22 10.21 -0.65
N VAL B 668 -14.91 10.01 -1.81
CA VAL B 668 -15.71 8.83 -2.17
C VAL B 668 -14.72 7.70 -2.43
N ARG B 669 -13.67 8.01 -3.19
CA ARG B 669 -12.64 7.06 -3.51
C ARG B 669 -11.61 6.82 -2.35
N LEU B 670 -11.23 7.88 -1.60
CA LEU B 670 -10.30 7.76 -0.46
C LEU B 670 -10.97 6.98 0.67
N GLY B 671 -12.32 7.20 0.80
CA GLY B 671 -13.26 6.51 1.70
C GLY B 671 -13.44 5.06 1.30
N GLN B 672 -12.88 4.72 0.12
CA GLN B 672 -12.80 3.45 -0.55
C GLN B 672 -14.17 2.83 -0.85
N ARG B 673 -14.76 2.26 0.20
CA ARG B 673 -16.05 1.60 0.26
C ARG B 673 -17.13 2.70 0.02
N ALA B 674 -17.88 2.56 -1.09
CA ALA B 674 -18.88 3.56 -1.50
C ALA B 674 -20.19 2.93 -1.95
N VAL B 675 -21.32 3.60 -1.60
CA VAL B 675 -22.69 3.18 -1.95
C VAL B 675 -23.31 4.33 -2.73
N GLN B 676 -23.79 4.03 -3.94
CA GLN B 676 -24.34 5.07 -4.78
C GLN B 676 -25.83 4.92 -4.99
N VAL B 677 -26.60 5.97 -4.66
CA VAL B 677 -28.03 6.01 -4.91
C VAL B 677 -28.18 6.26 -6.42
N GLU B 678 -28.85 5.34 -7.14
CA GLU B 678 -29.08 5.24 -8.61
C GLU B 678 -29.05 6.57 -9.42
N GLY B 679 -29.77 7.59 -8.95
CA GLY B 679 -29.85 8.88 -9.63
C GLY B 679 -28.93 9.97 -9.13
N GLN B 680 -27.89 9.61 -8.37
CA GLN B 680 -26.93 10.59 -7.84
C GLN B 680 -25.54 10.38 -8.46
N PRO B 681 -24.98 11.40 -9.14
CA PRO B 681 -23.68 11.19 -9.81
C PRO B 681 -22.44 11.54 -8.99
N ILE B 682 -21.33 10.82 -9.24
CA ILE B 682 -20.01 11.10 -8.68
C ILE B 682 -19.26 11.75 -9.86
N ILE B 683 -19.42 13.05 -9.99
CA ILE B 683 -18.87 13.81 -11.11
C ILE B 683 -17.63 14.58 -10.66
N LEU B 684 -16.71 14.80 -11.58
CA LEU B 684 -15.49 15.53 -11.33
C LEU B 684 -15.60 16.93 -11.90
N THR B 685 -15.86 17.01 -13.23
CA THR B 685 -16.05 18.27 -13.96
C THR B 685 -17.50 18.31 -14.44
N GLY B 686 -18.16 19.44 -14.21
CA GLY B 686 -19.56 19.64 -14.56
C GLY B 686 -19.87 19.30 -16.00
N ALA B 687 -21.02 18.62 -16.23
CA ALA B 687 -21.50 18.24 -17.57
C ALA B 687 -21.53 19.47 -18.51
N PRO B 688 -22.02 20.68 -18.10
CA PRO B 688 -21.96 21.82 -19.03
C PRO B 688 -20.55 22.41 -19.19
N ALA B 689 -19.69 22.26 -18.16
CA ALA B 689 -18.30 22.73 -18.14
C ALA B 689 -17.46 22.00 -19.19
N LEU B 690 -17.81 20.73 -19.44
CA LEU B 690 -17.17 19.89 -20.43
C LEU B 690 -17.63 20.26 -21.85
N ASN B 691 -18.94 20.56 -22.02
CA ASN B 691 -19.53 20.97 -23.31
C ASN B 691 -18.93 22.27 -23.80
N SER B 692 -18.72 23.23 -22.87
CA SER B 692 -18.12 24.55 -23.10
C SER B 692 -16.64 24.40 -23.52
N LEU B 693 -15.92 23.43 -22.92
CA LEU B 693 -14.53 23.15 -23.24
C LEU B 693 -14.38 22.55 -24.64
N LEU B 694 -15.31 21.65 -25.02
CA LEU B 694 -15.32 21.00 -26.32
C LEU B 694 -15.88 21.90 -27.38
N GLY B 695 -16.66 22.89 -26.96
CA GLY B 695 -17.30 23.85 -27.85
C GLY B 695 -18.59 23.36 -28.44
N ARG B 696 -18.97 22.10 -28.15
CA ARG B 696 -20.20 21.49 -28.66
C ARG B 696 -20.90 20.70 -27.56
N GLU B 697 -22.22 20.59 -27.67
CA GLU B 697 -23.07 19.90 -26.70
C GLU B 697 -22.92 18.39 -26.82
N VAL B 698 -21.85 17.87 -26.19
CA VAL B 698 -21.51 16.46 -26.18
C VAL B 698 -22.33 15.75 -25.11
N TYR B 699 -22.04 16.06 -23.84
CA TYR B 699 -22.71 15.47 -22.68
C TYR B 699 -23.99 16.25 -22.36
N THR B 700 -25.07 15.52 -22.01
CA THR B 700 -26.38 16.12 -21.73
C THR B 700 -26.79 15.98 -20.25
N SER B 701 -26.16 15.05 -19.52
CA SER B 701 -26.47 14.82 -18.12
C SER B 701 -25.21 14.70 -17.29
N ASN B 702 -25.31 15.06 -16.00
CA ASN B 702 -24.21 14.92 -15.04
C ASN B 702 -24.02 13.42 -14.69
N LEU B 703 -25.10 12.62 -14.88
CA LEU B 703 -25.14 11.18 -14.67
C LEU B 703 -24.58 10.44 -15.89
N GLN B 704 -24.45 11.14 -17.04
CA GLN B 704 -23.91 10.61 -18.29
C GLN B 704 -22.40 10.31 -18.17
N LEU B 705 -21.78 10.81 -17.10
CA LEU B 705 -20.37 10.63 -16.82
C LEU B 705 -20.13 10.42 -15.31
N GLY B 706 -21.14 10.66 -14.49
CA GLY B 706 -21.03 10.50 -13.04
C GLY B 706 -21.86 9.41 -12.42
N GLY B 707 -22.94 9.03 -13.11
CA GLY B 707 -23.93 8.03 -12.67
C GLY B 707 -23.45 6.63 -12.36
N THR B 708 -24.39 5.75 -11.92
CA THR B 708 -24.14 4.35 -11.51
C THR B 708 -23.55 3.48 -12.64
N GLN B 709 -24.04 3.69 -13.88
CA GLN B 709 -23.63 3.00 -15.09
C GLN B 709 -22.14 3.25 -15.41
N ILE B 710 -21.48 4.08 -14.61
CA ILE B 710 -20.08 4.38 -14.75
C ILE B 710 -19.37 3.86 -13.51
N MET B 711 -19.70 4.40 -12.33
CA MET B 711 -19.03 4.10 -11.08
C MET B 711 -19.24 2.69 -10.56
N TYR B 712 -20.42 2.11 -10.69
CA TYR B 712 -20.58 0.73 -10.23
C TYR B 712 -19.95 -0.25 -11.21
N ARG B 713 -20.01 0.11 -12.51
CA ARG B 713 -19.50 -0.67 -13.64
C ARG B 713 -17.97 -0.59 -13.82
N ASN B 714 -17.29 0.29 -13.04
CA ASN B 714 -15.83 0.45 -13.04
C ASN B 714 -15.22 0.21 -11.63
N GLY B 715 -16.09 -0.02 -10.64
CA GLY B 715 -15.69 -0.36 -9.27
C GLY B 715 -15.34 0.75 -8.29
N VAL B 716 -15.89 1.96 -8.52
CA VAL B 716 -15.76 3.10 -7.59
C VAL B 716 -16.86 2.88 -6.55
N SER B 717 -18.07 2.41 -7.04
CA SER B 717 -19.25 2.02 -6.26
C SER B 717 -19.20 0.51 -6.01
N HIS B 718 -19.39 0.16 -4.74
CA HIS B 718 -19.42 -1.21 -4.23
C HIS B 718 -20.86 -1.72 -4.27
N LEU B 719 -21.85 -0.83 -4.06
CA LEU B 719 -23.28 -1.17 -4.11
C LEU B 719 -24.12 -0.03 -4.67
N THR B 720 -25.25 -0.39 -5.30
CA THR B 720 -26.21 0.57 -5.84
C THR B 720 -27.51 0.42 -5.06
N ALA B 721 -27.97 1.53 -4.45
CA ALA B 721 -29.20 1.56 -3.64
C ALA B 721 -30.33 2.34 -4.35
N LYS B 722 -31.54 1.77 -4.33
CA LYS B 722 -32.73 2.34 -4.95
C LYS B 722 -33.05 3.74 -4.42
N ASP B 723 -32.92 3.95 -3.08
CA ASP B 723 -33.21 5.23 -2.42
C ASP B 723 -32.26 5.52 -1.25
N ASP B 724 -32.35 6.74 -0.67
CA ASP B 724 -31.56 7.24 0.46
C ASP B 724 -31.59 6.27 1.65
N PHE B 725 -32.78 5.71 1.96
CA PHE B 725 -32.89 4.74 3.06
C PHE B 725 -32.23 3.42 2.66
N ASP B 726 -32.49 2.90 1.44
CA ASP B 726 -31.91 1.66 0.94
C ASP B 726 -30.38 1.70 1.11
N GLY B 727 -29.81 2.89 0.99
CA GLY B 727 -28.38 3.14 1.19
C GLY B 727 -27.98 2.84 2.62
N VAL B 728 -28.61 3.55 3.59
CA VAL B 728 -28.41 3.41 5.04
C VAL B 728 -28.50 1.92 5.39
N THR B 729 -29.59 1.25 4.94
CA THR B 729 -29.89 -0.17 5.12
C THR B 729 -28.68 -1.02 4.74
N LYS B 730 -28.15 -0.82 3.53
CA LYS B 730 -26.99 -1.56 2.97
C LYS B 730 -25.72 -1.31 3.78
N ILE B 731 -25.60 -0.10 4.38
CA ILE B 731 -24.45 0.28 5.21
C ILE B 731 -24.55 -0.44 6.56
N VAL B 732 -25.71 -0.33 7.23
CA VAL B 732 -25.94 -0.99 8.51
C VAL B 732 -25.75 -2.50 8.32
N GLN B 733 -25.79 -2.94 7.06
CA GLN B 733 -25.56 -4.31 6.68
C GLN B 733 -24.09 -4.63 6.77
N TRP B 734 -23.21 -3.75 6.26
CA TRP B 734 -21.77 -3.95 6.35
C TRP B 734 -21.26 -3.89 7.76
N LEU B 735 -21.83 -2.99 8.52
CA LEU B 735 -21.46 -2.80 9.90
C LEU B 735 -21.76 -4.03 10.72
N SER B 736 -22.75 -4.83 10.30
CA SER B 736 -23.10 -6.10 10.96
C SER B 736 -21.90 -7.09 10.91
N PHE B 737 -21.11 -7.12 9.79
CA PHE B 737 -19.95 -8.00 9.62
C PHE B 737 -18.71 -7.52 10.36
N ILE B 738 -18.62 -6.20 10.63
CA ILE B 738 -17.45 -5.51 11.17
C ILE B 738 -17.47 -5.41 12.69
N PRO B 739 -16.32 -5.68 13.38
CA PRO B 739 -16.27 -5.53 14.84
C PRO B 739 -16.57 -4.09 15.25
N ASP B 740 -17.29 -3.93 16.39
CA ASP B 740 -17.75 -2.68 16.98
C ASP B 740 -16.65 -1.62 17.16
N GLN B 741 -15.43 -2.05 17.51
CA GLN B 741 -14.26 -1.19 17.72
C GLN B 741 -13.13 -1.54 16.74
N ARG B 742 -11.90 -1.14 17.07
CA ARG B 742 -10.79 -1.41 16.18
C ARG B 742 -10.31 -2.82 16.44
N ASN B 743 -9.54 -3.04 17.51
CA ASN B 743 -9.04 -4.38 17.78
C ASN B 743 -9.97 -5.10 18.73
N ASN B 744 -11.17 -5.38 18.22
CA ASN B 744 -12.22 -6.07 18.96
C ASN B 744 -12.61 -7.36 18.22
N PRO B 745 -13.12 -8.40 18.93
CA PRO B 745 -13.44 -9.66 18.23
C PRO B 745 -14.66 -9.48 17.35
N LEU B 746 -14.66 -10.22 16.24
CA LEU B 746 -15.68 -10.20 15.20
C LEU B 746 -17.12 -10.37 15.71
N PRO B 747 -18.14 -9.84 14.99
CA PRO B 747 -19.54 -9.99 15.47
C PRO B 747 -20.11 -11.38 15.18
N ILE B 748 -19.59 -12.37 15.91
CA ILE B 748 -19.97 -13.77 15.79
C ILE B 748 -21.22 -13.98 16.61
N LEU B 749 -22.07 -14.89 16.14
CA LEU B 749 -23.30 -15.25 16.82
C LEU B 749 -23.30 -16.76 17.07
N SER B 750 -24.39 -17.30 17.69
CA SER B 750 -24.60 -18.74 17.87
C SER B 750 -24.82 -19.35 16.46
N PRO B 751 -24.65 -20.68 16.20
CA PRO B 751 -24.86 -21.17 14.82
C PRO B 751 -26.17 -20.69 14.22
N SER B 752 -27.17 -20.59 15.11
CA SER B 752 -28.51 -20.06 14.98
C SER B 752 -29.24 -20.48 13.66
N PRO B 753 -29.26 -19.77 12.49
CA PRO B 753 -30.10 -20.26 11.38
C PRO B 753 -29.47 -21.46 10.69
N ASP B 754 -28.24 -21.32 10.22
CA ASP B 754 -27.57 -22.42 9.58
C ASP B 754 -26.57 -22.97 10.58
N PRO B 755 -26.81 -24.21 11.05
CA PRO B 755 -25.90 -24.79 12.04
C PRO B 755 -24.56 -25.14 11.45
N TRP B 756 -23.54 -25.21 12.30
CA TRP B 756 -22.18 -25.51 11.86
C TRP B 756 -22.05 -26.98 11.47
N ASP B 757 -22.78 -27.87 12.14
CA ASP B 757 -22.71 -29.32 11.97
C ASP B 757 -23.61 -29.80 10.81
N ARG B 758 -23.53 -29.14 9.65
CA ARG B 758 -24.30 -29.56 8.48
C ARG B 758 -23.35 -29.75 7.28
N ASP B 759 -23.66 -30.73 6.42
CA ASP B 759 -22.81 -30.99 5.25
C ASP B 759 -23.19 -30.10 4.05
N VAL B 760 -22.19 -29.77 3.23
CA VAL B 760 -22.32 -28.95 2.04
C VAL B 760 -22.98 -29.79 0.95
N VAL B 761 -24.22 -29.46 0.64
CA VAL B 761 -25.01 -30.25 -0.30
C VAL B 761 -24.71 -29.90 -1.75
N TYR B 762 -24.66 -28.61 -2.10
CA TYR B 762 -24.39 -28.29 -3.50
C TYR B 762 -22.95 -28.58 -3.87
N THR B 763 -22.77 -29.41 -4.89
CA THR B 763 -21.45 -29.74 -5.41
C THR B 763 -21.44 -29.38 -6.91
N PRO B 764 -20.41 -28.65 -7.38
CA PRO B 764 -20.41 -28.19 -8.78
C PRO B 764 -20.13 -29.26 -9.84
N PRO B 765 -20.79 -29.16 -11.03
CA PRO B 765 -20.56 -30.14 -12.10
C PRO B 765 -19.24 -29.92 -12.84
N TYR B 766 -18.70 -31.03 -13.38
CA TYR B 766 -17.44 -31.08 -14.10
C TYR B 766 -17.62 -30.84 -15.60
N LYS B 767 -18.81 -31.20 -16.13
CA LYS B 767 -19.12 -31.02 -17.53
C LYS B 767 -19.24 -29.52 -17.88
N GLN B 768 -20.39 -28.94 -17.51
CA GLN B 768 -20.81 -27.57 -17.80
C GLN B 768 -20.32 -26.55 -16.77
N THR B 769 -20.79 -25.32 -16.94
CA THR B 769 -20.55 -24.17 -16.09
C THR B 769 -21.65 -24.05 -15.04
N TYR B 770 -21.28 -23.44 -13.94
CA TYR B 770 -22.14 -23.26 -12.78
C TYR B 770 -21.98 -21.86 -12.21
N ASP B 771 -23.06 -21.32 -11.64
CA ASP B 771 -22.98 -20.03 -10.98
C ASP B 771 -22.33 -20.29 -9.64
N VAL B 772 -21.10 -19.84 -9.55
CA VAL B 772 -20.19 -20.00 -8.41
C VAL B 772 -20.85 -19.50 -7.12
N ARG B 773 -21.79 -18.57 -7.26
CA ARG B 773 -22.54 -18.05 -6.12
C ARG B 773 -23.25 -19.21 -5.39
N TRP B 774 -23.71 -20.25 -6.13
CA TRP B 774 -24.41 -21.41 -5.58
C TRP B 774 -23.56 -22.19 -4.61
N MET B 775 -22.23 -22.14 -4.80
CA MET B 775 -21.32 -22.84 -3.91
C MET B 775 -21.08 -22.09 -2.61
N ILE B 776 -21.26 -20.79 -2.64
CA ILE B 776 -21.04 -19.96 -1.48
C ILE B 776 -22.26 -19.98 -0.54
N ALA B 777 -23.47 -19.63 -1.03
CA ALA B 777 -24.70 -19.55 -0.21
C ALA B 777 -25.62 -20.77 -0.36
N GLY B 778 -25.78 -21.25 -1.58
CA GLY B 778 -26.64 -22.37 -1.93
C GLY B 778 -27.36 -22.16 -3.25
N LYS B 779 -27.84 -23.25 -3.84
CA LYS B 779 -28.58 -23.18 -5.10
C LYS B 779 -30.04 -23.43 -4.85
N GLU B 780 -30.89 -22.55 -5.39
CA GLU B 780 -32.32 -22.75 -5.26
C GLU B 780 -32.75 -23.70 -6.39
N ASP B 781 -33.55 -24.71 -6.05
CA ASP B 781 -33.99 -25.71 -7.01
C ASP B 781 -35.49 -25.91 -6.98
N GLU B 782 -36.02 -26.62 -7.99
CA GLU B 782 -37.43 -27.01 -8.11
C GLU B 782 -37.74 -27.90 -6.89
N ASP B 783 -36.97 -28.99 -6.69
CA ASP B 783 -37.12 -29.89 -5.54
C ASP B 783 -36.10 -29.50 -4.48
N GLY B 784 -36.61 -28.84 -3.44
CA GLY B 784 -35.84 -28.36 -2.31
C GLY B 784 -34.85 -27.24 -2.62
N PHE B 785 -33.87 -27.12 -1.72
CA PHE B 785 -32.80 -26.13 -1.77
C PHE B 785 -31.53 -26.77 -1.25
N GLN B 786 -30.49 -26.77 -2.07
CA GLN B 786 -29.20 -27.36 -1.72
C GLN B 786 -28.24 -26.28 -1.19
N PRO B 787 -27.94 -26.27 0.14
CA PRO B 787 -27.09 -25.21 0.69
C PRO B 787 -25.62 -25.27 0.28
N GLY B 788 -24.99 -24.09 0.30
CA GLY B 788 -23.58 -23.86 0.02
C GLY B 788 -22.72 -24.13 1.24
N LEU B 789 -21.50 -23.56 1.31
CA LEU B 789 -20.67 -23.87 2.48
C LEU B 789 -20.77 -22.73 3.51
N PHE B 790 -21.40 -21.60 3.14
CA PHE B 790 -21.66 -20.52 4.08
C PHE B 790 -23.11 -20.57 4.51
N ASP B 791 -23.48 -19.76 5.50
CA ASP B 791 -24.84 -19.69 6.03
C ASP B 791 -25.83 -19.25 4.94
N LYS B 792 -27.05 -19.85 4.94
CA LYS B 792 -28.12 -19.55 3.98
C LYS B 792 -28.39 -18.06 3.92
N ASP B 793 -28.24 -17.51 2.69
CA ASP B 793 -28.47 -16.10 2.32
C ASP B 793 -27.75 -15.13 3.29
N SER B 794 -26.46 -15.40 3.53
CA SER B 794 -25.62 -14.54 4.36
C SER B 794 -24.64 -13.82 3.48
N PHE B 795 -24.57 -14.23 2.21
CA PHE B 795 -23.66 -13.67 1.23
C PHE B 795 -24.15 -12.30 0.71
N VAL B 796 -23.24 -11.29 0.65
CA VAL B 796 -23.52 -9.93 0.16
C VAL B 796 -22.48 -9.56 -0.91
N GLU B 797 -22.80 -9.82 -2.20
CA GLU B 797 -21.86 -9.52 -3.28
C GLU B 797 -21.69 -8.01 -3.51
N THR B 798 -20.41 -7.56 -3.52
CA THR B 798 -20.03 -6.17 -3.78
C THR B 798 -19.19 -6.11 -5.07
N LEU B 799 -19.28 -4.94 -5.76
CA LEU B 799 -18.61 -4.59 -7.02
C LEU B 799 -19.02 -5.55 -8.18
N GLY B 800 -20.22 -6.13 -8.07
CA GLY B 800 -20.81 -7.03 -9.05
C GLY B 800 -21.13 -6.44 -10.41
N GLY B 801 -20.70 -5.20 -10.65
CA GLY B 801 -20.86 -4.49 -11.92
C GLY B 801 -19.54 -4.32 -12.65
N TRP B 802 -18.42 -4.58 -11.93
CA TRP B 802 -17.05 -4.45 -12.42
C TRP B 802 -16.28 -5.77 -12.31
N ALA B 803 -15.70 -6.25 -13.45
CA ALA B 803 -14.89 -7.47 -13.56
C ALA B 803 -15.61 -8.67 -12.92
N ARG B 804 -16.75 -9.06 -13.49
CA ARG B 804 -17.61 -10.15 -12.98
C ARG B 804 -16.93 -11.55 -13.03
N THR B 805 -15.70 -11.64 -13.58
CA THR B 805 -14.91 -12.88 -13.66
C THR B 805 -14.38 -13.30 -12.29
N VAL B 806 -14.65 -12.48 -11.29
CA VAL B 806 -14.28 -12.73 -9.90
C VAL B 806 -15.44 -12.20 -9.03
N VAL B 807 -15.91 -13.07 -8.11
CA VAL B 807 -17.01 -12.76 -7.23
C VAL B 807 -16.45 -12.43 -5.86
N VAL B 808 -16.73 -11.21 -5.39
CA VAL B 808 -16.27 -10.71 -4.11
C VAL B 808 -17.47 -10.40 -3.23
N GLY B 809 -17.36 -10.71 -1.95
CA GLY B 809 -18.41 -10.44 -1.00
C GLY B 809 -18.07 -10.81 0.42
N ARG B 810 -19.01 -10.59 1.30
CA ARG B 810 -18.90 -10.93 2.72
C ARG B 810 -20.01 -11.95 3.03
N ALA B 811 -19.68 -12.98 3.83
CA ALA B 811 -20.64 -14.01 4.25
C ALA B 811 -20.29 -14.53 5.63
N ARG B 812 -21.17 -15.36 6.24
CA ARG B 812 -20.95 -15.93 7.56
C ARG B 812 -20.84 -17.47 7.52
N LEU B 813 -19.98 -18.03 8.36
CA LEU B 813 -19.76 -19.46 8.44
C LEU B 813 -20.03 -19.94 9.85
N GLY B 814 -21.23 -20.44 10.07
CA GLY B 814 -21.71 -20.90 11.38
C GLY B 814 -21.80 -19.79 12.42
N GLY B 815 -21.92 -18.56 11.95
CA GLY B 815 -21.99 -17.36 12.78
C GLY B 815 -20.78 -16.46 12.61
N ILE B 816 -19.60 -17.04 12.23
CA ILE B 816 -18.33 -16.31 12.04
C ILE B 816 -18.36 -15.56 10.73
N PRO B 817 -18.37 -14.20 10.77
CA PRO B 817 -18.33 -13.44 9.51
C PRO B 817 -16.92 -13.46 8.87
N MET B 818 -16.84 -13.54 7.51
CA MET B 818 -15.57 -13.53 6.79
C MET B 818 -15.70 -13.12 5.31
N GLY B 819 -14.60 -12.58 4.79
CA GLY B 819 -14.44 -12.14 3.41
C GLY B 819 -14.30 -13.30 2.45
N VAL B 820 -14.96 -13.21 1.28
CA VAL B 820 -15.01 -14.27 0.26
C VAL B 820 -14.61 -13.74 -1.12
N ILE B 821 -13.78 -14.53 -1.81
CA ILE B 821 -13.36 -14.31 -3.17
C ILE B 821 -13.51 -15.64 -3.84
N ALA B 822 -14.22 -15.67 -4.96
CA ALA B 822 -14.48 -16.89 -5.74
C ALA B 822 -14.39 -16.58 -7.21
N VAL B 823 -14.22 -17.63 -8.04
CA VAL B 823 -14.02 -17.44 -9.48
C VAL B 823 -15.23 -17.84 -10.26
N GLU B 824 -15.71 -16.91 -11.12
CA GLU B 824 -16.80 -17.15 -12.04
C GLU B 824 -16.26 -18.02 -13.18
N THR B 825 -16.96 -19.12 -13.45
CA THR B 825 -16.63 -20.14 -14.44
C THR B 825 -17.25 -19.87 -15.82
N ARG B 826 -18.42 -19.23 -15.86
CA ARG B 826 -19.14 -18.89 -17.10
C ARG B 826 -18.44 -17.73 -17.79
N THR B 827 -18.48 -17.71 -19.13
CA THR B 827 -17.84 -16.67 -19.94
C THR B 827 -18.72 -15.38 -19.91
N ILE B 828 -18.33 -14.41 -19.04
CA ILE B 828 -19.05 -13.15 -18.88
C ILE B 828 -18.63 -12.17 -19.98
N GLU B 829 -19.53 -11.25 -20.35
CA GLU B 829 -19.22 -10.28 -21.38
C GLU B 829 -19.52 -8.85 -20.93
N ASN B 830 -18.44 -8.05 -20.74
CA ASN B 830 -18.53 -6.65 -20.36
C ASN B 830 -18.46 -5.83 -21.65
N ILE B 831 -19.44 -4.96 -21.85
CA ILE B 831 -19.48 -4.18 -23.06
C ILE B 831 -19.18 -2.76 -22.69
N THR B 832 -18.00 -2.29 -23.07
CA THR B 832 -17.55 -0.93 -22.79
C THR B 832 -18.36 0.05 -23.65
N PRO B 833 -18.91 1.15 -23.06
CA PRO B 833 -19.74 2.07 -23.83
C PRO B 833 -18.97 2.92 -24.86
N ALA B 834 -19.73 3.49 -25.81
CA ALA B 834 -19.22 4.37 -26.85
C ALA B 834 -18.98 5.77 -26.29
N ASP B 835 -17.85 6.39 -26.67
CA ASP B 835 -17.46 7.74 -26.22
C ASP B 835 -18.24 8.80 -27.04
N PRO B 836 -18.98 9.72 -26.38
CA PRO B 836 -19.72 10.74 -27.14
C PRO B 836 -18.81 11.82 -27.69
N ALA B 837 -17.69 12.12 -26.99
CA ALA B 837 -16.67 13.11 -27.35
C ALA B 837 -16.09 12.84 -28.73
N ASN B 838 -15.87 11.56 -29.04
CA ASN B 838 -15.36 11.11 -30.33
C ASN B 838 -16.51 10.43 -31.06
N PRO B 839 -17.06 11.08 -32.12
CA PRO B 839 -18.19 10.47 -32.85
C PRO B 839 -17.80 9.19 -33.58
N ASP B 840 -16.49 8.93 -33.70
CA ASP B 840 -15.90 7.77 -34.37
C ASP B 840 -15.60 6.66 -33.33
N SER B 841 -16.38 6.61 -32.22
CA SER B 841 -16.21 5.61 -31.17
C SER B 841 -17.47 4.80 -30.99
N ILE B 842 -17.29 3.48 -30.99
CA ILE B 842 -18.33 2.48 -30.85
C ILE B 842 -18.10 1.63 -29.59
N GLU B 843 -19.20 1.04 -29.07
CA GLU B 843 -19.22 0.14 -27.92
C GLU B 843 -18.43 -1.10 -28.25
N GLN B 844 -17.52 -1.50 -27.37
CA GLN B 844 -16.72 -2.68 -27.65
C GLN B 844 -17.16 -3.90 -26.85
N VAL B 845 -17.61 -4.93 -27.59
CA VAL B 845 -18.06 -6.23 -27.08
C VAL B 845 -16.81 -7.04 -26.75
N THR B 846 -16.61 -7.31 -25.47
CA THR B 846 -15.45 -8.06 -25.00
C THR B 846 -15.91 -9.17 -24.09
N ASN B 847 -15.43 -10.39 -24.37
CA ASN B 847 -15.82 -11.60 -23.63
C ASN B 847 -14.72 -12.06 -22.70
N GLU B 848 -14.89 -11.74 -21.41
CA GLU B 848 -13.98 -12.13 -20.34
C GLU B 848 -14.25 -13.61 -20.01
N ALA B 849 -13.60 -14.55 -20.72
CA ALA B 849 -13.79 -16.00 -20.51
C ALA B 849 -13.54 -16.38 -19.04
N GLY B 850 -14.48 -17.12 -18.48
CA GLY B 850 -14.46 -17.53 -17.09
C GLY B 850 -13.23 -18.30 -16.64
N GLY B 851 -12.94 -18.19 -15.34
CA GLY B 851 -11.83 -18.87 -14.68
C GLY B 851 -10.45 -18.40 -15.07
N VAL B 852 -10.34 -17.18 -15.59
CA VAL B 852 -9.10 -16.56 -16.02
C VAL B 852 -8.95 -15.22 -15.32
N TRP B 853 -7.72 -14.77 -15.18
CA TRP B 853 -7.47 -13.47 -14.58
C TRP B 853 -7.19 -12.45 -15.67
N TYR B 854 -7.92 -11.33 -15.60
CA TYR B 854 -7.81 -10.20 -16.53
C TYR B 854 -7.37 -8.99 -15.75
N PRO B 855 -6.75 -7.95 -16.39
CA PRO B 855 -6.33 -6.75 -15.62
C PRO B 855 -7.34 -6.30 -14.54
N ASN B 856 -8.61 -6.05 -14.94
CA ASN B 856 -9.74 -5.66 -14.10
C ASN B 856 -10.06 -6.72 -12.99
N SER B 857 -10.08 -8.04 -13.34
CA SER B 857 -10.33 -9.12 -12.38
C SER B 857 -9.27 -9.12 -11.29
N ALA B 858 -7.98 -9.00 -11.69
CA ALA B 858 -6.82 -8.96 -10.79
C ALA B 858 -6.94 -7.78 -9.84
N PHE B 859 -7.22 -6.61 -10.42
CA PHE B 859 -7.42 -5.37 -9.68
C PHE B 859 -8.54 -5.59 -8.67
N LYS B 860 -9.70 -6.16 -9.10
CA LYS B 860 -10.83 -6.44 -8.21
C LYS B 860 -10.36 -7.28 -7.02
N THR B 861 -9.69 -8.41 -7.31
CA THR B 861 -9.15 -9.33 -6.32
C THR B 861 -8.34 -8.58 -5.28
N ALA B 862 -7.27 -7.95 -5.75
CA ALA B 862 -6.32 -7.18 -4.96
C ALA B 862 -7.01 -6.16 -4.06
N GLN B 863 -7.90 -5.34 -4.64
CA GLN B 863 -8.62 -4.30 -3.90
C GLN B 863 -9.36 -4.95 -2.74
N ALA B 864 -10.21 -5.97 -3.05
CA ALA B 864 -11.03 -6.74 -2.11
C ALA B 864 -10.24 -7.16 -0.89
N ILE B 865 -9.01 -7.71 -1.11
CA ILE B 865 -8.07 -8.18 -0.08
C ILE B 865 -7.74 -7.06 0.92
N ASN B 866 -7.25 -5.90 0.42
CA ASN B 866 -6.93 -4.73 1.24
C ASN B 866 -8.13 -4.16 1.95
N ASP B 867 -9.30 -4.26 1.31
CA ASP B 867 -10.57 -3.80 1.87
C ASP B 867 -10.95 -4.69 3.09
N PHE B 868 -10.83 -6.05 2.99
CA PHE B 868 -11.07 -6.95 4.13
C PHE B 868 -9.93 -6.89 5.17
N ASN B 869 -8.78 -6.26 4.80
CA ASN B 869 -7.59 -6.11 5.64
C ASN B 869 -7.67 -4.82 6.52
N TYR B 870 -7.60 -3.62 5.89
CA TYR B 870 -7.66 -2.34 6.58
C TYR B 870 -9.05 -2.00 7.05
N GLY B 871 -9.19 -1.74 8.35
CA GLY B 871 -10.46 -1.36 8.96
C GLY B 871 -11.44 -2.51 9.18
N GLU B 872 -11.86 -3.19 8.06
CA GLU B 872 -12.81 -4.30 8.07
C GLU B 872 -12.36 -5.43 9.03
N GLN B 873 -11.04 -5.81 9.03
CA GLN B 873 -10.41 -6.85 9.89
C GLN B 873 -11.16 -8.20 9.81
N LEU B 874 -11.27 -8.79 8.60
CA LEU B 874 -12.02 -10.05 8.43
C LEU B 874 -11.13 -11.21 8.02
N PRO B 875 -11.41 -12.47 8.43
CA PRO B 875 -10.67 -13.61 7.88
C PRO B 875 -11.05 -13.79 6.40
N LEU B 876 -10.14 -14.30 5.56
CA LEU B 876 -10.45 -14.44 4.13
C LEU B 876 -10.57 -15.90 3.69
N MET B 877 -11.55 -16.15 2.81
CA MET B 877 -11.81 -17.46 2.17
C MET B 877 -11.69 -17.28 0.66
N ILE B 878 -10.70 -17.96 0.05
CA ILE B 878 -10.49 -17.82 -1.38
C ILE B 878 -10.65 -19.17 -2.06
N LEU B 879 -11.78 -19.32 -2.75
CA LEU B 879 -12.07 -20.50 -3.54
C LEU B 879 -11.38 -20.39 -4.90
N ALA B 880 -10.04 -20.54 -4.87
CA ALA B 880 -9.11 -20.46 -5.99
C ALA B 880 -9.51 -21.42 -7.14
N ASN B 881 -9.83 -20.87 -8.34
CA ASN B 881 -10.24 -21.66 -9.53
C ASN B 881 -9.69 -21.07 -10.86
N TRP B 882 -8.79 -20.07 -10.77
CA TRP B 882 -8.19 -19.50 -11.98
C TRP B 882 -7.13 -20.44 -12.55
N ARG B 883 -7.08 -20.55 -13.89
CA ARG B 883 -6.09 -21.39 -14.59
C ARG B 883 -4.88 -20.53 -15.07
N GLY B 884 -4.77 -19.30 -14.56
CA GLY B 884 -3.68 -18.41 -14.90
C GLY B 884 -4.10 -16.99 -15.17
N PHE B 885 -3.26 -16.29 -15.96
CA PHE B 885 -3.45 -14.89 -16.36
C PHE B 885 -3.64 -14.76 -17.89
N SER B 886 -4.26 -13.64 -18.32
CA SER B 886 -4.49 -13.34 -19.73
C SER B 886 -3.18 -12.82 -20.34
N GLY B 887 -2.50 -13.69 -21.08
CA GLY B 887 -1.23 -13.38 -21.73
C GLY B 887 -1.32 -12.76 -23.11
N GLY B 888 -2.57 -12.52 -23.56
CA GLY B 888 -2.95 -11.92 -24.85
C GLY B 888 -2.51 -10.48 -24.98
N GLN B 889 -2.05 -10.11 -26.18
CA GLN B 889 -1.50 -8.80 -26.54
C GLN B 889 -2.26 -7.64 -25.92
N ARG B 890 -3.55 -7.59 -26.16
CA ARG B 890 -4.36 -6.49 -25.66
C ARG B 890 -4.29 -6.42 -24.12
N ASP B 891 -4.52 -7.55 -23.42
CA ASP B 891 -4.50 -7.61 -21.96
C ASP B 891 -3.11 -7.33 -21.37
N MET B 892 -2.05 -7.66 -22.11
CA MET B 892 -0.68 -7.43 -21.68
C MET B 892 -0.38 -5.97 -21.66
N TYR B 893 -0.70 -5.27 -22.78
CA TYR B 893 -0.55 -3.82 -23.00
C TYR B 893 -1.40 -3.09 -21.96
N ASN B 894 -2.51 -3.71 -21.57
CA ASN B 894 -3.44 -3.17 -20.59
C ASN B 894 -2.93 -3.47 -19.13
N GLU B 895 -1.59 -3.61 -18.98
CA GLU B 895 -0.83 -3.75 -17.73
C GLU B 895 -1.29 -4.93 -16.85
N VAL B 896 -1.66 -6.10 -17.44
CA VAL B 896 -2.12 -7.29 -16.67
C VAL B 896 -1.12 -7.60 -15.55
N LEU B 897 0.17 -7.49 -15.87
CA LEU B 897 1.30 -7.74 -14.99
C LEU B 897 1.30 -6.81 -13.78
N LYS B 898 0.95 -5.51 -13.97
CA LYS B 898 0.93 -4.50 -12.90
C LYS B 898 -0.03 -4.89 -11.81
N TYR B 899 -1.25 -5.31 -12.21
CA TYR B 899 -2.35 -5.68 -11.32
C TYR B 899 -2.17 -7.06 -10.71
N GLY B 900 -1.35 -7.87 -11.35
CA GLY B 900 -1.01 -9.18 -10.84
C GLY B 900 -0.18 -9.02 -9.57
N SER B 901 0.78 -8.05 -9.60
CA SER B 901 1.67 -7.67 -8.51
C SER B 901 0.87 -7.18 -7.33
N PHE B 902 -0.14 -6.34 -7.61
CA PHE B 902 -1.04 -5.76 -6.60
C PHE B 902 -1.67 -6.82 -5.71
N ILE B 903 -1.92 -8.05 -6.21
CA ILE B 903 -2.46 -9.14 -5.40
C ILE B 903 -1.39 -9.56 -4.37
N VAL B 904 -0.17 -9.84 -4.85
CA VAL B 904 0.99 -10.23 -4.04
C VAL B 904 1.25 -9.19 -2.94
N ASP B 905 1.33 -7.89 -3.32
CA ASP B 905 1.56 -6.76 -2.41
C ASP B 905 0.53 -6.80 -1.29
N ALA B 906 -0.77 -6.87 -1.66
CA ALA B 906 -1.94 -6.92 -0.78
C ALA B 906 -1.94 -8.11 0.21
N LEU B 907 -1.51 -9.28 -0.24
CA LEU B 907 -1.49 -10.46 0.58
C LEU B 907 -0.45 -10.37 1.69
N THR B 908 0.68 -9.66 1.47
CA THR B 908 1.77 -9.54 2.46
C THR B 908 1.42 -8.55 3.56
N ARG B 909 0.46 -7.67 3.28
CA ARG B 909 0.05 -6.66 4.23
C ARG B 909 -0.92 -7.21 5.27
N PHE B 910 -1.70 -8.24 4.89
CA PHE B 910 -2.73 -8.91 5.71
C PHE B 910 -2.22 -9.42 7.09
N GLU B 911 -3.12 -9.46 8.08
CA GLU B 911 -2.78 -9.87 9.45
C GLU B 911 -3.63 -11.03 9.92
N LYS B 912 -4.96 -10.96 9.67
CA LYS B 912 -5.95 -11.98 10.05
C LYS B 912 -5.80 -13.29 9.17
N PRO B 913 -6.27 -14.48 9.62
CA PRO B 913 -6.11 -15.71 8.80
C PRO B 913 -6.74 -15.67 7.38
N ILE B 914 -6.02 -16.23 6.36
CA ILE B 914 -6.42 -16.35 4.95
C ILE B 914 -6.42 -17.83 4.57
N PHE B 915 -7.50 -18.30 4.00
CA PHE B 915 -7.58 -19.69 3.60
C PHE B 915 -7.81 -19.78 2.11
N ILE B 916 -6.84 -20.38 1.44
CA ILE B 916 -6.87 -20.62 -0.01
C ILE B 916 -7.34 -22.05 -0.18
N TYR B 917 -8.58 -22.23 -0.62
CA TYR B 917 -9.11 -23.58 -0.78
C TYR B 917 -9.49 -23.82 -2.23
N ILE B 918 -8.80 -24.76 -2.91
CA ILE B 918 -9.15 -25.10 -4.29
C ILE B 918 -10.40 -26.01 -4.20
N PRO B 919 -11.55 -25.61 -4.80
CA PRO B 919 -12.76 -26.42 -4.64
C PRO B 919 -12.82 -27.59 -5.63
N PRO B 920 -13.81 -28.50 -5.53
CA PRO B 920 -13.89 -29.59 -6.53
C PRO B 920 -13.97 -29.06 -7.95
N HIS B 921 -13.25 -29.69 -8.89
CA HIS B 921 -13.18 -29.27 -10.31
C HIS B 921 -12.24 -28.06 -10.48
N GLY B 922 -12.00 -27.32 -9.39
CA GLY B 922 -11.14 -26.15 -9.33
C GLY B 922 -9.72 -26.42 -9.77
N GLU B 923 -9.14 -25.45 -10.48
CA GLU B 923 -7.77 -25.52 -10.98
C GLU B 923 -6.93 -24.39 -10.46
N LEU B 924 -5.62 -24.61 -10.31
CA LEU B 924 -4.69 -23.57 -9.92
C LEU B 924 -3.38 -23.85 -10.64
N ARG B 925 -3.37 -23.50 -11.92
CA ARG B 925 -2.23 -23.69 -12.82
C ARG B 925 -1.31 -22.46 -12.75
N GLY B 926 -0.08 -22.66 -13.20
CA GLY B 926 0.99 -21.68 -13.26
C GLY B 926 0.78 -20.32 -12.65
N GLY B 927 0.77 -19.30 -13.53
CA GLY B 927 0.65 -17.87 -13.23
C GLY B 927 -0.25 -17.51 -12.06
N SER B 928 -1.37 -18.25 -11.97
CA SER B 928 -2.37 -18.10 -10.94
C SER B 928 -1.81 -18.47 -9.56
N TRP B 929 -1.38 -19.75 -9.36
CA TRP B 929 -0.84 -20.28 -8.09
C TRP B 929 0.18 -19.35 -7.42
N VAL B 930 1.14 -18.85 -8.19
CA VAL B 930 2.22 -18.01 -7.73
C VAL B 930 1.74 -16.83 -6.90
N VAL B 931 0.72 -16.10 -7.40
CA VAL B 931 0.20 -14.88 -6.75
C VAL B 931 -0.78 -15.18 -5.59
N VAL B 932 -0.94 -16.45 -5.16
CA VAL B 932 -1.87 -16.82 -4.07
C VAL B 932 -1.25 -17.85 -3.06
N ASP B 933 0.01 -18.30 -3.33
CA ASP B 933 0.69 -19.29 -2.50
C ASP B 933 0.86 -18.82 -1.05
N PRO B 934 0.64 -19.73 -0.06
CA PRO B 934 0.81 -19.36 1.36
C PRO B 934 2.17 -18.79 1.77
N THR B 935 3.26 -19.13 1.06
CA THR B 935 4.60 -18.63 1.39
C THR B 935 4.75 -17.11 1.13
N ILE B 936 3.64 -16.46 0.62
CA ILE B 936 3.56 -15.01 0.41
C ILE B 936 3.49 -14.42 1.85
N ASN B 937 2.46 -14.79 2.64
CA ASN B 937 2.35 -14.40 4.06
C ASN B 937 2.13 -15.68 4.89
N PRO B 938 3.22 -16.40 5.24
CA PRO B 938 3.06 -17.68 5.96
C PRO B 938 2.44 -17.54 7.33
N ALA B 939 2.64 -16.38 7.96
CA ALA B 939 2.14 -16.05 9.28
C ALA B 939 0.59 -16.06 9.34
N SER B 940 -0.10 -15.67 8.24
CA SER B 940 -1.56 -15.59 8.20
C SER B 940 -2.22 -16.45 7.11
N MET B 941 -1.47 -16.95 6.12
CA MET B 941 -2.07 -17.80 5.08
C MET B 941 -2.04 -19.29 5.43
N GLU B 942 -3.02 -20.04 4.90
CA GLU B 942 -3.23 -21.46 5.10
C GLU B 942 -3.84 -22.05 3.83
N MET B 943 -3.16 -22.99 3.17
CA MET B 943 -3.72 -23.52 1.93
C MET B 943 -4.23 -24.98 1.98
N TYR B 944 -5.46 -25.14 1.49
CA TYR B 944 -6.15 -26.42 1.41
C TYR B 944 -6.56 -26.69 -0.03
N ALA B 945 -6.68 -27.97 -0.38
CA ALA B 945 -7.11 -28.36 -1.72
C ALA B 945 -8.13 -29.49 -1.66
N ASP B 946 -9.11 -29.48 -2.57
CA ASP B 946 -10.15 -30.50 -2.59
C ASP B 946 -9.60 -31.81 -3.07
N GLU B 947 -10.20 -32.92 -2.61
CA GLU B 947 -9.82 -34.28 -3.01
C GLU B 947 -9.85 -34.43 -4.55
N GLU B 948 -10.88 -33.86 -5.21
CA GLU B 948 -11.03 -33.96 -6.66
C GLU B 948 -10.69 -32.66 -7.39
N ALA B 949 -9.76 -31.90 -6.83
CA ALA B 949 -9.25 -30.69 -7.44
C ALA B 949 -7.94 -31.01 -8.16
N ARG B 950 -7.46 -30.10 -9.04
CA ARG B 950 -6.20 -30.26 -9.77
C ARG B 950 -5.36 -29.00 -9.65
N GLY B 951 -4.06 -29.17 -9.64
CA GLY B 951 -3.11 -28.07 -9.54
C GLY B 951 -1.72 -28.46 -10.01
N GLY B 952 -1.28 -27.85 -11.09
CA GLY B 952 0.03 -28.11 -11.67
C GLY B 952 0.65 -26.84 -12.24
N VAL B 953 1.83 -26.96 -12.86
CA VAL B 953 2.50 -25.84 -13.50
C VAL B 953 1.78 -25.55 -14.82
N LEU B 954 1.38 -26.60 -15.51
CA LEU B 954 0.65 -26.51 -16.75
C LEU B 954 -0.46 -27.56 -16.77
N GLU B 955 -1.47 -27.33 -17.62
CA GLU B 955 -2.60 -28.22 -17.84
C GLU B 955 -2.11 -29.57 -18.37
N PRO B 956 -2.73 -30.72 -18.04
CA PRO B 956 -2.22 -32.00 -18.58
C PRO B 956 -2.23 -32.06 -20.12
N GLU B 957 -3.05 -31.21 -20.78
CA GLU B 957 -3.11 -31.13 -22.24
C GLU B 957 -1.93 -30.31 -22.78
N GLY B 958 -1.34 -29.50 -21.91
CA GLY B 958 -0.20 -28.64 -22.24
C GLY B 958 1.17 -29.25 -22.00
N ILE B 959 1.32 -30.14 -21.00
CA ILE B 959 2.63 -30.75 -20.69
C ILE B 959 2.98 -31.83 -21.70
N ILE B 960 1.97 -32.61 -22.13
CA ILE B 960 2.13 -33.72 -23.07
C ILE B 960 2.97 -33.32 -24.34
N PRO B 961 2.82 -32.17 -25.05
CA PRO B 961 3.69 -31.90 -26.21
C PRO B 961 5.11 -31.41 -25.83
N ILE B 962 5.46 -31.45 -24.52
CA ILE B 962 6.77 -31.01 -24.03
C ILE B 962 7.56 -32.17 -23.39
N LYS B 963 6.94 -32.96 -22.51
CA LYS B 963 7.62 -34.06 -21.83
C LYS B 963 7.30 -35.43 -22.42
N TYR B 964 6.12 -35.61 -23.04
CA TYR B 964 5.70 -36.88 -23.64
C TYR B 964 5.35 -36.72 -25.13
N LYS B 965 6.35 -36.31 -25.93
CA LYS B 965 6.26 -36.11 -27.38
C LYS B 965 5.92 -37.41 -28.15
N LYS B 966 5.63 -37.29 -29.48
CA LYS B 966 5.26 -38.39 -30.39
C LYS B 966 6.18 -39.62 -30.27
N ASP B 967 7.50 -39.40 -30.31
CA ASP B 967 8.53 -40.43 -30.20
C ASP B 967 8.53 -41.15 -28.83
N LYS B 968 8.21 -40.43 -27.74
CA LYS B 968 8.17 -40.98 -26.38
C LYS B 968 6.91 -41.85 -26.19
N GLN B 969 5.86 -41.58 -26.97
CA GLN B 969 4.59 -42.31 -26.95
C GLN B 969 4.70 -43.61 -27.76
N LEU B 970 5.48 -43.60 -28.84
CA LEU B 970 5.70 -44.77 -29.69
C LEU B 970 6.64 -45.77 -29.04
N GLU B 971 7.52 -45.30 -28.13
CA GLU B 971 8.44 -46.14 -27.36
C GLU B 971 7.63 -46.95 -26.36
N THR B 972 6.54 -46.33 -25.88
CA THR B 972 5.61 -46.91 -24.94
C THR B 972 4.57 -47.72 -25.72
N MET B 973 4.42 -47.44 -27.05
CA MET B 973 3.51 -48.18 -27.93
C MET B 973 4.12 -49.54 -28.26
N ALA B 974 5.42 -49.53 -28.61
CA ALA B 974 6.19 -50.75 -28.90
C ALA B 974 6.51 -51.46 -27.56
N ARG B 975 5.66 -51.24 -26.55
CA ARG B 975 5.81 -51.78 -25.21
C ARG B 975 4.48 -52.37 -24.75
N LEU B 976 3.38 -51.57 -24.80
CA LEU B 976 2.07 -52.04 -24.37
C LEU B 976 1.28 -52.72 -25.48
N ASP B 977 1.36 -52.21 -26.72
CA ASP B 977 0.63 -52.81 -27.84
C ASP B 977 1.37 -54.07 -28.30
N PRO B 978 0.66 -55.22 -28.45
CA PRO B 978 1.33 -56.45 -28.88
C PRO B 978 1.61 -56.49 -30.37
N VAL B 979 0.73 -55.88 -31.20
CA VAL B 979 0.81 -55.86 -32.66
C VAL B 979 2.03 -55.07 -33.13
N TYR B 980 2.25 -53.87 -32.56
CA TYR B 980 3.34 -52.95 -32.92
C TYR B 980 4.73 -53.52 -32.57
N ARG B 981 4.90 -54.16 -31.38
CA ARG B 981 6.20 -54.72 -31.00
C ARG B 981 6.52 -56.04 -31.76
N SER B 982 5.48 -56.74 -32.25
CA SER B 982 5.64 -57.97 -33.02
C SER B 982 6.11 -57.63 -34.44
N LEU B 983 5.57 -56.55 -35.01
CA LEU B 983 5.94 -56.04 -36.33
C LEU B 983 7.37 -55.49 -36.30
N LYS B 984 7.85 -55.04 -35.12
CA LYS B 984 9.19 -54.51 -34.83
C LYS B 984 10.21 -55.64 -34.88
N LYS B 985 9.79 -56.86 -34.53
CA LYS B 985 10.66 -58.04 -34.55
C LYS B 985 10.96 -58.47 -36.00
N GLU B 986 10.13 -58.05 -36.97
CA GLU B 986 10.25 -58.38 -38.40
C GLU B 986 11.36 -57.57 -39.06
N MET B 987 11.39 -56.26 -38.76
CA MET B 987 12.37 -55.33 -39.31
C MET B 987 13.79 -55.61 -38.74
N ALA B 988 13.86 -56.03 -37.46
CA ALA B 988 15.10 -56.32 -36.72
C ALA B 988 15.84 -57.57 -37.22
N LYS B 989 15.09 -58.57 -37.71
CA LYS B 989 15.64 -59.85 -38.17
C LYS B 989 16.29 -59.78 -39.58
N GLU B 990 16.04 -58.69 -40.35
CA GLU B 990 16.57 -58.47 -41.72
C GLU B 990 16.09 -59.60 -42.65
N GLY B 991 16.90 -59.97 -43.64
CA GLY B 991 16.61 -61.03 -44.59
C GLY B 991 15.37 -60.82 -45.43
N LEU B 992 15.01 -59.55 -45.68
CA LEU B 992 13.84 -59.20 -46.48
C LEU B 992 14.22 -58.06 -47.42
N SER B 993 13.95 -58.26 -48.72
CA SER B 993 14.26 -57.35 -49.84
C SER B 993 13.58 -55.98 -49.75
N LYS B 994 13.81 -55.14 -50.79
CA LYS B 994 13.27 -53.78 -50.94
C LYS B 994 11.74 -53.79 -51.03
N GLU B 995 11.15 -54.82 -51.67
CA GLU B 995 9.70 -54.92 -51.81
C GLU B 995 9.08 -55.60 -50.60
N GLU B 996 9.92 -56.29 -49.80
CA GLU B 996 9.56 -57.00 -48.57
C GLU B 996 9.58 -56.09 -47.33
N SER B 997 10.57 -55.18 -47.24
CA SER B 997 10.71 -54.24 -46.14
C SER B 997 9.63 -53.17 -46.19
N ASP B 998 9.07 -52.89 -47.39
CA ASP B 998 8.00 -51.92 -47.64
C ASP B 998 6.71 -52.37 -46.98
N ASN B 999 6.48 -53.70 -46.89
CA ASN B 999 5.32 -54.32 -46.28
C ASN B 999 5.21 -53.97 -44.79
N ILE B 1000 6.28 -54.26 -43.99
CA ILE B 1000 6.37 -53.99 -42.54
C ILE B 1000 6.14 -52.50 -42.26
N LYS B 1001 6.66 -51.62 -43.13
CA LYS B 1001 6.52 -50.18 -43.04
C LYS B 1001 5.06 -49.76 -43.23
N LYS B 1002 4.38 -50.30 -44.26
CA LYS B 1002 2.98 -49.98 -44.58
C LYS B 1002 2.00 -50.69 -43.65
N LYS B 1003 2.50 -51.62 -42.81
CA LYS B 1003 1.69 -52.35 -41.85
C LYS B 1003 1.68 -51.61 -40.50
N MET B 1004 2.85 -51.10 -40.07
CA MET B 1004 3.01 -50.37 -38.81
C MET B 1004 2.47 -48.97 -38.90
N GLN B 1005 2.80 -48.26 -39.99
CA GLN B 1005 2.37 -46.88 -40.24
C GLN B 1005 0.89 -46.81 -40.69
N GLN B 1006 0.08 -47.75 -40.18
CA GLN B 1006 -1.37 -47.86 -40.34
C GLN B 1006 -1.92 -48.16 -38.98
N ARG B 1007 -1.22 -49.06 -38.27
CA ARG B 1007 -1.51 -49.49 -36.91
C ARG B 1007 -1.26 -48.34 -35.94
N GLU B 1008 -0.11 -47.65 -36.07
CA GLU B 1008 0.26 -46.51 -35.22
C GLU B 1008 -0.64 -45.28 -35.47
N GLU B 1009 -1.24 -45.20 -36.68
CA GLU B 1009 -2.12 -44.10 -37.09
C GLU B 1009 -3.46 -44.17 -36.40
N LEU B 1010 -3.92 -45.39 -36.09
CA LEU B 1010 -5.22 -45.62 -35.47
C LEU B 1010 -5.12 -45.70 -33.94
N LEU B 1011 -3.96 -46.09 -33.40
CA LEU B 1011 -3.71 -46.18 -31.97
C LEU B 1011 -3.40 -44.81 -31.37
N LEU B 1012 -2.79 -43.93 -32.19
CA LEU B 1012 -2.38 -42.57 -31.87
C LEU B 1012 -3.43 -41.76 -31.06
N PRO B 1013 -4.75 -41.71 -31.42
CA PRO B 1013 -5.70 -40.91 -30.62
C PRO B 1013 -5.91 -41.40 -29.19
N ILE B 1014 -5.99 -42.73 -28.98
CA ILE B 1014 -6.21 -43.29 -27.65
C ILE B 1014 -4.88 -43.27 -26.86
N TYR B 1015 -3.74 -43.41 -27.57
CA TYR B 1015 -2.42 -43.39 -26.94
C TYR B 1015 -2.12 -41.99 -26.42
N HIS B 1016 -2.64 -40.98 -27.11
CA HIS B 1016 -2.52 -39.58 -26.74
C HIS B 1016 -3.21 -39.37 -25.40
N GLN B 1017 -4.47 -39.81 -25.34
CA GLN B 1017 -5.32 -39.68 -24.17
C GLN B 1017 -4.74 -40.41 -22.95
N ILE B 1018 -3.94 -41.47 -23.19
CA ILE B 1018 -3.29 -42.25 -22.12
C ILE B 1018 -2.30 -41.33 -21.41
N CYS B 1019 -1.44 -40.66 -22.19
CA CYS B 1019 -0.47 -39.75 -21.64
C CYS B 1019 -1.14 -38.59 -20.93
N VAL B 1020 -2.30 -38.16 -21.45
CA VAL B 1020 -3.06 -37.08 -20.86
C VAL B 1020 -3.48 -37.49 -19.43
N GLN B 1021 -4.06 -38.69 -19.28
CA GLN B 1021 -4.49 -39.23 -18.00
C GLN B 1021 -3.26 -39.44 -17.10
N PHE B 1022 -2.15 -39.91 -17.70
CA PHE B 1022 -0.89 -40.13 -17.01
C PHE B 1022 -0.39 -38.84 -16.41
N ALA B 1023 -0.45 -37.76 -17.19
CA ALA B 1023 -0.05 -36.42 -16.79
C ALA B 1023 -0.98 -35.86 -15.75
N ASP B 1024 -2.27 -36.23 -15.81
CA ASP B 1024 -3.28 -35.76 -14.85
C ASP B 1024 -3.04 -36.36 -13.46
N LEU B 1025 -2.50 -37.61 -13.39
CA LEU B 1025 -2.19 -38.27 -12.13
C LEU B 1025 -1.11 -37.51 -11.34
N HIS B 1026 -0.28 -36.71 -12.04
CA HIS B 1026 0.73 -35.82 -11.42
C HIS B 1026 0.04 -34.61 -10.77
N ASP B 1027 -0.90 -33.99 -11.51
CA ASP B 1027 -1.67 -32.80 -11.13
C ASP B 1027 -2.68 -33.08 -9.97
N ARG B 1028 -2.87 -34.35 -9.58
CA ARG B 1028 -3.80 -34.77 -8.53
C ARG B 1028 -3.45 -34.17 -7.18
N ALA B 1029 -4.47 -34.08 -6.34
CA ALA B 1029 -4.40 -33.53 -5.00
C ALA B 1029 -3.38 -34.22 -4.12
N GLY B 1030 -3.37 -35.55 -4.11
CA GLY B 1030 -2.47 -36.35 -3.29
C GLY B 1030 -1.00 -35.94 -3.36
N ARG B 1031 -0.52 -35.63 -4.59
CA ARG B 1031 0.83 -35.20 -4.90
C ARG B 1031 1.14 -33.92 -4.14
N MET B 1032 0.15 -33.02 -4.08
CA MET B 1032 0.25 -31.74 -3.40
C MET B 1032 0.55 -31.92 -1.92
N LYS B 1033 -0.18 -32.83 -1.22
CA LYS B 1033 0.03 -33.12 0.21
C LYS B 1033 1.38 -33.79 0.42
N ALA B 1034 1.77 -34.66 -0.51
CA ALA B 1034 3.04 -35.39 -0.47
C ALA B 1034 4.23 -34.42 -0.52
N LYS B 1035 4.16 -33.44 -1.42
CA LYS B 1035 5.25 -32.49 -1.50
C LYS B 1035 5.07 -31.37 -0.46
N GLY B 1036 3.97 -31.40 0.30
CA GLY B 1036 3.66 -30.46 1.37
C GLY B 1036 3.33 -29.02 0.99
N VAL B 1037 2.73 -28.82 -0.20
CA VAL B 1037 2.34 -27.50 -0.69
C VAL B 1037 0.97 -27.11 -0.10
N ILE B 1038 0.24 -28.11 0.49
CA ILE B 1038 -1.05 -27.93 1.15
C ILE B 1038 -1.05 -28.65 2.50
N ARG B 1039 -1.93 -28.23 3.42
CA ARG B 1039 -2.01 -28.80 4.77
C ARG B 1039 -2.73 -30.13 4.73
N GLN B 1040 -3.98 -30.11 4.23
CA GLN B 1040 -4.82 -31.30 4.11
C GLN B 1040 -5.62 -31.30 2.82
N SER B 1041 -6.04 -32.50 2.42
CA SER B 1041 -6.92 -32.72 1.29
C SER B 1041 -8.29 -32.56 1.86
N LEU B 1042 -9.20 -31.94 1.16
CA LEU B 1042 -10.49 -31.73 1.78
C LEU B 1042 -11.65 -32.26 1.00
N GLN B 1043 -12.61 -32.84 1.72
CA GLN B 1043 -13.84 -33.36 1.16
C GLN B 1043 -14.84 -32.23 1.19
N TRP B 1044 -15.25 -31.77 0.01
CA TRP B 1044 -16.16 -30.65 -0.17
C TRP B 1044 -17.41 -30.76 0.71
N ARG B 1045 -17.92 -31.98 0.91
CA ARG B 1045 -19.08 -32.27 1.75
C ARG B 1045 -18.91 -31.74 3.18
N GLN B 1046 -17.75 -31.97 3.78
CA GLN B 1046 -17.53 -31.55 5.17
C GLN B 1046 -16.53 -30.39 5.26
N SER B 1047 -16.56 -29.46 4.26
CA SER B 1047 -15.72 -28.25 4.22
C SER B 1047 -16.15 -27.29 5.32
N ARG B 1048 -17.47 -27.08 5.42
CA ARG B 1048 -18.14 -26.24 6.39
C ARG B 1048 -17.72 -26.64 7.80
N ARG B 1049 -17.91 -27.93 8.11
CA ARG B 1049 -17.58 -28.53 9.40
C ARG B 1049 -16.11 -28.33 9.76
N PHE B 1050 -15.21 -28.44 8.79
CA PHE B 1050 -13.77 -28.28 9.02
C PHE B 1050 -13.39 -26.84 9.27
N PHE B 1051 -13.80 -25.93 8.36
CA PHE B 1051 -13.44 -24.52 8.45
C PHE B 1051 -14.06 -23.85 9.65
N TYR B 1052 -15.26 -24.31 10.11
CA TYR B 1052 -15.88 -23.68 11.29
C TYR B 1052 -14.92 -23.67 12.48
N TRP B 1053 -14.32 -24.83 12.77
CA TRP B 1053 -13.40 -24.97 13.89
C TRP B 1053 -11.99 -24.51 13.50
N ARG B 1054 -11.58 -24.57 12.21
CA ARG B 1054 -10.24 -24.06 11.87
C ARG B 1054 -10.21 -22.52 11.84
N VAL B 1055 -11.32 -21.85 11.47
CA VAL B 1055 -11.39 -20.39 11.47
C VAL B 1055 -11.39 -19.92 12.94
N ARG B 1056 -12.26 -20.51 13.75
CA ARG B 1056 -12.38 -20.21 15.16
C ARG B 1056 -11.06 -20.45 15.90
N ARG B 1057 -10.37 -21.60 15.65
CA ARG B 1057 -9.08 -21.98 16.28
C ARG B 1057 -8.02 -20.96 15.97
N ARG B 1058 -7.94 -20.57 14.69
CA ARG B 1058 -6.95 -19.62 14.24
C ARG B 1058 -7.22 -18.25 14.83
N LEU B 1059 -8.50 -17.84 14.93
CA LEU B 1059 -8.86 -16.52 15.44
C LEU B 1059 -8.53 -16.37 16.94
N ILE B 1060 -8.79 -17.42 17.75
CA ILE B 1060 -8.50 -17.39 19.19
C ILE B 1060 -6.99 -17.48 19.41
N GLU B 1061 -6.33 -18.41 18.70
CA GLU B 1061 -4.89 -18.64 18.78
C GLU B 1061 -4.11 -17.38 18.36
N ASP B 1062 -4.40 -16.84 17.14
CA ASP B 1062 -3.76 -15.62 16.63
C ASP B 1062 -3.72 -14.57 17.75
N ASP B 1063 -4.87 -14.30 18.39
CA ASP B 1063 -4.96 -13.33 19.49
C ASP B 1063 -4.12 -13.73 20.72
N ILE B 1064 -4.14 -15.01 21.13
CA ILE B 1064 -3.36 -15.44 22.28
C ILE B 1064 -1.86 -15.19 22.01
N LEU B 1065 -1.42 -15.45 20.77
CA LEU B 1065 -0.05 -15.25 20.32
C LEU B 1065 0.30 -13.77 20.25
N ARG B 1066 -0.68 -12.94 19.79
CA ARG B 1066 -0.56 -11.47 19.73
C ARG B 1066 -0.34 -10.93 21.15
N ARG B 1067 -1.04 -11.53 22.13
CA ARG B 1067 -1.01 -11.20 23.54
C ARG B 1067 0.26 -11.70 24.21
N ILE B 1068 0.81 -12.86 23.76
CA ILE B 1068 2.05 -13.44 24.28
C ILE B 1068 3.19 -12.49 23.90
N GLU B 1069 3.21 -12.05 22.62
CA GLU B 1069 4.20 -11.14 22.08
C GLU B 1069 4.10 -9.77 22.77
N GLU B 1070 2.86 -9.28 23.01
CA GLU B 1070 2.63 -7.99 23.67
C GLU B 1070 3.12 -8.02 25.12
N ALA B 1071 3.20 -9.22 25.73
CA ALA B 1071 3.69 -9.41 27.10
C ALA B 1071 5.21 -9.52 27.11
N ILE B 1072 5.79 -10.35 26.23
CA ILE B 1072 7.23 -10.59 26.14
C ILE B 1072 7.94 -9.34 25.60
N ASN B 1073 7.59 -8.92 24.37
CA ASN B 1073 8.25 -7.81 23.71
C ASN B 1073 7.34 -6.56 23.56
N PRO B 1074 7.42 -5.57 24.48
CA PRO B 1074 6.60 -4.34 24.32
C PRO B 1074 7.18 -3.37 23.23
N ALA B 1075 7.97 -3.91 22.24
CA ALA B 1075 8.66 -3.24 21.13
C ALA B 1075 7.77 -3.10 19.92
N ASN B 1084 8.21 -18.31 7.52
CA ASN B 1084 8.60 -17.15 6.72
C ASN B 1084 9.82 -17.49 5.87
N THR B 1085 10.91 -17.82 6.60
CA THR B 1085 12.31 -18.08 6.27
C THR B 1085 12.53 -19.25 5.25
N SER B 1086 11.54 -20.12 5.01
CA SER B 1086 11.75 -21.22 4.04
C SER B 1086 10.45 -21.64 3.35
N LEU B 1087 10.55 -22.62 2.42
CA LEU B 1087 9.43 -23.27 1.74
C LEU B 1087 8.68 -24.12 2.76
N ALA B 1088 9.41 -24.50 3.82
CA ALA B 1088 8.98 -25.35 4.95
C ALA B 1088 7.92 -24.69 5.83
N ALA B 1089 7.98 -23.34 5.98
CA ALA B 1089 7.07 -22.54 6.78
C ALA B 1089 5.62 -22.91 6.53
N SER B 1090 5.07 -23.58 7.51
CA SER B 1090 3.70 -24.04 7.47
C SER B 1090 2.99 -23.52 8.69
N PRO B 1091 1.69 -23.15 8.56
CA PRO B 1091 0.93 -22.59 9.69
C PRO B 1091 1.08 -23.27 11.04
N GLU B 1092 1.44 -24.57 11.06
CA GLU B 1092 1.65 -25.31 12.31
C GLU B 1092 2.89 -24.79 13.09
N THR B 1093 3.68 -23.90 12.42
CA THR B 1093 4.89 -23.23 12.93
C THR B 1093 4.89 -21.72 12.62
N ARG B 1094 3.73 -21.15 12.18
CA ARG B 1094 3.55 -19.72 11.81
C ARG B 1094 4.12 -18.70 12.83
N SER B 1095 4.32 -19.14 14.09
CA SER B 1095 4.87 -18.35 15.18
C SER B 1095 5.87 -19.17 16.01
N PRO B 1096 6.92 -18.51 16.54
CA PRO B 1096 7.89 -19.25 17.38
C PRO B 1096 7.36 -19.55 18.78
N HIS B 1097 6.24 -18.92 19.16
CA HIS B 1097 5.60 -19.09 20.46
C HIS B 1097 4.66 -20.29 20.46
N LEU B 1098 4.21 -20.77 19.26
CA LEU B 1098 3.32 -21.93 19.11
C LEU B 1098 3.91 -23.20 19.72
N VAL B 1099 5.14 -23.11 20.23
CA VAL B 1099 5.87 -24.18 20.90
C VAL B 1099 5.64 -24.06 22.42
N GLN B 1100 5.66 -22.84 22.94
CA GLN B 1100 5.40 -22.55 24.35
C GLN B 1100 3.93 -22.79 24.67
N LEU B 1101 3.00 -22.22 23.86
CA LEU B 1101 1.54 -22.34 24.00
C LEU B 1101 1.13 -23.81 23.92
N GLU B 1102 1.81 -24.58 23.06
CA GLU B 1102 1.61 -26.02 22.87
C GLU B 1102 1.73 -26.74 24.21
N SER B 1103 2.83 -26.46 24.97
CA SER B 1103 3.13 -27.08 26.26
C SER B 1103 2.25 -26.57 27.42
N TRP B 1104 1.70 -25.34 27.32
CA TRP B 1104 0.78 -24.81 28.33
C TRP B 1104 -0.58 -25.50 28.21
N VAL B 1105 -1.01 -25.78 26.96
CA VAL B 1105 -2.27 -26.44 26.60
C VAL B 1105 -2.21 -27.90 27.10
N GLY B 1106 -1.30 -28.70 26.53
CA GLY B 1106 -1.10 -30.09 26.90
C GLY B 1106 -1.83 -31.13 26.09
N ILE B 1107 -2.65 -30.70 25.11
CA ILE B 1107 -3.43 -31.59 24.24
C ILE B 1107 -2.50 -32.27 23.21
N PRO B 1108 -2.56 -33.62 23.06
CA PRO B 1108 -1.68 -34.30 22.09
C PRO B 1108 -1.88 -33.82 20.64
N GLY B 1109 -3.10 -33.91 20.10
CA GLY B 1109 -3.38 -33.48 18.72
C GLY B 1109 -3.54 -31.99 18.57
N PHE B 1110 -2.56 -31.20 19.10
CA PHE B 1110 -2.55 -29.74 19.13
C PHE B 1110 -2.56 -29.09 17.76
N LYS B 1111 -1.67 -29.54 16.85
CA LYS B 1111 -1.56 -28.98 15.48
C LYS B 1111 -2.82 -29.29 14.67
N THR B 1112 -3.44 -30.41 15.00
CA THR B 1112 -4.67 -30.89 14.40
C THR B 1112 -5.84 -30.59 15.38
N ASN B 1113 -6.78 -31.57 15.65
CA ASN B 1113 -7.97 -31.55 16.52
C ASN B 1113 -8.43 -30.10 16.92
N ASP B 1114 -8.76 -29.26 15.91
CA ASP B 1114 -9.16 -27.85 16.03
C ASP B 1114 -10.30 -27.61 17.02
N ARG B 1115 -11.33 -28.48 17.01
CA ARG B 1115 -12.47 -28.39 17.91
C ARG B 1115 -12.02 -28.53 19.37
N GLU B 1116 -11.16 -29.53 19.66
CA GLU B 1116 -10.63 -29.84 21.00
C GLU B 1116 -9.83 -28.65 21.55
N VAL B 1117 -9.10 -27.95 20.68
CA VAL B 1117 -8.25 -26.82 21.01
C VAL B 1117 -9.12 -25.62 21.42
N VAL B 1118 -10.05 -25.18 20.53
CA VAL B 1118 -10.97 -24.04 20.75
C VAL B 1118 -11.63 -24.14 22.14
N GLU B 1119 -12.29 -25.29 22.38
CA GLU B 1119 -13.02 -25.60 23.60
C GLU B 1119 -12.10 -25.61 24.83
N TRP B 1120 -10.78 -25.82 24.64
CA TRP B 1120 -9.84 -25.76 25.75
C TRP B 1120 -9.61 -24.33 26.19
N TYR B 1121 -9.39 -23.43 25.24
CA TYR B 1121 -9.16 -22.02 25.51
C TYR B 1121 -10.34 -21.41 26.25
N GLU B 1122 -11.56 -21.74 25.80
CA GLU B 1122 -12.83 -21.30 26.36
C GLU B 1122 -12.94 -21.68 27.82
N GLN B 1123 -12.56 -22.91 28.14
CA GLN B 1123 -12.60 -23.44 29.50
C GLN B 1123 -11.47 -22.84 30.33
N ASN B 1124 -10.24 -22.79 29.80
CA ASN B 1124 -9.10 -22.26 30.55
C ASN B 1124 -8.75 -20.83 30.18
N GLN B 1125 -9.75 -19.94 30.18
CA GLN B 1125 -9.54 -18.52 29.87
C GLN B 1125 -8.76 -17.82 30.99
N ASP B 1126 -9.04 -18.20 32.26
CA ASP B 1126 -8.38 -17.64 33.43
C ASP B 1126 -6.96 -18.17 33.58
N ARG B 1127 -6.71 -19.43 33.18
CA ARG B 1127 -5.40 -20.06 33.25
C ARG B 1127 -4.40 -19.41 32.29
N ILE B 1128 -4.89 -18.90 31.13
CA ILE B 1128 -4.07 -18.20 30.13
C ILE B 1128 -3.63 -16.88 30.74
N ASN B 1129 -4.63 -16.10 31.21
CA ASN B 1129 -4.49 -14.78 31.82
C ASN B 1129 -3.64 -14.82 33.10
N GLU B 1130 -3.53 -16.01 33.71
CA GLU B 1130 -2.72 -16.25 34.90
C GLU B 1130 -1.25 -16.33 34.51
N LYS B 1131 -0.94 -17.17 33.49
CA LYS B 1131 0.41 -17.42 32.98
C LYS B 1131 0.97 -16.23 32.22
N LEU B 1132 0.10 -15.47 31.54
CA LEU B 1132 0.49 -14.26 30.79
C LEU B 1132 1.03 -13.19 31.74
N GLU B 1133 0.36 -13.04 32.90
CA GLU B 1133 0.69 -12.07 33.94
C GLU B 1133 2.01 -12.44 34.58
N LYS B 1134 2.25 -13.76 34.81
CA LYS B 1134 3.48 -14.28 35.38
C LYS B 1134 4.67 -14.01 34.44
N LEU B 1135 4.39 -13.96 33.14
CA LEU B 1135 5.35 -13.71 32.06
C LEU B 1135 5.56 -12.21 31.86
N LYS B 1136 4.51 -11.41 32.12
CA LYS B 1136 4.51 -9.96 32.00
C LYS B 1136 5.50 -9.33 33.00
N LYS B 1137 5.47 -9.80 34.27
CA LYS B 1137 6.35 -9.34 35.36
C LYS B 1137 7.79 -9.78 35.09
N GLU B 1138 7.91 -10.97 34.49
CA GLU B 1138 9.15 -11.63 34.11
C GLU B 1138 9.90 -10.83 33.05
N SER B 1139 9.19 -10.41 31.97
CA SER B 1139 9.72 -9.66 30.83
C SER B 1139 10.13 -8.23 31.20
N ILE B 1140 9.51 -7.65 32.24
CA ILE B 1140 9.80 -6.29 32.69
C ILE B 1140 11.15 -6.31 33.48
N ALA B 1141 11.42 -7.39 34.23
CA ALA B 1141 12.66 -7.56 34.99
C ALA B 1141 13.88 -7.64 34.05
N ASP B 1142 13.70 -8.30 32.90
CA ASP B 1142 14.73 -8.49 31.87
C ASP B 1142 14.89 -7.23 31.02
N GLN B 1143 13.78 -6.49 30.78
CA GLN B 1143 13.72 -5.26 29.99
C GLN B 1143 14.76 -4.22 30.45
N MET B 1144 14.96 -4.15 31.77
CA MET B 1144 15.91 -3.27 32.44
C MET B 1144 17.36 -3.62 32.10
N ARG B 1145 17.64 -4.92 31.89
CA ARG B 1145 18.97 -5.41 31.57
C ARG B 1145 19.39 -5.02 30.15
N GLU B 1146 18.44 -5.05 29.20
CA GLU B 1146 18.69 -4.69 27.79
C GLU B 1146 18.92 -3.17 27.65
N LEU B 1147 18.11 -2.36 28.36
CA LEU B 1147 18.18 -0.90 28.33
C LEU B 1147 19.48 -0.35 28.94
N LEU B 1148 20.16 -1.13 29.81
CA LEU B 1148 21.43 -0.72 30.42
C LEU B 1148 22.63 -1.29 29.64
N ARG B 1149 22.41 -2.39 28.87
CA ARG B 1149 23.43 -3.05 28.04
C ARG B 1149 23.56 -2.34 26.69
N UNK B 1150 31.65 1.92 34.10
CA UNK B 1150 31.53 3.36 34.33
C UNK B 1150 30.08 3.85 34.13
N UNK B 1151 29.43 3.45 32.99
CA UNK B 1151 28.04 3.77 32.60
C UNK B 1151 27.05 3.25 33.68
N UNK B 1152 27.27 1.97 34.11
CA UNK B 1152 26.53 1.27 35.14
C UNK B 1152 26.65 2.04 36.49
N UNK B 1153 27.89 2.50 36.85
CA UNK B 1153 28.16 3.28 38.06
C UNK B 1153 27.36 4.58 38.04
N UNK B 1154 27.37 5.26 36.88
CA UNK B 1154 26.62 6.49 36.63
C UNK B 1154 25.13 6.26 36.90
N UNK B 1155 24.57 5.20 36.26
CA UNK B 1155 23.17 4.75 36.41
C UNK B 1155 22.81 4.53 37.89
N UNK B 1156 23.73 3.89 38.66
CA UNK B 1156 23.58 3.63 40.11
C UNK B 1156 23.46 4.94 40.86
N UNK B 1157 24.33 5.91 40.53
CA UNK B 1157 24.34 7.24 41.13
C UNK B 1157 23.02 7.96 40.84
N UNK B 1158 22.53 7.87 39.58
CA UNK B 1158 21.27 8.47 39.10
C UNK B 1158 20.06 7.86 39.84
N UNK B 1159 20.14 6.55 40.14
CA UNK B 1159 19.13 5.80 40.89
C UNK B 1159 19.10 6.29 42.34
N UNK B 1160 20.31 6.50 42.93
CA UNK B 1160 20.48 7.01 44.29
C UNK B 1160 19.86 8.40 44.41
N UNK B 1161 19.99 9.22 43.35
CA UNK B 1161 19.46 10.59 43.24
C UNK B 1161 17.94 10.60 42.93
#